data_8ADG
#
_entry.id   8ADG
#
loop_
_entity.id
_entity.type
_entity.pdbx_description
1 polymer 'Outer membrane protein assembly factor BamA'
2 polymer 'Outer membrane protein assembly factor BamB'
3 polymer 'Outer membrane protein assembly factor BamC'
4 polymer 'Outer membrane protein assembly factor BamD'
5 polymer 'Outer membrane protein assembly factor BamE'
6 polymer 'Darobactin 22'
#
loop_
_entity_poly.entity_id
_entity_poly.type
_entity_poly.pdbx_seq_one_letter_code
_entity_poly.pdbx_strand_id
1 'polypeptide(L)'
;MGSMAMKKLLIASLLFSSATVYGAEGFVVKDIHFEGLQRVAVGAALLSMPVRTGDTVNDEDISNTIRALFATGNFEDVRV
LRDGDTLLVQVKERPTIASITFSGNKSVKDDMLKQNLEASGVRVGESLDRTTIADIEKGLEDFYYSVGKYSASVKAVVTP
LPRNRVDLKLVFQEGVSAEIQQINIVGNHAFTTDELISHFQLRDEVPWWNVVGDRKYQKQKLAGDLETLRSYYLDRGYAR
FNIDSTQVSLTPDKKGIYVTVNITEGDQYKLSGVEVSGNLAGHSAEIEQLTKIEPGELYNGTKVTKMEDDIKKLLGRYGY
AYPRVQSMPEINDADKTVKLRVNVDAGNRFYVRKIRFEGNDTSKDAVLRREMRQMEGAWLGSDLVDQGKERLNRLGFFET
VDTDTQRVPGSPDQVDVVYKVKERNTGSFNFGIGYGTESGVSFQAGVQQDNWLGTGYAVGINGTKNDYQTYAELSVTNPY
FTVDGVSLGGRLFYNDFQADDADLSDYTNKSYGTDVTLGFPINEYNSLRAGLGYVHNSLSNMQPQVAMWRYLYSMGEHPS
TSDQDNSFKTDDFTFNYGWTYNKLDRGYFPTDGSRVNLTGKVTIPGSDNEYYKVTLDTATYVPIDDDHKWVVLGRTRWGY
GDGLGGKEMPFYENFYAGGSSTVRGFQSNTIGPKAVYFPHQASNYDPDYDYECATQDGAKDLCKSDDAVGGNAMAVASLE
FITPTPFISDKYANSVRTSFFWDMGTVWDTNWDSSQYSGYPDYSDPSNIRMSAGIALQWMSPLGPLVFSYAQPFKKYDGD
KAEQFQFNIGKTW
;
A
2 'polypeptide(L)'
;MGSMQLRKLLLPGLLSVTLLSGCSLFNSEEDVVKMSPLPTVENQFTPTTAWSTSVGSGIGNFYSNLHPALADNVVYAADR
AGLVKALNADDGKEIWSVSLAEKDGWFSKEPALLSGGVTVSGGHVYIGSEKAQVYALNTSDGTVAWQTKVAGEALSRPVV
SDGLVLIHTSNGQLQALNEADGAVKWTVNLDMPSLSLRGESAPTTAFGAAVVGGDNGRVSAVLMEQGQMIWQQRISQATG
STEIDRLSDVDTTPVVVNGVVFALAYNGNLTALDLRSGQIMWKRELGSVNDFIVDGNRIYLVDQNDRVMALTIDGGVTLW
TQSDLLHRLLTSPVLYNGNLVVGDSEGYLHWINVEDGRFVAQQKVDSSGFQTEPVAADGKLLIQAKDGTVYSITRKLWSH
PQFEK
;
B
3 'polypeptide(L)'
;MGSMAYSVQKSRLAKVAGVSLVLLLAACSSDSRYKRQVSGDEAYLEAAPLAELHAPAGMILPVTSGDYAIPVTNGSGAVG
KALDIRPPAQPLALVSGARTQFTGDTASLLVENGRGNTLWPQVVSVLQAKNYTITQRDDAGQTLTTDWVQWNRLDEDEQY
RGRYQISVKPQGYQQAVTVKLLNLEQAGKPVADAASMQRYSTEMMNVISAGLDKSATDAANAAQNRASTTMDVQSAADDT
GLPMLVVRGPFNVVWQRLPAALEKVGMKVTDSTRSQGNMAVTYKPLSDSDWQELGASDPGLASGDYKLQVGDLDNRSSLQ
FIDPKGHTLTQSQNDALVAVFQAAFSK
;
C
4 'polypeptide(L)'
;MGSMTRMKYLVAAATLSLFLAGCSGSKEEVPDNPPNEIYATAQQKLQDGNWRQAITQLEALDNRYPFGPYSQQVQLDLIY
AYYKNADLPLAQAAIDRFIRLNPTHPNIDYVMYMRGLTNMALDDSALQGFFGVDRSDRDPQHARAAFSDFSKLVRGYPNS
QYTTDATKRLVFLKDRLAKYEYSVAEYYTERGAWVAVVNRVEGMLRDYPDTQATRDALPLMENAYRQMQMNAQAEKVAKI
IAANSSNT
;
D
5 'polypeptide(L)'
;MGSMRCKTLTAAAAVLLMLTAGCSTLERVVYRPDINQGNYLTANDVSKIRVGMTQQQVAYALGTPLMSDPFGTNTWFYVF
RQQPGHEGVTQQTLTLTFNSSGVLTNIDNKPALSGNKLHHHHHH
;
E
6 'polypeptide(L)' WN(UX8)TKRW F
#
# COMPACT_ATOMS: atom_id res chain seq x y z
N PHE A 27 57.43 32.19 12.99
CA PHE A 27 57.47 33.41 12.19
C PHE A 27 56.38 34.39 12.63
N VAL A 28 56.78 35.53 13.18
CA VAL A 28 55.81 36.53 13.60
C VAL A 28 55.06 37.06 12.38
N VAL A 29 53.78 37.33 12.56
CA VAL A 29 52.90 37.82 11.50
C VAL A 29 52.42 39.21 11.88
N LYS A 30 52.60 40.16 10.96
CA LYS A 30 52.13 41.53 11.18
C LYS A 30 50.85 41.85 10.42
N ASP A 31 50.60 41.20 9.28
CA ASP A 31 49.38 41.41 8.52
C ASP A 31 48.98 40.10 7.87
N ILE A 32 47.70 40.01 7.51
CA ILE A 32 47.13 38.84 6.86
C ILE A 32 46.44 39.28 5.58
N HIS A 33 46.69 38.54 4.50
CA HIS A 33 46.11 38.83 3.20
C HIS A 33 45.49 37.57 2.63
N PHE A 34 44.45 37.76 1.81
CA PHE A 34 43.75 36.66 1.17
C PHE A 34 43.60 36.96 -0.32
N GLU A 35 43.65 35.90 -1.13
CA GLU A 35 43.49 36.00 -2.58
C GLU A 35 42.55 34.89 -3.02
N GLY A 36 41.35 35.26 -3.45
CA GLY A 36 40.34 34.32 -3.89
C GLY A 36 39.08 34.28 -3.05
N LEU A 37 38.96 35.11 -2.01
CA LEU A 37 37.76 35.13 -1.20
C LEU A 37 36.63 35.82 -1.96
N GLN A 38 35.59 35.07 -2.28
CA GLN A 38 34.44 35.59 -3.03
C GLN A 38 33.17 35.58 -2.20
N ARG A 39 32.78 34.43 -1.65
CA ARG A 39 31.55 34.30 -0.87
C ARG A 39 31.81 34.33 0.63
N VAL A 40 32.84 33.65 1.11
CA VAL A 40 33.14 33.62 2.53
C VAL A 40 33.63 35.00 2.98
N ALA A 41 33.09 35.49 4.09
CA ALA A 41 33.49 36.78 4.61
C ALA A 41 34.93 36.74 5.13
N VAL A 42 35.61 37.87 5.02
CA VAL A 42 36.98 37.97 5.51
C VAL A 42 37.01 37.76 7.01
N GLY A 43 36.10 38.41 7.75
CA GLY A 43 36.04 38.21 9.18
C GLY A 43 35.68 36.79 9.55
N ALA A 44 34.76 36.17 8.81
CA ALA A 44 34.41 34.79 9.07
C ALA A 44 35.61 33.87 8.88
N ALA A 45 36.37 34.07 7.80
CA ALA A 45 37.56 33.27 7.57
C ALA A 45 38.59 33.49 8.67
N LEU A 46 38.77 34.74 9.10
CA LEU A 46 39.72 35.03 10.17
C LEU A 46 39.32 34.31 11.45
N LEU A 47 38.03 34.34 11.79
CA LEU A 47 37.56 33.62 12.96
C LEU A 47 37.79 32.12 12.80
N SER A 48 37.49 31.57 11.63
CA SER A 48 37.62 30.13 11.42
C SER A 48 39.08 29.68 11.56
N MET A 49 40.01 30.44 10.99
CA MET A 49 41.41 30.05 11.06
C MET A 49 41.93 30.26 12.48
N PRO A 50 42.52 29.24 13.12
CA PRO A 50 43.06 29.45 14.47
C PRO A 50 44.12 30.53 14.54
N VAL A 51 44.92 30.69 13.49
CA VAL A 51 45.97 31.69 13.51
C VAL A 51 45.36 33.09 13.54
N ARG A 52 46.10 34.03 14.13
CA ARG A 52 45.66 35.42 14.19
C ARG A 52 46.88 36.32 14.03
N THR A 53 46.63 37.53 13.53
CA THR A 53 47.72 38.47 13.28
C THR A 53 48.41 38.85 14.59
N GLY A 54 49.72 38.98 14.54
CA GLY A 54 50.50 39.37 15.69
C GLY A 54 50.91 38.20 16.57
N ASP A 55 51.29 37.09 15.95
CA ASP A 55 51.68 35.90 16.69
C ASP A 55 52.63 35.08 15.83
N THR A 56 53.37 34.18 16.50
CA THR A 56 54.28 33.30 15.80
C THR A 56 53.52 32.26 14.99
N VAL A 57 54.05 31.93 13.82
CA VAL A 57 53.44 30.95 12.92
C VAL A 57 54.52 30.00 12.43
N ASN A 58 54.19 28.72 12.38
CA ASN A 58 55.11 27.67 11.96
C ASN A 58 54.43 26.79 10.92
N ASP A 59 55.18 25.79 10.44
CA ASP A 59 54.65 24.89 9.42
C ASP A 59 53.44 24.12 9.94
N GLU A 60 53.48 23.72 11.21
CA GLU A 60 52.32 23.01 11.77
C GLU A 60 51.09 23.89 11.78
N ASP A 61 51.23 25.16 12.17
CA ASP A 61 50.10 26.08 12.15
C ASP A 61 49.60 26.30 10.72
N ILE A 62 50.52 26.43 9.76
CA ILE A 62 50.10 26.62 8.38
C ILE A 62 49.32 25.40 7.89
N SER A 63 49.80 24.20 8.21
CA SER A 63 49.09 22.99 7.81
C SER A 63 47.72 22.89 8.47
N ASN A 64 47.63 23.26 9.75
CA ASN A 64 46.34 23.24 10.44
C ASN A 64 45.37 24.21 9.77
N THR A 65 45.84 25.41 9.43
CA THR A 65 44.98 26.37 8.75
C THR A 65 44.54 25.85 7.38
N ILE A 66 45.46 25.22 6.65
CA ILE A 66 45.11 24.68 5.34
C ILE A 66 44.05 23.60 5.48
N ARG A 67 44.21 22.72 6.46
CA ARG A 67 43.24 21.64 6.67
C ARG A 67 41.89 22.20 7.09
N ALA A 68 41.89 23.22 7.94
CA ALA A 68 40.62 23.84 8.35
C ALA A 68 39.92 24.47 7.14
N LEU A 69 40.67 25.17 6.29
CA LEU A 69 40.08 25.75 5.09
C LEU A 69 39.52 24.66 4.18
N PHE A 70 40.27 23.56 4.03
CA PHE A 70 39.77 22.45 3.22
C PHE A 70 38.46 21.91 3.79
N ALA A 71 38.41 21.71 5.11
CA ALA A 71 37.21 21.19 5.76
C ALA A 71 36.07 22.19 5.78
N THR A 72 36.34 23.47 5.51
CA THR A 72 35.26 24.45 5.45
C THR A 72 34.22 24.11 4.39
N GLY A 73 34.59 23.30 3.39
CA GLY A 73 33.66 22.83 2.40
C GLY A 73 33.40 23.78 1.25
N ASN A 74 34.12 24.90 1.17
CA ASN A 74 33.93 25.87 0.10
C ASN A 74 35.23 26.19 -0.64
N PHE A 75 36.31 25.48 -0.37
CA PHE A 75 37.61 25.74 -0.97
C PHE A 75 38.11 24.48 -1.66
N GLU A 76 38.48 24.60 -2.93
CA GLU A 76 38.96 23.47 -3.71
C GLU A 76 40.45 23.24 -3.52
N ASP A 77 41.27 24.27 -3.78
CA ASP A 77 42.71 24.21 -3.57
C ASP A 77 43.12 25.35 -2.65
N VAL A 78 43.88 25.03 -1.62
CA VAL A 78 44.34 26.00 -0.63
C VAL A 78 45.86 25.94 -0.59
N ARG A 79 46.50 27.11 -0.69
CA ARG A 79 47.96 27.21 -0.68
C ARG A 79 48.34 28.39 0.20
N VAL A 80 48.96 28.11 1.34
CA VAL A 80 49.39 29.14 2.28
C VAL A 80 50.87 29.36 2.03
N LEU A 81 51.19 30.39 1.24
CA LEU A 81 52.56 30.76 0.93
C LEU A 81 52.95 32.00 1.71
N ARG A 82 54.25 32.13 1.99
CA ARG A 82 54.79 33.21 2.79
C ARG A 82 55.55 34.17 1.89
N ASP A 83 55.14 35.44 1.91
CA ASP A 83 55.86 36.49 1.20
C ASP A 83 56.90 37.09 2.13
N GLY A 84 57.49 38.22 1.73
CA GLY A 84 58.52 38.82 2.56
C GLY A 84 58.02 39.18 3.95
N ASP A 85 56.84 39.79 4.02
CA ASP A 85 56.30 40.24 5.30
C ASP A 85 54.87 39.76 5.53
N THR A 86 54.11 39.57 4.45
CA THR A 86 52.70 39.21 4.54
C THR A 86 52.51 37.73 4.22
N LEU A 87 51.54 37.13 4.90
CA LEU A 87 51.20 35.71 4.71
C LEU A 87 50.10 35.64 3.64
N LEU A 88 50.52 35.49 2.40
CA LEU A 88 49.59 35.46 1.27
C LEU A 88 48.98 34.07 1.11
N VAL A 89 47.66 34.03 0.94
CA VAL A 89 46.91 32.78 0.80
C VAL A 89 46.25 32.77 -0.56
N GLN A 90 46.46 31.66 -1.30
CA GLN A 90 45.83 31.45 -2.59
C GLN A 90 44.79 30.35 -2.45
N VAL A 91 43.53 30.70 -2.63
CA VAL A 91 42.42 29.76 -2.51
C VAL A 91 41.59 29.79 -3.77
N LYS A 92 41.33 28.62 -4.34
CA LYS A 92 40.47 28.46 -5.51
C LYS A 92 39.11 28.00 -5.01
N GLU A 93 38.21 28.95 -4.79
CA GLU A 93 36.90 28.62 -4.23
C GLU A 93 36.16 27.63 -5.12
N ARG A 94 35.55 26.64 -4.49
CA ARG A 94 34.83 25.62 -5.25
C ARG A 94 33.71 26.27 -6.04
N PRO A 95 33.53 25.92 -7.32
CA PRO A 95 32.47 26.56 -8.10
C PRO A 95 31.11 26.31 -7.48
N THR A 96 30.27 27.33 -7.50
CA THR A 96 28.92 27.20 -6.98
C THR A 96 28.06 26.37 -7.93
N ILE A 97 27.14 25.60 -7.36
CA ILE A 97 26.22 24.81 -8.16
C ILE A 97 25.07 25.70 -8.58
N ALA A 98 24.87 25.85 -9.89
CA ALA A 98 23.80 26.69 -10.42
C ALA A 98 22.59 25.88 -10.86
N SER A 99 22.75 24.60 -11.20
CA SER A 99 21.63 23.76 -11.59
C SER A 99 22.10 22.32 -11.66
N ILE A 100 21.19 21.41 -11.32
CA ILE A 100 21.43 19.97 -11.43
C ILE A 100 20.37 19.40 -12.36
N THR A 101 20.82 18.68 -13.39
CA THR A 101 19.95 18.15 -14.42
C THR A 101 20.06 16.63 -14.45
N PHE A 102 18.96 15.98 -14.85
CA PHE A 102 18.89 14.53 -14.95
C PHE A 102 18.43 14.15 -16.33
N SER A 103 18.91 12.99 -16.81
CA SER A 103 18.54 12.49 -18.13
C SER A 103 18.49 10.97 -18.08
N GLY A 104 17.33 10.41 -18.42
CA GLY A 104 17.14 8.98 -18.41
C GLY A 104 16.41 8.44 -17.19
N ASN A 105 15.93 9.32 -16.30
CA ASN A 105 15.22 8.89 -15.09
C ASN A 105 13.77 8.52 -15.43
N LYS A 106 13.64 7.54 -16.34
CA LYS A 106 12.33 7.15 -16.82
C LYS A 106 11.45 6.61 -15.69
N SER A 107 12.02 5.78 -14.83
CA SER A 107 11.28 5.13 -13.74
C SER A 107 11.49 5.82 -12.40
N VAL A 108 12.09 7.01 -12.39
CA VAL A 108 12.32 7.76 -11.16
C VAL A 108 11.85 9.19 -11.36
N LYS A 109 11.04 9.68 -10.41
CA LYS A 109 10.56 11.04 -10.48
C LYS A 109 11.71 12.03 -10.27
N ASP A 110 11.72 13.07 -11.10
CA ASP A 110 12.77 14.08 -10.99
C ASP A 110 12.72 14.79 -9.63
N ASP A 111 11.53 15.13 -9.16
CA ASP A 111 11.42 15.84 -7.88
C ASP A 111 11.90 14.96 -6.74
N MET A 112 11.52 13.68 -6.74
CA MET A 112 11.96 12.79 -5.68
C MET A 112 13.47 12.55 -5.75
N LEU A 113 14.02 12.46 -6.96
CA LEU A 113 15.48 12.34 -7.09
C LEU A 113 16.18 13.58 -6.55
N LYS A 114 15.64 14.77 -6.83
CA LYS A 114 16.21 15.99 -6.29
C LYS A 114 16.14 15.99 -4.77
N GLN A 115 15.01 15.53 -4.21
CA GLN A 115 14.90 15.44 -2.76
C GLN A 115 15.94 14.50 -2.18
N ASN A 116 16.14 13.35 -2.81
CA ASN A 116 17.16 12.41 -2.35
C ASN A 116 18.55 13.04 -2.40
N LEU A 117 18.85 13.74 -3.50
CA LEU A 117 20.17 14.37 -3.63
C LEU A 117 20.37 15.45 -2.57
N GLU A 118 19.36 16.27 -2.31
CA GLU A 118 19.51 17.33 -1.32
C GLU A 118 19.63 16.76 0.08
N ALA A 119 18.91 15.66 0.35
CA ALA A 119 19.11 14.97 1.62
C ALA A 119 20.54 14.43 1.72
N SER A 120 21.08 13.93 0.62
CA SER A 120 22.46 13.46 0.60
C SER A 120 23.43 14.60 0.92
N GLY A 121 23.18 15.78 0.35
CA GLY A 121 24.03 16.93 0.62
C GLY A 121 24.25 17.83 -0.58
N VAL A 122 24.11 17.30 -1.78
CA VAL A 122 24.30 18.10 -2.99
C VAL A 122 22.98 18.78 -3.33
N ARG A 123 23.03 20.10 -3.47
CA ARG A 123 21.85 20.89 -3.83
C ARG A 123 22.32 22.18 -4.48
N VAL A 124 21.37 23.01 -4.90
CA VAL A 124 21.67 24.28 -5.53
C VAL A 124 22.12 25.27 -4.48
N GLY A 125 22.98 26.21 -4.89
CA GLY A 125 23.48 27.24 -4.02
C GLY A 125 24.77 26.90 -3.32
N GLU A 126 24.97 25.63 -2.98
CA GLU A 126 26.18 25.20 -2.29
C GLU A 126 27.31 25.07 -3.30
N SER A 127 28.45 24.55 -2.85
CA SER A 127 29.63 24.39 -3.70
C SER A 127 29.77 22.94 -4.14
N LEU A 128 30.34 22.78 -5.33
CA LEU A 128 30.55 21.46 -5.92
C LEU A 128 32.00 21.02 -5.68
N ASP A 129 32.15 19.84 -5.09
CA ASP A 129 33.47 19.26 -4.86
C ASP A 129 33.87 18.44 -6.08
N ARG A 130 35.03 18.73 -6.64
CA ARG A 130 35.50 18.05 -7.85
C ARG A 130 36.02 16.65 -7.57
N THR A 131 35.79 16.10 -6.37
CA THR A 131 36.24 14.76 -6.03
C THR A 131 35.11 13.82 -5.62
N THR A 132 33.94 14.34 -5.26
CA THR A 132 32.83 13.52 -4.80
C THR A 132 31.87 13.14 -5.92
N ILE A 133 32.27 13.35 -7.17
CA ILE A 133 31.43 12.95 -8.30
C ILE A 133 31.20 11.44 -8.27
N ALA A 134 32.27 10.67 -8.03
CA ALA A 134 32.13 9.23 -7.92
C ALA A 134 31.22 8.85 -6.77
N ASP A 135 31.35 9.55 -5.64
CA ASP A 135 30.50 9.26 -4.49
C ASP A 135 29.03 9.49 -4.84
N ILE A 136 28.72 10.60 -5.52
CA ILE A 136 27.33 10.87 -5.91
C ILE A 136 26.83 9.81 -6.87
N GLU A 137 27.66 9.43 -7.85
CA GLU A 137 27.24 8.41 -8.81
C GLU A 137 26.96 7.08 -8.10
N LYS A 138 27.82 6.70 -7.15
CA LYS A 138 27.62 5.45 -6.44
C LYS A 138 26.40 5.52 -5.54
N GLY A 139 26.11 6.68 -4.97
CA GLY A 139 24.89 6.82 -4.20
C GLY A 139 23.65 6.63 -5.05
N LEU A 140 23.65 7.23 -6.25
CA LEU A 140 22.51 7.04 -7.15
C LEU A 140 22.39 5.59 -7.61
N GLU A 141 23.53 4.94 -7.84
CA GLU A 141 23.50 3.52 -8.21
C GLU A 141 22.95 2.67 -7.07
N ASP A 142 23.31 3.00 -5.84
CA ASP A 142 22.74 2.31 -4.69
C ASP A 142 21.24 2.51 -4.61
N PHE A 143 20.78 3.73 -4.91
CA PHE A 143 19.35 3.98 -4.93
C PHE A 143 18.65 3.11 -5.99
N TYR A 144 19.26 3.00 -7.17
CA TYR A 144 18.70 2.13 -8.20
C TYR A 144 18.70 0.66 -7.77
N TYR A 145 19.76 0.21 -7.10
CA TYR A 145 19.77 -1.16 -6.60
C TYR A 145 18.63 -1.36 -5.62
N SER A 146 18.40 -0.40 -4.74
CA SER A 146 17.30 -0.51 -3.79
C SER A 146 15.96 -0.58 -4.49
N VAL A 147 15.73 0.28 -5.48
CA VAL A 147 14.44 0.28 -6.18
C VAL A 147 14.28 -0.93 -7.08
N GLY A 148 15.35 -1.64 -7.42
CA GLY A 148 15.22 -2.91 -8.10
C GLY A 148 16.22 -3.19 -9.20
N LYS A 149 16.70 -2.14 -9.87
CA LYS A 149 17.58 -2.33 -11.02
C LYS A 149 19.00 -2.59 -10.54
N TYR A 150 19.54 -3.75 -10.91
CA TYR A 150 20.87 -4.17 -10.46
C TYR A 150 21.95 -3.91 -11.49
N SER A 151 21.58 -3.67 -12.74
CA SER A 151 22.54 -3.35 -13.80
C SER A 151 22.60 -1.85 -14.09
N ALA A 152 21.99 -1.03 -13.24
CA ALA A 152 21.91 0.39 -13.51
C ALA A 152 23.29 1.04 -13.47
N SER A 153 23.46 2.09 -14.28
CA SER A 153 24.69 2.85 -14.34
C SER A 153 24.37 4.34 -14.29
N VAL A 154 25.31 5.11 -13.75
CA VAL A 154 25.16 6.56 -13.61
C VAL A 154 26.45 7.22 -14.05
N LYS A 155 26.34 8.27 -14.86
CA LYS A 155 27.49 9.05 -15.31
C LYS A 155 27.24 10.51 -15.00
N ALA A 156 28.29 11.23 -14.60
CA ALA A 156 28.19 12.64 -14.22
C ALA A 156 29.04 13.48 -15.16
N VAL A 157 28.48 14.58 -15.64
CA VAL A 157 29.16 15.52 -16.51
C VAL A 157 29.18 16.88 -15.82
N VAL A 158 30.30 17.59 -15.95
CA VAL A 158 30.52 18.87 -15.29
C VAL A 158 30.73 19.94 -16.36
N THR A 159 29.93 21.00 -16.28
CA THR A 159 30.00 22.12 -17.24
C THR A 159 30.36 23.38 -16.46
N PRO A 160 31.63 23.78 -16.46
CA PRO A 160 32.00 25.04 -15.79
C PRO A 160 31.37 26.24 -16.49
N LEU A 161 31.09 27.27 -15.69
CA LEU A 161 30.49 28.51 -16.15
C LEU A 161 31.17 29.68 -15.45
N PRO A 162 31.19 30.86 -16.06
CA PRO A 162 31.97 31.97 -15.52
C PRO A 162 31.55 32.32 -14.10
N ARG A 163 32.34 33.22 -13.50
CA ARG A 163 32.12 33.66 -12.12
C ARG A 163 32.13 32.47 -11.17
N ASN A 164 33.02 31.51 -11.43
CA ASN A 164 33.21 30.37 -10.55
C ASN A 164 31.90 29.63 -10.31
N ARG A 165 31.24 29.25 -11.41
CA ARG A 165 29.99 28.50 -11.35
C ARG A 165 30.16 27.19 -12.11
N VAL A 166 29.21 26.28 -11.92
CA VAL A 166 29.28 24.97 -12.54
C VAL A 166 27.90 24.34 -12.57
N ASP A 167 27.63 23.57 -13.63
CA ASP A 167 26.40 22.81 -13.77
C ASP A 167 26.73 21.32 -13.77
N LEU A 168 26.01 20.55 -12.97
CA LEU A 168 26.22 19.12 -12.83
C LEU A 168 25.07 18.37 -13.48
N LYS A 169 25.38 17.57 -14.50
CA LYS A 169 24.37 16.82 -15.24
C LYS A 169 24.59 15.34 -14.98
N LEU A 170 23.50 14.58 -14.89
CA LEU A 170 23.54 13.16 -14.57
C LEU A 170 22.81 12.39 -15.66
N VAL A 171 23.46 11.34 -16.17
CA VAL A 171 22.90 10.48 -17.20
C VAL A 171 22.75 9.08 -16.60
N PHE A 172 21.55 8.53 -16.71
CA PHE A 172 21.21 7.26 -16.09
C PHE A 172 20.91 6.21 -17.14
N GLN A 173 21.52 5.04 -16.98
CA GLN A 173 21.21 3.83 -17.74
C GLN A 173 20.49 2.91 -16.77
N GLU A 174 19.16 2.98 -16.75
CA GLU A 174 18.39 2.26 -15.75
C GLU A 174 18.65 0.75 -15.82
N GLY A 175 18.68 0.20 -17.03
CA GLY A 175 18.81 -1.23 -17.19
C GLY A 175 17.47 -1.92 -17.18
N VAL A 176 17.46 -3.20 -16.82
CA VAL A 176 16.23 -4.00 -16.76
C VAL A 176 16.10 -4.54 -15.33
N SER A 177 14.91 -4.41 -14.76
CA SER A 177 14.69 -4.81 -13.38
C SER A 177 14.74 -6.33 -13.25
N ALA A 178 15.07 -6.78 -12.05
CA ALA A 178 15.16 -8.20 -11.73
C ALA A 178 13.85 -8.67 -11.10
N GLU A 179 13.33 -9.80 -11.58
CA GLU A 179 12.06 -10.33 -11.13
C GLU A 179 12.27 -11.69 -10.46
N ILE A 180 11.30 -12.06 -9.62
CA ILE A 180 11.41 -13.32 -8.89
C ILE A 180 11.17 -14.48 -9.85
N GLN A 181 12.03 -15.49 -9.77
CA GLN A 181 11.97 -16.66 -10.63
C GLN A 181 11.56 -17.93 -9.91
N GLN A 182 11.66 -17.97 -8.59
CA GLN A 182 11.21 -19.14 -7.84
C GLN A 182 11.21 -18.80 -6.36
N ILE A 183 10.22 -19.33 -5.64
CA ILE A 183 10.18 -19.31 -4.19
C ILE A 183 10.10 -20.77 -3.74
N ASN A 184 11.08 -21.18 -2.95
CA ASN A 184 11.22 -22.57 -2.53
C ASN A 184 11.24 -22.64 -1.02
N ILE A 185 10.57 -23.64 -0.46
CA ILE A 185 10.55 -23.89 0.98
C ILE A 185 11.07 -25.30 1.19
N VAL A 186 12.13 -25.43 1.96
CA VAL A 186 12.81 -26.71 2.19
C VAL A 186 12.56 -27.11 3.63
N GLY A 187 12.02 -28.30 3.83
CA GLY A 187 11.74 -28.81 5.16
C GLY A 187 10.26 -28.94 5.49
N ASN A 188 9.37 -28.74 4.53
CA ASN A 188 7.93 -28.88 4.76
C ASN A 188 7.47 -30.24 4.25
N HIS A 189 6.96 -31.06 5.16
CA HIS A 189 6.51 -32.40 4.83
C HIS A 189 5.00 -32.60 4.98
N ALA A 190 4.32 -31.71 5.71
CA ALA A 190 2.88 -31.81 5.90
C ALA A 190 2.08 -30.93 4.96
N PHE A 191 2.67 -29.83 4.49
CA PHE A 191 2.01 -28.91 3.58
C PHE A 191 2.89 -28.72 2.35
N THR A 192 2.26 -28.68 1.18
CA THR A 192 2.99 -28.50 -0.06
C THR A 192 3.49 -27.06 -0.19
N THR A 193 4.60 -26.89 -0.89
CA THR A 193 5.15 -25.55 -1.08
C THR A 193 4.18 -24.66 -1.84
N ASP A 194 3.48 -25.21 -2.82
CA ASP A 194 2.50 -24.42 -3.57
C ASP A 194 1.38 -23.93 -2.66
N GLU A 195 0.89 -24.80 -1.77
CA GLU A 195 -0.15 -24.39 -0.83
C GLU A 195 0.38 -23.34 0.16
N LEU A 196 1.63 -23.52 0.61
CA LEU A 196 2.18 -22.56 1.58
C LEU A 196 2.36 -21.19 0.97
N ILE A 197 2.99 -21.11 -0.21
CA ILE A 197 3.28 -19.81 -0.82
C ILE A 197 2.08 -19.21 -1.53
N SER A 198 0.93 -19.85 -1.47
CA SER A 198 -0.28 -19.28 -2.06
C SER A 198 -0.75 -18.03 -1.32
N HIS A 199 -0.35 -17.86 -0.07
CA HIS A 199 -0.78 -16.74 0.75
C HIS A 199 0.26 -15.63 0.84
N PHE A 200 1.42 -15.80 0.21
CA PHE A 200 2.49 -14.82 0.30
C PHE A 200 2.13 -13.57 -0.50
N GLN A 201 2.85 -12.48 -0.22
CA GLN A 201 2.76 -11.27 -1.02
C GLN A 201 3.69 -11.32 -2.22
N LEU A 202 4.86 -11.94 -2.06
CA LEU A 202 5.78 -12.13 -3.18
C LEU A 202 5.26 -13.23 -4.11
N ARG A 203 5.43 -13.02 -5.40
CA ARG A 203 4.91 -13.93 -6.41
C ARG A 203 6.04 -14.38 -7.33
N ASP A 204 5.90 -15.59 -7.87
CA ASP A 204 6.81 -16.10 -8.89
C ASP A 204 6.13 -16.51 -10.18
N GLU A 205 4.80 -16.58 -10.21
CA GLU A 205 4.05 -16.80 -11.43
C GLU A 205 2.84 -15.89 -11.44
N VAL A 206 2.59 -15.24 -12.56
CA VAL A 206 1.44 -14.36 -12.73
C VAL A 206 0.78 -14.64 -14.07
N PRO A 207 -0.35 -15.34 -14.11
CA PRO A 207 -1.03 -15.58 -15.38
C PRO A 207 -1.56 -14.30 -15.99
N TRP A 208 -1.66 -14.29 -17.32
CA TRP A 208 -2.14 -13.10 -18.02
C TRP A 208 -3.63 -12.88 -17.84
N TRP A 209 -4.35 -13.85 -17.27
CA TRP A 209 -5.80 -13.78 -17.13
C TRP A 209 -6.26 -13.55 -15.69
N ASN A 210 -5.35 -13.36 -14.75
CA ASN A 210 -5.69 -13.08 -13.36
C ASN A 210 -5.02 -11.80 -12.90
N VAL A 211 -5.57 -11.25 -11.81
CA VAL A 211 -4.94 -10.17 -11.08
C VAL A 211 -4.45 -10.73 -9.74
N VAL A 212 -3.21 -11.18 -9.70
CA VAL A 212 -2.61 -11.74 -8.49
C VAL A 212 -1.56 -10.81 -7.90
N GLY A 213 -0.81 -10.12 -8.74
CA GLY A 213 0.15 -9.14 -8.26
C GLY A 213 1.32 -9.02 -9.22
N ASP A 214 2.23 -8.13 -8.85
CA ASP A 214 3.48 -7.95 -9.59
C ASP A 214 4.55 -8.89 -9.04
N ARG A 215 5.58 -9.11 -9.84
CA ARG A 215 6.59 -10.11 -9.56
C ARG A 215 7.92 -9.49 -9.14
N LYS A 216 7.87 -8.36 -8.45
CA LYS A 216 9.06 -7.66 -7.98
C LYS A 216 9.45 -8.17 -6.60
N TYR A 217 10.66 -7.79 -6.17
CA TYR A 217 11.23 -8.25 -4.91
C TYR A 217 11.43 -7.06 -3.97
N GLN A 218 10.99 -7.22 -2.72
CA GLN A 218 11.14 -6.19 -1.72
C GLN A 218 11.37 -6.82 -0.35
N LYS A 219 12.27 -6.22 0.43
CA LYS A 219 12.62 -6.75 1.75
C LYS A 219 11.42 -6.75 2.67
N GLN A 220 10.62 -5.69 2.63
CA GLN A 220 9.44 -5.63 3.50
C GLN A 220 8.47 -6.75 3.17
N LYS A 221 8.26 -7.01 1.88
CA LYS A 221 7.38 -8.10 1.49
C LYS A 221 7.96 -9.45 1.92
N LEU A 222 9.28 -9.61 1.84
CA LEU A 222 9.88 -10.87 2.29
C LEU A 222 9.66 -11.08 3.78
N ALA A 223 9.85 -10.04 4.59
CA ALA A 223 9.62 -10.18 6.02
C ALA A 223 8.16 -10.47 6.33
N GLY A 224 7.25 -9.78 5.65
CA GLY A 224 5.84 -10.07 5.83
C GLY A 224 5.49 -11.50 5.47
N ASP A 225 6.12 -12.02 4.42
CA ASP A 225 5.87 -13.41 4.01
C ASP A 225 6.40 -14.38 5.04
N LEU A 226 7.56 -14.10 5.62
CA LEU A 226 8.07 -14.97 6.68
C LEU A 226 7.12 -14.98 7.87
N GLU A 227 6.59 -13.82 8.25
CA GLU A 227 5.63 -13.77 9.34
C GLU A 227 4.35 -14.53 8.98
N THR A 228 3.91 -14.42 7.73
CA THR A 228 2.71 -15.15 7.30
C THR A 228 2.93 -16.66 7.37
N LEU A 229 4.10 -17.13 6.96
CA LEU A 229 4.40 -18.56 7.05
C LEU A 229 4.41 -19.02 8.49
N ARG A 230 5.04 -18.23 9.38
CA ARG A 230 5.08 -18.59 10.79
C ARG A 230 3.67 -18.69 11.36
N SER A 231 2.81 -17.72 11.04
CA SER A 231 1.43 -17.77 11.52
C SER A 231 0.67 -18.95 10.94
N TYR A 232 0.87 -19.24 9.65
CA TYR A 232 0.21 -20.39 9.04
C TYR A 232 0.52 -21.68 9.78
N TYR A 233 1.79 -21.88 10.15
CA TYR A 233 2.13 -23.10 10.87
C TYR A 233 1.69 -23.05 12.33
N LEU A 234 1.77 -21.89 12.99
CA LEU A 234 1.41 -21.84 14.40
C LEU A 234 -0.09 -21.98 14.62
N ASP A 235 -0.90 -21.63 13.63
CA ASP A 235 -2.35 -21.79 13.73
C ASP A 235 -2.81 -23.23 13.53
N ARG A 236 -1.89 -24.18 13.44
CA ARG A 236 -2.23 -25.58 13.19
C ARG A 236 -1.73 -26.52 14.28
N GLY A 237 -1.12 -26.01 15.33
CA GLY A 237 -0.65 -26.84 16.42
C GLY A 237 0.84 -27.11 16.42
N TYR A 238 1.58 -26.60 15.43
CA TYR A 238 3.03 -26.81 15.37
C TYR A 238 3.69 -25.76 16.27
N ALA A 239 3.70 -26.05 17.57
CA ALA A 239 4.21 -25.10 18.54
C ALA A 239 5.72 -24.93 18.45
N ARG A 240 6.43 -25.88 17.83
CA ARG A 240 7.88 -25.84 17.74
C ARG A 240 8.37 -25.40 16.38
N PHE A 241 7.51 -24.81 15.57
CA PHE A 241 7.91 -24.38 14.23
C PHE A 241 9.06 -23.39 14.33
N ASN A 242 10.01 -23.50 13.42
CA ASN A 242 11.18 -22.64 13.41
C ASN A 242 11.66 -22.46 11.98
N ILE A 243 11.97 -21.21 11.61
CA ILE A 243 12.53 -20.88 10.30
C ILE A 243 14.03 -20.84 10.45
N ASP A 244 14.70 -21.89 9.99
CA ASP A 244 16.14 -22.00 10.20
C ASP A 244 16.89 -20.87 9.51
N SER A 245 16.53 -20.55 8.27
CA SER A 245 17.26 -19.51 7.54
C SER A 245 16.54 -19.19 6.24
N THR A 246 17.05 -18.16 5.55
CA THR A 246 16.55 -17.75 4.25
C THR A 246 17.71 -17.32 3.38
N GLN A 247 17.58 -17.56 2.08
CA GLN A 247 18.63 -17.30 1.10
C GLN A 247 18.05 -16.56 -0.10
N VAL A 248 18.81 -15.57 -0.59
CA VAL A 248 18.44 -14.81 -1.78
C VAL A 248 19.61 -14.85 -2.76
N SER A 249 19.33 -15.24 -4.00
CA SER A 249 20.35 -15.41 -5.02
C SER A 249 19.92 -14.70 -6.29
N LEU A 250 20.90 -14.24 -7.05
CA LEU A 250 20.69 -13.65 -8.36
C LEU A 250 21.37 -14.49 -9.42
N THR A 251 20.80 -14.52 -10.61
CA THR A 251 21.47 -15.16 -11.72
C THR A 251 22.69 -14.33 -12.12
N PRO A 252 23.70 -14.95 -12.74
CA PRO A 252 24.90 -14.18 -13.10
C PRO A 252 24.61 -12.95 -13.94
N ASP A 253 23.61 -13.00 -14.83
CA ASP A 253 23.23 -11.83 -15.60
C ASP A 253 22.37 -10.86 -14.81
N LYS A 254 21.93 -11.24 -13.60
CA LYS A 254 21.22 -10.35 -12.69
C LYS A 254 19.87 -9.91 -13.25
N LYS A 255 19.08 -10.89 -13.71
CA LYS A 255 17.71 -10.64 -14.15
C LYS A 255 16.72 -11.61 -13.54
N GLY A 256 17.12 -12.36 -12.52
CA GLY A 256 16.20 -13.27 -11.84
C GLY A 256 16.63 -13.46 -10.41
N ILE A 257 15.66 -13.56 -9.52
CA ILE A 257 15.90 -13.66 -8.09
C ILE A 257 15.30 -14.96 -7.58
N TYR A 258 16.10 -15.74 -6.85
CA TYR A 258 15.67 -17.00 -6.26
C TYR A 258 15.65 -16.85 -4.75
N VAL A 259 14.51 -17.19 -4.14
CA VAL A 259 14.32 -17.12 -2.70
C VAL A 259 14.14 -18.54 -2.17
N THR A 260 14.85 -18.87 -1.09
CA THR A 260 14.72 -20.16 -0.44
C THR A 260 14.53 -19.96 1.06
N VAL A 261 13.68 -20.78 1.66
CA VAL A 261 13.36 -20.69 3.08
C VAL A 261 13.57 -22.07 3.70
N ASN A 262 14.58 -22.20 4.54
CA ASN A 262 14.86 -23.44 5.26
C ASN A 262 14.15 -23.37 6.60
N ILE A 263 13.21 -24.29 6.82
CA ILE A 263 12.36 -24.30 8.01
C ILE A 263 12.49 -25.63 8.71
N THR A 264 11.86 -25.73 9.87
CA THR A 264 11.84 -26.96 10.69
C THR A 264 10.50 -27.03 11.41
N GLU A 265 9.55 -27.74 10.84
CA GLU A 265 8.27 -27.96 11.48
C GLU A 265 8.36 -29.11 12.46
N GLY A 266 7.81 -28.93 13.65
CA GLY A 266 7.82 -29.95 14.68
C GLY A 266 6.62 -30.86 14.59
N ASP A 267 6.18 -31.34 15.76
CA ASP A 267 4.97 -32.14 15.86
C ASP A 267 3.79 -31.28 16.28
N GLN A 268 2.59 -31.74 15.95
CA GLN A 268 1.39 -31.06 16.42
C GLN A 268 1.22 -31.26 17.92
N TYR A 269 0.81 -30.19 18.60
CA TYR A 269 0.70 -30.18 20.06
C TYR A 269 -0.73 -29.90 20.48
N LYS A 270 -1.08 -30.38 21.66
CA LYS A 270 -2.39 -30.14 22.26
C LYS A 270 -2.26 -29.09 23.36
N LEU A 271 -3.40 -28.50 23.72
CA LEU A 271 -3.46 -27.48 24.76
C LEU A 271 -4.01 -28.11 26.03
N SER A 272 -3.13 -28.29 27.02
CA SER A 272 -3.55 -28.93 28.27
C SER A 272 -4.38 -27.98 29.13
N GLY A 273 -3.98 -26.72 29.22
CA GLY A 273 -4.70 -25.76 30.04
C GLY A 273 -4.07 -24.40 29.96
N VAL A 274 -4.67 -23.45 30.71
CA VAL A 274 -4.20 -22.08 30.79
C VAL A 274 -4.06 -21.68 32.25
N GLU A 275 -3.19 -20.71 32.50
CA GLU A 275 -2.98 -20.16 33.83
C GLU A 275 -2.83 -18.65 33.74
N VAL A 276 -3.47 -17.93 34.66
CA VAL A 276 -3.44 -16.48 34.70
C VAL A 276 -2.91 -16.06 36.06
N SER A 277 -1.98 -15.10 36.06
CA SER A 277 -1.40 -14.59 37.30
C SER A 277 -0.96 -13.15 37.09
N GLY A 278 -0.81 -12.44 38.20
CA GLY A 278 -0.39 -11.06 38.19
C GLY A 278 -1.23 -10.24 39.15
N ASN A 279 -1.16 -8.92 39.01
CA ASN A 279 -2.01 -8.03 39.79
C ASN A 279 -3.31 -7.76 39.01
N LEU A 280 -4.17 -8.77 39.03
CA LEU A 280 -5.41 -8.71 38.28
C LEU A 280 -6.36 -7.64 38.77
N ALA A 281 -6.12 -7.07 39.96
CA ALA A 281 -6.90 -5.95 40.49
C ALA A 281 -8.31 -6.38 40.88
N GLY A 282 -8.45 -7.62 41.33
CA GLY A 282 -9.74 -8.11 41.79
C GLY A 282 -10.68 -8.55 40.69
N HIS A 283 -10.20 -8.69 39.46
CA HIS A 283 -11.02 -9.12 38.33
C HIS A 283 -10.71 -10.55 37.91
N SER A 284 -10.17 -11.35 38.83
CA SER A 284 -9.85 -12.74 38.50
C SER A 284 -11.09 -13.51 38.09
N ALA A 285 -12.20 -13.31 38.81
CA ALA A 285 -13.40 -14.06 38.51
C ALA A 285 -13.88 -13.79 37.09
N GLU A 286 -13.85 -12.51 36.67
CA GLU A 286 -14.28 -12.18 35.32
C GLU A 286 -13.26 -12.59 34.27
N ILE A 287 -11.98 -12.67 34.62
CA ILE A 287 -10.97 -13.05 33.65
C ILE A 287 -10.96 -14.55 33.40
N GLU A 288 -11.27 -15.37 34.41
CA GLU A 288 -11.25 -16.81 34.21
C GLU A 288 -12.19 -17.25 33.09
N GLN A 289 -13.34 -16.57 32.95
CA GLN A 289 -14.27 -16.94 31.88
C GLN A 289 -13.67 -16.71 30.50
N LEU A 290 -12.71 -15.80 30.38
CA LEU A 290 -12.07 -15.55 29.09
C LEU A 290 -11.00 -16.58 28.76
N THR A 291 -10.57 -17.38 29.72
CA THR A 291 -9.52 -18.38 29.52
C THR A 291 -10.08 -19.79 29.67
N LYS A 292 -11.26 -20.04 29.12
CA LYS A 292 -11.90 -21.35 29.14
C LYS A 292 -11.71 -22.02 27.79
N ILE A 293 -11.22 -23.26 27.81
CA ILE A 293 -10.95 -24.02 26.60
C ILE A 293 -11.46 -25.45 26.77
N GLU A 294 -11.65 -26.12 25.64
CA GLU A 294 -12.05 -27.52 25.64
C GLU A 294 -10.81 -28.39 25.73
N PRO A 295 -10.71 -29.31 26.69
CA PRO A 295 -9.52 -30.17 26.76
C PRO A 295 -9.36 -30.99 25.49
N GLY A 296 -8.10 -31.20 25.10
CA GLY A 296 -7.79 -31.92 23.89
C GLY A 296 -7.78 -31.09 22.63
N GLU A 297 -8.00 -29.78 22.74
CA GLU A 297 -7.92 -28.91 21.59
C GLU A 297 -6.49 -28.84 21.07
N LEU A 298 -6.35 -28.58 19.78
CA LEU A 298 -5.03 -28.37 19.20
C LEU A 298 -4.56 -26.95 19.48
N TYR A 299 -3.26 -26.80 19.73
CA TYR A 299 -2.70 -25.49 19.98
C TYR A 299 -2.96 -24.57 18.79
N ASN A 300 -3.34 -23.33 19.09
CA ASN A 300 -3.60 -22.32 18.07
C ASN A 300 -3.01 -21.01 18.51
N GLY A 301 -2.64 -20.16 17.55
CA GLY A 301 -2.01 -18.90 17.85
C GLY A 301 -2.97 -17.73 17.75
N THR A 302 -3.84 -17.76 16.74
CA THR A 302 -4.85 -16.72 16.61
C THR A 302 -5.77 -16.71 17.81
N LYS A 303 -6.13 -17.90 18.31
CA LYS A 303 -6.99 -17.97 19.50
C LYS A 303 -6.29 -17.39 20.73
N VAL A 304 -4.98 -17.64 20.87
CA VAL A 304 -4.26 -17.09 22.01
C VAL A 304 -4.21 -15.57 21.91
N THR A 305 -3.95 -15.04 20.72
CA THR A 305 -3.98 -13.59 20.54
C THR A 305 -5.35 -13.02 20.86
N LYS A 306 -6.41 -13.72 20.43
CA LYS A 306 -7.76 -13.27 20.72
C LYS A 306 -8.03 -13.26 22.22
N MET A 307 -7.56 -14.27 22.93
CA MET A 307 -7.74 -14.31 24.39
C MET A 307 -7.02 -13.14 25.04
N GLU A 308 -5.80 -12.85 24.60
CA GLU A 308 -5.08 -11.70 25.15
C GLU A 308 -5.83 -10.41 24.87
N ASP A 309 -6.35 -10.24 23.65
CA ASP A 309 -7.11 -9.04 23.31
C ASP A 309 -8.38 -8.94 24.16
N ASP A 310 -9.05 -10.06 24.41
CA ASP A 310 -10.25 -10.04 25.24
C ASP A 310 -9.92 -9.59 26.65
N ILE A 311 -8.83 -10.09 27.22
CA ILE A 311 -8.44 -9.66 28.55
C ILE A 311 -8.10 -8.17 28.55
N LYS A 312 -7.44 -7.71 27.50
CA LYS A 312 -7.08 -6.28 27.42
C LYS A 312 -8.33 -5.41 27.35
N LYS A 313 -9.33 -5.81 26.58
CA LYS A 313 -10.57 -5.04 26.52
C LYS A 313 -11.31 -5.09 27.85
N LEU A 314 -11.31 -6.24 28.51
CA LEU A 314 -11.92 -6.34 29.83
C LEU A 314 -11.29 -5.36 30.80
N LEU A 315 -9.96 -5.28 30.81
CA LEU A 315 -9.29 -4.36 31.72
C LEU A 315 -9.46 -2.91 31.29
N GLY A 316 -9.53 -2.65 29.98
CA GLY A 316 -9.76 -1.30 29.52
C GLY A 316 -11.13 -0.78 29.90
N ARG A 317 -12.13 -1.66 29.95
CA ARG A 317 -13.46 -1.26 30.37
C ARG A 317 -13.51 -0.85 31.83
N TYR A 318 -12.46 -1.11 32.61
CA TYR A 318 -12.42 -0.75 34.02
C TYR A 318 -11.48 0.43 34.29
N GLY A 319 -11.14 1.19 33.25
CA GLY A 319 -10.42 2.44 33.42
C GLY A 319 -8.94 2.37 33.13
N TYR A 320 -8.39 1.19 32.89
CA TYR A 320 -6.95 1.05 32.73
C TYR A 320 -6.55 1.31 31.28
N ALA A 321 -5.61 2.24 31.10
CA ALA A 321 -5.23 2.68 29.76
C ALA A 321 -4.29 1.72 29.07
N TYR A 322 -3.39 1.09 29.80
CA TYR A 322 -2.36 0.21 29.25
C TYR A 322 -2.38 -1.11 30.01
N PRO A 323 -3.37 -1.96 29.77
CA PRO A 323 -3.44 -3.24 30.47
C PRO A 323 -2.54 -4.29 29.84
N ARG A 324 -1.28 -4.34 30.25
CA ARG A 324 -0.29 -5.18 29.58
C ARG A 324 -0.55 -6.65 29.87
N VAL A 325 -0.35 -7.50 28.87
CA VAL A 325 -0.59 -8.94 28.98
C VAL A 325 0.43 -9.66 28.12
N GLN A 326 1.05 -10.71 28.66
CA GLN A 326 1.98 -11.54 27.88
C GLN A 326 1.69 -13.01 28.14
N SER A 327 1.79 -13.83 27.09
CA SER A 327 1.54 -15.26 27.18
C SER A 327 2.82 -16.02 26.91
N MET A 328 3.15 -16.96 27.80
CA MET A 328 4.33 -17.82 27.65
C MET A 328 3.88 -19.27 27.54
N PRO A 329 4.19 -19.99 26.46
CA PRO A 329 3.81 -21.40 26.40
C PRO A 329 4.89 -22.29 26.98
N GLU A 330 4.46 -23.30 27.73
CA GLU A 330 5.34 -24.34 28.27
C GLU A 330 5.01 -25.64 27.56
N ILE A 331 5.99 -26.21 26.88
CA ILE A 331 5.79 -27.32 25.96
C ILE A 331 6.40 -28.58 26.57
N ASN A 332 5.64 -29.68 26.53
CA ASN A 332 6.07 -30.98 27.02
C ASN A 332 6.06 -31.95 25.85
N ASP A 333 7.25 -32.41 25.45
CA ASP A 333 7.37 -33.31 24.31
C ASP A 333 6.98 -34.74 24.64
N ALA A 334 7.08 -35.13 25.91
CA ALA A 334 6.75 -36.51 26.26
C ALA A 334 5.31 -36.84 25.92
N ASP A 335 4.39 -35.94 26.25
CA ASP A 335 2.98 -36.08 25.88
C ASP A 335 2.58 -35.20 24.71
N LYS A 336 3.45 -34.30 24.27
CA LYS A 336 3.12 -33.35 23.20
C LYS A 336 1.93 -32.47 23.61
N THR A 337 2.12 -31.72 24.71
CA THR A 337 1.09 -30.84 25.22
C THR A 337 1.69 -29.50 25.61
N VAL A 338 0.91 -28.44 25.40
CA VAL A 338 1.30 -27.08 25.73
C VAL A 338 0.38 -26.57 26.82
N LYS A 339 0.95 -25.88 27.80
CA LYS A 339 0.18 -25.16 28.80
C LYS A 339 0.59 -23.70 28.78
N LEU A 340 -0.39 -22.81 28.69
CA LEU A 340 -0.09 -21.40 28.63
C LEU A 340 0.06 -20.82 30.03
N ARG A 341 0.84 -19.73 30.12
CA ARG A 341 1.01 -18.97 31.35
C ARG A 341 0.82 -17.51 30.97
N VAL A 342 -0.31 -16.95 31.38
CA VAL A 342 -0.68 -15.58 31.03
C VAL A 342 -0.35 -14.68 32.20
N ASN A 343 0.55 -13.73 31.99
CA ASN A 343 0.94 -12.75 32.99
C ASN A 343 0.26 -11.43 32.64
N VAL A 344 -0.56 -10.93 33.56
CA VAL A 344 -1.39 -9.75 33.36
C VAL A 344 -0.92 -8.67 34.32
N ASP A 345 -0.83 -7.44 33.82
CA ASP A 345 -0.48 -6.28 34.65
C ASP A 345 -1.39 -5.13 34.23
N ALA A 346 -2.38 -4.84 35.06
CA ALA A 346 -3.26 -3.69 34.86
C ALA A 346 -2.59 -2.46 35.42
N GLY A 347 -2.25 -1.51 34.55
CA GLY A 347 -1.40 -0.40 34.95
C GLY A 347 -2.13 0.64 35.76
N ASN A 348 -1.89 1.91 35.46
CA ASN A 348 -2.54 3.03 36.13
C ASN A 348 -3.59 3.64 35.21
N ARG A 349 -4.30 4.63 35.74
CA ARG A 349 -5.38 5.30 35.03
C ARG A 349 -4.93 6.67 34.55
N PHE A 350 -5.13 6.93 33.26
CA PHE A 350 -4.77 8.20 32.63
C PHE A 350 -6.02 8.86 32.08
N TYR A 351 -6.08 10.18 32.18
CA TYR A 351 -7.25 10.96 31.79
C TYR A 351 -6.88 11.90 30.67
N VAL A 352 -7.73 11.97 29.65
CA VAL A 352 -7.46 12.78 28.47
C VAL A 352 -7.91 14.21 28.73
N ARG A 353 -7.00 15.16 28.57
CA ARG A 353 -7.30 16.57 28.76
C ARG A 353 -7.72 17.27 27.47
N LYS A 354 -7.19 16.83 26.34
CA LYS A 354 -7.55 17.42 25.06
C LYS A 354 -7.34 16.39 23.96
N ILE A 355 -8.12 16.51 22.90
CA ILE A 355 -7.90 15.81 21.65
C ILE A 355 -7.72 16.85 20.57
N ARG A 356 -6.58 16.82 19.89
CA ARG A 356 -6.18 17.86 18.96
C ARG A 356 -6.00 17.26 17.57
N PHE A 357 -6.53 17.96 16.57
CA PHE A 357 -6.35 17.59 15.17
C PHE A 357 -5.56 18.68 14.48
N GLU A 358 -4.49 18.29 13.80
CA GLU A 358 -3.66 19.23 13.05
C GLU A 358 -3.42 18.69 11.65
N GLY A 359 -3.40 19.59 10.69
CA GLY A 359 -3.30 19.23 9.29
C GLY A 359 -4.60 19.29 8.53
N ASN A 360 -5.72 19.56 9.21
CA ASN A 360 -7.02 19.66 8.55
C ASN A 360 -7.24 21.09 8.06
N ASP A 361 -6.49 21.42 7.01
CA ASP A 361 -6.61 22.75 6.40
C ASP A 361 -7.98 22.94 5.75
N THR A 362 -8.51 21.90 5.10
CA THR A 362 -9.81 21.99 4.44
C THR A 362 -10.93 21.49 5.34
N SER A 363 -10.86 20.23 5.76
CA SER A 363 -11.93 19.65 6.56
C SER A 363 -12.10 20.41 7.86
N LYS A 364 -13.35 20.65 8.23
CA LYS A 364 -13.62 21.35 9.48
C LYS A 364 -13.39 20.41 10.66
N ASP A 365 -13.32 21.00 11.85
CA ASP A 365 -12.95 20.22 13.03
C ASP A 365 -13.93 19.10 13.30
N ALA A 366 -15.23 19.38 13.23
CA ALA A 366 -16.23 18.39 13.60
C ALA A 366 -16.21 17.18 12.68
N VAL A 367 -15.81 17.36 11.43
CA VAL A 367 -15.75 16.24 10.50
C VAL A 367 -14.82 15.16 11.03
N LEU A 368 -13.66 15.56 11.56
CA LEU A 368 -12.73 14.62 12.15
C LEU A 368 -13.12 14.23 13.57
N ARG A 369 -13.68 15.16 14.33
CA ARG A 369 -13.98 14.92 15.73
C ARG A 369 -15.12 13.93 15.91
N ARG A 370 -16.08 13.90 15.00
CA ARG A 370 -17.23 13.03 15.17
C ARG A 370 -16.91 11.57 14.87
N GLU A 371 -15.70 11.26 14.41
CA GLU A 371 -15.27 9.88 14.20
C GLU A 371 -14.57 9.30 15.41
N MET A 372 -14.37 10.07 16.47
CA MET A 372 -13.63 9.60 17.63
C MET A 372 -14.51 8.69 18.48
N ARG A 373 -13.97 7.53 18.84
CA ARG A 373 -14.64 6.67 19.81
C ARG A 373 -14.34 7.06 21.25
N GLN A 374 -13.38 7.97 21.46
CA GLN A 374 -13.01 8.40 22.79
C GLN A 374 -13.41 9.85 23.03
N MET A 375 -13.88 10.12 24.23
CA MET A 375 -14.33 11.44 24.64
C MET A 375 -13.20 12.18 25.33
N GLU A 376 -12.96 13.42 24.93
CA GLU A 376 -12.10 14.31 25.68
C GLU A 376 -12.74 14.60 27.03
N GLY A 377 -11.91 14.62 28.07
CA GLY A 377 -12.40 14.81 29.42
C GLY A 377 -12.83 13.55 30.13
N ALA A 378 -12.34 12.38 29.72
CA ALA A 378 -12.64 11.11 30.35
C ALA A 378 -11.36 10.31 30.50
N TRP A 379 -11.46 9.15 31.16
CA TRP A 379 -10.31 8.28 31.33
C TRP A 379 -9.87 7.72 29.98
N LEU A 380 -8.57 7.47 29.87
CA LEU A 380 -7.96 7.11 28.60
C LEU A 380 -8.23 5.65 28.23
N GLY A 381 -8.29 5.40 26.92
CA GLY A 381 -8.37 4.04 26.42
C GLY A 381 -7.63 3.88 25.11
N SER A 382 -6.63 2.99 25.10
CA SER A 382 -5.83 2.79 23.90
C SER A 382 -6.62 2.13 22.78
N ASP A 383 -7.53 1.21 23.14
CA ASP A 383 -8.41 0.64 22.14
C ASP A 383 -9.26 1.71 21.48
N LEU A 384 -9.78 2.64 22.28
CA LEU A 384 -10.61 3.70 21.72
C LEU A 384 -9.80 4.62 20.82
N VAL A 385 -8.57 4.95 21.21
CA VAL A 385 -7.73 5.78 20.36
C VAL A 385 -7.46 5.08 19.03
N ASP A 386 -7.16 3.78 19.08
CA ASP A 386 -6.90 3.04 17.85
C ASP A 386 -8.15 2.96 16.97
N GLN A 387 -9.31 2.77 17.58
CA GLN A 387 -10.55 2.72 16.81
C GLN A 387 -10.83 4.06 16.14
N GLY A 388 -10.59 5.17 16.84
CA GLY A 388 -10.75 6.47 16.22
C GLY A 388 -9.83 6.64 15.03
N LYS A 389 -8.58 6.20 15.16
CA LYS A 389 -7.65 6.27 14.03
C LYS A 389 -8.13 5.42 12.86
N GLU A 390 -8.65 4.23 13.14
CA GLU A 390 -9.15 3.37 12.07
C GLU A 390 -10.35 3.99 11.35
N ARG A 391 -11.25 4.62 12.11
CA ARG A 391 -12.39 5.29 11.48
C ARG A 391 -11.94 6.47 10.63
N LEU A 392 -10.95 7.22 11.10
CA LEU A 392 -10.41 8.31 10.28
C LEU A 392 -9.83 7.75 8.98
N ASN A 393 -9.12 6.63 9.06
CA ASN A 393 -8.59 6.02 7.85
C ASN A 393 -9.70 5.58 6.92
N ARG A 394 -10.78 5.02 7.47
CA ARG A 394 -11.89 4.56 6.63
C ARG A 394 -12.62 5.70 5.96
N LEU A 395 -12.60 6.91 6.56
CA LEU A 395 -13.29 8.04 5.94
C LEU A 395 -12.90 8.20 4.47
N GLY A 396 -11.59 8.22 4.19
CA GLY A 396 -11.11 8.35 2.84
C GLY A 396 -10.67 9.72 2.41
N PHE A 397 -10.66 10.70 3.32
CA PHE A 397 -10.28 12.06 2.96
C PHE A 397 -8.80 12.34 3.15
N PHE A 398 -8.05 11.40 3.74
CA PHE A 398 -6.66 11.64 4.12
C PHE A 398 -5.77 10.54 3.55
N GLU A 399 -4.51 10.90 3.30
CA GLU A 399 -3.53 9.93 2.84
C GLU A 399 -2.86 9.20 4.00
N THR A 400 -2.51 9.93 5.06
CA THR A 400 -1.88 9.36 6.23
C THR A 400 -2.55 9.89 7.48
N VAL A 401 -2.61 9.06 8.51
CA VAL A 401 -3.13 9.45 9.83
C VAL A 401 -2.17 8.91 10.88
N ASP A 402 -1.79 9.75 11.82
CA ASP A 402 -0.89 9.39 12.90
C ASP A 402 -1.45 9.90 14.22
N THR A 403 -1.07 9.23 15.31
CA THR A 403 -1.48 9.60 16.65
C THR A 403 -0.26 9.75 17.54
N ASP A 404 -0.39 10.59 18.57
CA ASP A 404 0.71 10.86 19.50
C ASP A 404 0.10 11.29 20.83
N THR A 405 0.09 10.38 21.79
CA THR A 405 -0.47 10.66 23.12
C THR A 405 0.62 11.31 23.96
N GLN A 406 0.61 12.64 23.99
CA GLN A 406 1.59 13.41 24.74
C GLN A 406 1.17 13.52 26.20
N ARG A 407 2.15 13.76 27.06
CA ARG A 407 1.90 13.97 28.47
C ARG A 407 1.68 15.45 28.75
N VAL A 408 1.09 15.73 29.91
CA VAL A 408 0.79 17.08 30.35
C VAL A 408 1.77 17.44 31.47
N PRO A 409 2.66 18.41 31.29
CA PRO A 409 3.59 18.76 32.36
C PRO A 409 2.84 19.16 33.63
N GLY A 410 3.36 18.69 34.76
CA GLY A 410 2.77 18.99 36.05
C GLY A 410 1.61 18.10 36.45
N SER A 411 1.21 17.16 35.62
CA SER A 411 0.17 16.19 35.95
C SER A 411 0.72 14.80 35.66
N PRO A 412 0.84 13.92 36.66
CA PRO A 412 1.39 12.58 36.40
C PRO A 412 0.43 11.60 35.76
N ASP A 413 -0.85 11.97 35.58
CA ASP A 413 -1.84 11.05 35.04
C ASP A 413 -2.75 11.75 34.05
N GLN A 414 -2.21 12.66 33.25
CA GLN A 414 -3.00 13.33 32.22
C GLN A 414 -2.21 13.35 30.92
N VAL A 415 -2.95 13.32 29.80
CA VAL A 415 -2.35 13.23 28.48
C VAL A 415 -3.15 14.11 27.52
N ASP A 416 -2.55 14.36 26.35
CA ASP A 416 -3.22 15.01 25.23
C ASP A 416 -3.04 14.14 24.01
N VAL A 417 -4.15 13.76 23.39
CA VAL A 417 -4.11 12.93 22.18
C VAL A 417 -4.09 13.84 20.97
N VAL A 418 -3.14 13.62 20.07
CA VAL A 418 -2.97 14.44 18.87
C VAL A 418 -3.06 13.55 17.65
N TYR A 419 -3.89 13.94 16.68
CA TYR A 419 -4.02 13.25 15.41
C TYR A 419 -3.45 14.13 14.32
N LYS A 420 -2.49 13.61 13.56
CA LYS A 420 -1.87 14.33 12.45
C LYS A 420 -2.29 13.67 11.14
N VAL A 421 -2.91 14.45 10.27
CA VAL A 421 -3.47 13.94 9.03
C VAL A 421 -2.94 14.78 7.88
N LYS A 422 -2.70 14.10 6.75
CA LYS A 422 -2.39 14.77 5.49
C LYS A 422 -3.59 14.62 4.57
N GLU A 423 -4.04 15.72 3.99
CA GLU A 423 -5.32 15.74 3.30
C GLU A 423 -5.18 15.30 1.86
N ARG A 424 -6.02 14.35 1.46
CA ARG A 424 -6.10 13.85 0.10
C ARG A 424 -7.04 14.73 -0.73
N ASN A 425 -7.05 14.49 -2.04
CA ASN A 425 -8.00 15.14 -2.93
C ASN A 425 -9.20 14.22 -3.14
N THR A 426 -10.41 14.76 -2.97
CA THR A 426 -11.61 13.95 -2.84
C THR A 426 -12.49 13.92 -4.08
N GLY A 427 -12.27 14.81 -5.05
CA GLY A 427 -13.04 14.75 -6.29
C GLY A 427 -12.49 13.71 -7.24
N SER A 428 -13.33 13.30 -8.21
CA SER A 428 -12.87 12.35 -9.20
C SER A 428 -13.86 12.25 -10.36
N PHE A 429 -13.34 11.83 -11.51
CA PHE A 429 -14.13 11.39 -12.65
C PHE A 429 -13.99 9.87 -12.79
N ASN A 430 -15.00 9.22 -13.36
CA ASN A 430 -14.89 7.81 -13.69
C ASN A 430 -15.71 7.51 -14.93
N PHE A 431 -15.18 6.57 -15.73
CA PHE A 431 -15.81 6.12 -16.95
C PHE A 431 -15.55 4.62 -17.10
N GLY A 432 -16.57 3.85 -17.41
CA GLY A 432 -16.44 2.40 -17.43
C GLY A 432 -17.23 1.78 -18.57
N ILE A 433 -16.76 0.62 -19.01
CA ILE A 433 -17.39 -0.15 -20.08
C ILE A 433 -17.48 -1.61 -19.66
N GLY A 434 -18.61 -2.24 -19.95
CA GLY A 434 -18.79 -3.64 -19.65
C GLY A 434 -19.59 -4.32 -20.74
N TYR A 435 -19.68 -5.65 -20.65
CA TYR A 435 -20.43 -6.41 -21.63
C TYR A 435 -21.11 -7.59 -20.94
N GLY A 436 -22.17 -8.11 -21.56
CA GLY A 436 -22.87 -9.25 -21.01
C GLY A 436 -24.04 -9.63 -21.88
N THR A 437 -24.53 -10.85 -21.65
CA THR A 437 -25.69 -11.32 -22.41
C THR A 437 -26.97 -10.66 -21.93
N GLU A 438 -27.03 -10.23 -20.67
CA GLU A 438 -28.24 -9.65 -20.12
C GLU A 438 -28.60 -8.36 -20.84
N SER A 439 -27.63 -7.45 -21.01
CA SER A 439 -27.90 -6.11 -21.50
C SER A 439 -26.99 -5.65 -22.62
N GLY A 440 -26.03 -6.45 -23.07
CA GLY A 440 -25.15 -5.99 -24.12
C GLY A 440 -24.12 -5.01 -23.60
N VAL A 441 -23.63 -4.15 -24.49
CA VAL A 441 -22.59 -3.20 -24.12
C VAL A 441 -23.17 -2.19 -23.14
N SER A 442 -22.48 -1.99 -22.02
CA SER A 442 -22.91 -1.08 -20.97
C SER A 442 -21.87 0.00 -20.76
N PHE A 443 -22.29 1.25 -20.80
CA PHE A 443 -21.44 2.40 -20.57
C PHE A 443 -21.84 3.08 -19.27
N GLN A 444 -20.85 3.56 -18.53
CA GLN A 444 -21.07 4.25 -17.26
C GLN A 444 -20.15 5.45 -17.19
N ALA A 445 -20.64 6.56 -16.65
CA ALA A 445 -19.80 7.74 -16.47
C ALA A 445 -20.30 8.51 -15.25
N GLY A 446 -19.40 9.29 -14.65
CA GLY A 446 -19.82 10.09 -13.51
C GLY A 446 -18.70 10.95 -12.98
N VAL A 447 -19.10 11.96 -12.20
CA VAL A 447 -18.17 12.84 -11.50
C VAL A 447 -18.67 13.02 -10.06
N GLN A 448 -17.74 12.92 -9.11
CA GLN A 448 -18.06 12.81 -7.69
C GLN A 448 -17.17 13.74 -6.88
N GLN A 449 -17.71 14.22 -5.76
CA GLN A 449 -17.00 15.06 -4.80
C GLN A 449 -17.43 14.62 -3.41
N ASP A 450 -16.52 13.97 -2.68
CA ASP A 450 -16.88 13.30 -1.44
C ASP A 450 -16.81 14.18 -0.20
N ASN A 451 -16.18 15.35 -0.28
CA ASN A 451 -15.96 16.21 0.87
C ASN A 451 -16.26 17.66 0.51
N TRP A 452 -17.45 17.89 -0.03
CA TRP A 452 -17.79 19.22 -0.55
C TRP A 452 -17.41 20.34 0.41
N LEU A 453 -16.46 21.17 0.00
CA LEU A 453 -15.98 22.32 0.78
C LEU A 453 -15.57 21.94 2.19
N GLY A 454 -15.04 20.74 2.38
CA GLY A 454 -14.65 20.32 3.71
C GLY A 454 -15.78 20.22 4.70
N THR A 455 -17.02 20.15 4.23
CA THR A 455 -18.18 20.04 5.10
C THR A 455 -18.66 18.61 5.29
N GLY A 456 -18.12 17.65 4.54
CA GLY A 456 -18.53 16.26 4.64
C GLY A 456 -19.63 15.85 3.69
N TYR A 457 -20.36 16.79 3.11
CA TYR A 457 -21.41 16.46 2.16
C TYR A 457 -20.80 15.79 0.93
N ALA A 458 -21.50 14.80 0.39
CA ALA A 458 -21.07 14.10 -0.82
C ALA A 458 -22.04 14.47 -1.95
N VAL A 459 -21.49 15.03 -3.03
CA VAL A 459 -22.29 15.47 -4.17
C VAL A 459 -21.75 14.83 -5.44
N GLY A 460 -22.64 14.29 -6.25
CA GLY A 460 -22.21 13.62 -7.46
C GLY A 460 -23.27 13.65 -8.53
N ILE A 461 -22.82 13.43 -9.77
CA ILE A 461 -23.73 13.26 -10.90
C ILE A 461 -23.23 12.08 -11.72
N ASN A 462 -24.15 11.17 -12.06
CA ASN A 462 -23.83 9.89 -12.68
C ASN A 462 -24.78 9.60 -13.82
N GLY A 463 -24.33 8.74 -14.72
CA GLY A 463 -25.13 8.34 -15.87
C GLY A 463 -24.72 6.97 -16.36
N THR A 464 -25.69 6.27 -16.94
CA THR A 464 -25.49 4.90 -17.39
C THR A 464 -26.34 4.65 -18.64
N LYS A 465 -25.87 3.74 -19.48
CA LYS A 465 -26.54 3.46 -20.75
C LYS A 465 -26.28 2.02 -21.13
N ASN A 466 -27.32 1.32 -21.59
CA ASN A 466 -27.17 -0.04 -22.10
C ASN A 466 -28.25 -0.27 -23.16
N ASP A 467 -28.51 -1.55 -23.46
CA ASP A 467 -29.36 -1.87 -24.61
C ASP A 467 -30.76 -1.30 -24.45
N TYR A 468 -31.34 -1.38 -23.26
CA TYR A 468 -32.76 -1.08 -23.10
C TYR A 468 -33.09 0.08 -22.19
N GLN A 469 -32.12 0.76 -21.59
CA GLN A 469 -32.46 1.96 -20.82
C GLN A 469 -31.29 2.91 -20.70
N THR A 470 -31.63 4.18 -20.47
CA THR A 470 -30.69 5.25 -20.21
C THR A 470 -31.06 5.92 -18.89
N TYR A 471 -30.08 6.12 -18.02
CA TYR A 471 -30.32 6.64 -16.68
C TYR A 471 -29.36 7.78 -16.38
N ALA A 472 -29.87 8.83 -15.72
CA ALA A 472 -29.03 9.92 -15.25
C ALA A 472 -29.53 10.38 -13.89
N GLU A 473 -28.61 10.69 -12.98
CA GLU A 473 -29.01 11.13 -11.65
C GLU A 473 -28.02 12.14 -11.08
N LEU A 474 -28.55 12.96 -10.18
CA LEU A 474 -27.79 13.93 -9.39
C LEU A 474 -28.12 13.71 -7.92
N SER A 475 -27.10 13.44 -7.10
CA SER A 475 -27.31 13.02 -5.72
C SER A 475 -26.50 13.89 -4.77
N VAL A 476 -27.12 14.23 -3.63
CA VAL A 476 -26.47 15.00 -2.56
C VAL A 476 -26.80 14.34 -1.23
N THR A 477 -25.77 14.05 -0.43
CA THR A 477 -25.94 13.29 0.81
C THR A 477 -25.21 13.96 1.96
N ASN A 478 -25.90 14.05 3.10
CA ASN A 478 -25.34 14.47 4.38
C ASN A 478 -25.21 13.24 5.28
N PRO A 479 -23.99 12.81 5.63
CA PRO A 479 -23.86 11.54 6.34
C PRO A 479 -24.14 11.62 7.84
N TYR A 480 -24.27 12.82 8.40
CA TYR A 480 -24.45 13.03 9.84
C TYR A 480 -25.54 14.05 10.09
N PHE A 481 -26.72 13.83 9.48
CA PHE A 481 -27.85 14.71 9.74
C PHE A 481 -28.13 14.82 11.24
N THR A 482 -27.88 13.76 11.99
CA THR A 482 -27.94 13.77 13.44
C THR A 482 -26.63 13.24 13.99
N VAL A 483 -26.24 13.74 15.16
CA VAL A 483 -24.90 13.47 15.68
C VAL A 483 -24.65 11.97 15.81
N ASP A 484 -25.70 11.18 16.06
CA ASP A 484 -25.54 9.74 16.19
C ASP A 484 -25.08 9.09 14.88
N GLY A 485 -25.36 9.71 13.74
CA GLY A 485 -24.95 9.16 12.47
C GLY A 485 -26.08 9.03 11.47
N VAL A 486 -27.27 9.48 11.84
CA VAL A 486 -28.42 9.38 10.95
C VAL A 486 -28.17 10.23 9.71
N SER A 487 -28.36 9.64 8.54
CA SER A 487 -28.01 10.31 7.29
C SER A 487 -29.24 10.81 6.57
N LEU A 488 -29.08 11.88 5.82
CA LEU A 488 -30.17 12.46 5.02
C LEU A 488 -29.68 12.65 3.59
N GLY A 489 -30.36 12.02 2.63
CA GLY A 489 -29.95 12.06 1.25
C GLY A 489 -31.06 12.51 0.33
N GLY A 490 -30.67 13.05 -0.82
CA GLY A 490 -31.61 13.47 -1.84
C GLY A 490 -31.08 13.18 -3.22
N ARG A 491 -32.02 12.96 -4.15
CA ARG A 491 -31.67 12.48 -5.48
C ARG A 491 -32.68 12.99 -6.49
N LEU A 492 -32.18 13.45 -7.64
CA LEU A 492 -33.00 13.79 -8.80
C LEU A 492 -32.60 12.87 -9.94
N PHE A 493 -33.58 12.26 -10.59
CA PHE A 493 -33.28 11.27 -11.60
C PHE A 493 -34.14 11.45 -12.84
N TYR A 494 -33.58 11.02 -13.97
CA TYR A 494 -34.27 10.88 -15.24
C TYR A 494 -33.97 9.50 -15.78
N ASN A 495 -35.00 8.79 -16.27
CA ASN A 495 -34.85 7.43 -16.77
C ASN A 495 -35.67 7.26 -18.05
N ASP A 496 -35.11 6.51 -18.99
CA ASP A 496 -35.75 6.19 -20.26
C ASP A 496 -35.64 4.70 -20.50
N PHE A 497 -36.77 4.04 -20.76
CA PHE A 497 -36.83 2.59 -20.83
C PHE A 497 -37.60 2.15 -22.07
N GLN A 498 -36.96 1.30 -22.87
CA GLN A 498 -37.56 0.70 -24.06
C GLN A 498 -37.82 -0.77 -23.79
N ALA A 499 -39.09 -1.18 -23.81
CA ALA A 499 -39.43 -2.52 -23.37
C ALA A 499 -39.00 -3.58 -24.39
N ASP A 500 -39.26 -3.34 -25.67
CA ASP A 500 -39.00 -4.37 -26.67
C ASP A 500 -37.53 -4.71 -26.78
N ASP A 501 -36.64 -3.86 -26.28
CA ASP A 501 -35.22 -4.18 -26.25
C ASP A 501 -34.83 -5.01 -25.03
N ALA A 502 -35.79 -5.32 -24.16
CA ALA A 502 -35.52 -6.04 -22.91
C ALA A 502 -36.22 -7.40 -22.87
N ASP A 503 -36.68 -7.91 -24.01
CA ASP A 503 -37.36 -9.21 -24.07
C ASP A 503 -38.75 -9.13 -23.41
N LEU A 504 -39.48 -8.05 -23.68
CA LEU A 504 -40.82 -7.87 -23.16
C LEU A 504 -41.73 -7.40 -24.28
N SER A 505 -43.01 -7.24 -23.96
CA SER A 505 -43.95 -6.67 -24.91
C SER A 505 -43.65 -5.19 -25.10
N ASP A 506 -43.92 -4.68 -26.30
CA ASP A 506 -43.44 -3.37 -26.69
C ASP A 506 -44.18 -2.26 -25.95
N TYR A 507 -43.42 -1.31 -25.41
CA TYR A 507 -43.90 -0.04 -24.88
C TYR A 507 -42.68 0.78 -24.47
N THR A 508 -42.87 2.10 -24.39
CA THR A 508 -41.80 3.02 -24.01
C THR A 508 -42.23 3.82 -22.80
N ASN A 509 -41.33 3.92 -21.81
CA ASN A 509 -41.61 4.62 -20.56
C ASN A 509 -40.50 5.62 -20.29
N LYS A 510 -40.84 6.91 -20.25
CA LYS A 510 -39.90 7.96 -19.88
C LYS A 510 -40.38 8.56 -18.57
N SER A 511 -39.52 8.55 -17.57
CA SER A 511 -39.92 8.99 -16.24
C SER A 511 -38.85 9.89 -15.65
N TYR A 512 -39.27 10.72 -14.70
CA TYR A 512 -38.33 11.59 -14.01
C TYR A 512 -38.91 11.93 -12.65
N GLY A 513 -38.05 12.25 -11.70
CA GLY A 513 -38.56 12.57 -10.38
C GLY A 513 -37.45 12.84 -9.38
N THR A 514 -37.87 12.88 -8.12
CA THR A 514 -37.02 13.25 -7.00
C THR A 514 -37.33 12.34 -5.81
N ASP A 515 -36.37 12.24 -4.90
CA ASP A 515 -36.50 11.31 -3.78
C ASP A 515 -35.64 11.79 -2.63
N VAL A 516 -36.19 11.73 -1.41
CA VAL A 516 -35.45 12.11 -0.21
C VAL A 516 -35.59 10.98 0.80
N THR A 517 -34.50 10.69 1.53
CA THR A 517 -34.43 9.51 2.37
C THR A 517 -33.64 9.79 3.63
N LEU A 518 -34.02 9.10 4.70
CA LEU A 518 -33.29 9.05 5.96
C LEU A 518 -32.68 7.67 6.15
N GLY A 519 -31.60 7.63 6.92
CA GLY A 519 -30.93 6.38 7.19
C GLY A 519 -30.55 6.24 8.65
N PHE A 520 -31.05 5.20 9.30
CA PHE A 520 -30.82 4.95 10.73
C PHE A 520 -29.96 3.70 10.89
N PRO A 521 -28.76 3.81 11.45
CA PRO A 521 -28.04 2.61 11.90
C PRO A 521 -28.51 2.21 13.29
N ILE A 522 -28.61 0.91 13.55
CA ILE A 522 -29.16 0.46 14.82
C ILE A 522 -28.31 -0.61 15.49
N ASN A 523 -27.58 -1.41 14.70
CA ASN A 523 -26.86 -2.54 15.30
C ASN A 523 -25.48 -2.77 14.71
N GLU A 524 -25.00 -1.90 13.82
CA GLU A 524 -23.72 -2.09 13.13
C GLU A 524 -23.79 -3.23 12.12
N TYR A 525 -24.88 -3.97 12.09
CA TYR A 525 -25.22 -4.90 11.02
C TYR A 525 -26.56 -4.58 10.41
N ASN A 526 -27.52 -4.14 11.22
CA ASN A 526 -28.83 -3.74 10.76
C ASN A 526 -28.84 -2.26 10.41
N SER A 527 -29.71 -1.90 9.46
CA SER A 527 -29.85 -0.52 9.04
C SER A 527 -31.25 -0.32 8.47
N LEU A 528 -31.98 0.66 8.98
CA LEU A 528 -33.29 0.99 8.45
C LEU A 528 -33.22 2.26 7.60
N ARG A 529 -34.22 2.43 6.74
CA ARG A 529 -34.33 3.66 5.98
C ARG A 529 -35.77 3.90 5.61
N ALA A 530 -36.19 5.17 5.65
CA ALA A 530 -37.52 5.58 5.26
C ALA A 530 -37.42 6.89 4.51
N GLY A 531 -38.32 7.11 3.56
CA GLY A 531 -38.24 8.32 2.77
C GLY A 531 -39.49 8.55 1.95
N LEU A 532 -39.47 9.65 1.21
CA LEU A 532 -40.57 10.05 0.34
C LEU A 532 -40.05 10.27 -1.07
N GLY A 533 -40.94 10.15 -2.04
CA GLY A 533 -40.53 10.33 -3.43
C GLY A 533 -41.66 10.79 -4.31
N TYR A 534 -41.29 11.46 -5.39
CA TYR A 534 -42.22 11.86 -6.43
C TYR A 534 -41.68 11.40 -7.78
N VAL A 535 -42.56 10.86 -8.62
CA VAL A 535 -42.16 10.35 -9.92
C VAL A 535 -43.27 10.64 -10.93
N HIS A 536 -42.87 11.08 -12.12
CA HIS A 536 -43.79 11.28 -13.25
C HIS A 536 -43.39 10.30 -14.34
N ASN A 537 -44.38 9.51 -14.80
CA ASN A 537 -44.19 8.49 -15.83
C ASN A 537 -45.01 8.84 -17.06
N SER A 538 -44.39 8.74 -18.24
CA SER A 538 -45.05 8.98 -19.51
C SER A 538 -44.84 7.75 -20.39
N LEU A 539 -45.94 7.09 -20.74
CA LEU A 539 -45.94 5.86 -21.51
C LEU A 539 -46.45 6.12 -22.91
N SER A 540 -45.81 5.49 -23.89
CA SER A 540 -46.16 5.69 -25.28
C SER A 540 -45.82 4.43 -26.07
N ASN A 541 -46.37 4.36 -27.28
CA ASN A 541 -46.09 3.26 -28.21
C ASN A 541 -46.39 1.91 -27.58
N MET A 542 -47.60 1.79 -27.03
CA MET A 542 -48.00 0.59 -26.29
C MET A 542 -48.71 -0.37 -27.23
N GLN A 543 -48.26 -1.62 -27.22
CA GLN A 543 -48.83 -2.67 -28.05
C GLN A 543 -50.13 -3.17 -27.43
N PRO A 544 -51.26 -3.11 -28.11
CA PRO A 544 -52.52 -3.57 -27.51
C PRO A 544 -52.43 -5.01 -27.01
N GLN A 545 -52.89 -5.23 -25.79
CA GLN A 545 -52.85 -6.55 -25.17
C GLN A 545 -53.73 -6.55 -23.93
N VAL A 546 -54.06 -7.76 -23.48
CA VAL A 546 -55.08 -7.94 -22.45
C VAL A 546 -54.62 -7.38 -21.11
N ALA A 547 -53.38 -7.61 -20.71
CA ALA A 547 -52.93 -7.14 -19.40
C ALA A 547 -52.84 -5.61 -19.34
N MET A 548 -52.21 -5.00 -20.33
CA MET A 548 -52.09 -3.54 -20.35
C MET A 548 -53.47 -2.89 -20.40
N TRP A 549 -54.34 -3.37 -21.29
CA TRP A 549 -55.71 -2.87 -21.40
C TRP A 549 -56.62 -3.30 -20.27
N ARG A 550 -56.16 -4.19 -19.38
CA ARG A 550 -56.87 -4.43 -18.14
C ARG A 550 -56.47 -3.42 -17.08
N TYR A 551 -55.19 -3.05 -17.03
CA TYR A 551 -54.76 -1.99 -16.13
C TYR A 551 -55.32 -0.64 -16.54
N LEU A 552 -55.27 -0.32 -17.83
CA LEU A 552 -55.71 0.98 -18.31
C LEU A 552 -57.18 1.21 -18.03
N TYR A 553 -58.00 0.16 -18.17
CA TYR A 553 -59.42 0.30 -17.87
C TYR A 553 -59.64 0.62 -16.39
N SER A 554 -58.91 -0.04 -15.49
CA SER A 554 -59.03 0.28 -14.08
C SER A 554 -58.58 1.70 -13.79
N MET A 555 -57.59 2.20 -14.52
CA MET A 555 -57.15 3.58 -14.34
C MET A 555 -58.13 4.61 -14.90
N GLY A 556 -59.16 4.17 -15.63
CA GLY A 556 -60.14 5.07 -16.18
C GLY A 556 -59.96 5.42 -17.64
N GLU A 557 -58.96 4.86 -18.31
CA GLU A 557 -58.76 5.10 -19.72
C GLU A 557 -59.65 4.20 -20.56
N HIS A 558 -59.93 4.64 -21.78
CA HIS A 558 -60.67 3.83 -22.76
C HIS A 558 -59.98 3.93 -24.11
N PRO A 559 -58.77 3.40 -24.22
CA PRO A 559 -58.04 3.50 -25.48
C PRO A 559 -58.53 2.47 -26.50
N SER A 560 -58.13 2.71 -27.75
CA SER A 560 -58.51 1.82 -28.85
C SER A 560 -57.49 0.71 -29.01
N THR A 561 -57.96 -0.43 -29.51
CA THR A 561 -57.15 -1.64 -29.63
C THR A 561 -56.79 -1.96 -31.08
N SER A 562 -56.71 -0.94 -31.94
CA SER A 562 -56.41 -1.15 -33.36
C SER A 562 -55.09 -0.54 -33.79
N ASP A 563 -54.40 0.18 -32.91
CA ASP A 563 -53.12 0.79 -33.27
C ASP A 563 -52.34 1.06 -31.99
N GLN A 564 -51.03 1.26 -32.15
CA GLN A 564 -50.13 1.53 -31.03
C GLN A 564 -49.62 2.97 -31.05
N ASP A 565 -50.50 3.91 -31.40
CA ASP A 565 -50.21 5.34 -31.26
C ASP A 565 -50.85 5.85 -29.97
N ASN A 566 -50.29 5.41 -28.86
CA ASN A 566 -50.87 5.58 -27.53
C ASN A 566 -50.10 6.61 -26.72
N SER A 567 -50.68 7.01 -25.59
CA SER A 567 -50.04 7.92 -24.66
C SER A 567 -50.78 7.88 -23.33
N PHE A 568 -50.02 7.94 -22.24
CA PHE A 568 -50.61 7.89 -20.90
C PHE A 568 -49.62 8.41 -19.86
N LYS A 569 -50.01 9.41 -19.07
CA LYS A 569 -49.11 10.07 -18.13
C LYS A 569 -49.68 10.02 -16.73
N THR A 570 -48.80 9.82 -15.74
CA THR A 570 -49.23 9.77 -14.35
C THR A 570 -48.18 10.38 -13.44
N ASP A 571 -48.65 10.94 -12.32
CA ASP A 571 -47.82 11.55 -11.29
C ASP A 571 -48.09 10.82 -9.98
N ASP A 572 -47.02 10.45 -9.27
CA ASP A 572 -47.19 9.65 -8.05
C ASP A 572 -46.26 10.14 -6.94
N PHE A 573 -46.82 10.18 -5.73
CA PHE A 573 -46.07 10.41 -4.50
C PHE A 573 -46.09 9.12 -3.69
N THR A 574 -44.91 8.63 -3.33
CA THR A 574 -44.79 7.35 -2.66
C THR A 574 -44.00 7.49 -1.36
N PHE A 575 -44.30 6.61 -0.42
CA PHE A 575 -43.53 6.43 0.81
C PHE A 575 -42.72 5.16 0.65
N ASN A 576 -41.41 5.27 0.86
CA ASN A 576 -40.47 4.18 0.64
C ASN A 576 -39.87 3.77 1.98
N TYR A 577 -39.64 2.48 2.16
CA TYR A 577 -38.99 1.98 3.37
C TYR A 577 -38.13 0.77 3.04
N GLY A 578 -37.20 0.47 3.93
CA GLY A 578 -36.33 -0.67 3.73
C GLY A 578 -35.53 -0.99 4.98
N TRP A 579 -35.06 -2.23 5.01
CA TRP A 579 -34.25 -2.74 6.11
C TRP A 579 -33.19 -3.67 5.55
N THR A 580 -31.93 -3.45 5.93
CA THR A 580 -30.82 -4.27 5.47
C THR A 580 -30.09 -4.88 6.67
N TYR A 581 -29.72 -6.14 6.54
CA TYR A 581 -28.93 -6.86 7.54
C TYR A 581 -27.77 -7.52 6.82
N ASN A 582 -26.55 -7.10 7.11
CA ASN A 582 -25.36 -7.62 6.47
C ASN A 582 -24.44 -8.25 7.52
N LYS A 583 -24.01 -9.48 7.26
CA LYS A 583 -23.14 -10.20 8.17
C LYS A 583 -22.05 -10.97 7.43
N LEU A 584 -21.89 -10.77 6.14
CA LEU A 584 -20.86 -11.49 5.40
C LEU A 584 -19.48 -11.16 5.97
N ASP A 585 -18.67 -12.20 6.19
CA ASP A 585 -17.35 -11.99 6.74
C ASP A 585 -16.47 -11.20 5.78
N ARG A 586 -16.61 -11.45 4.48
CA ARG A 586 -15.80 -10.80 3.47
C ARG A 586 -16.70 -10.33 2.33
N GLY A 587 -16.25 -9.27 1.64
CA GLY A 587 -17.02 -8.73 0.54
C GLY A 587 -16.82 -9.49 -0.76
N TYR A 588 -15.60 -9.94 -1.04
CA TYR A 588 -15.29 -10.68 -2.26
C TYR A 588 -15.08 -12.14 -1.90
N PHE A 589 -15.81 -13.02 -2.57
CA PHE A 589 -15.81 -14.45 -2.27
C PHE A 589 -16.03 -14.69 -0.78
N PRO A 590 -17.18 -14.30 -0.23
CA PRO A 590 -17.49 -14.63 1.16
C PRO A 590 -17.61 -16.14 1.35
N THR A 591 -17.29 -16.58 2.58
CA THR A 591 -17.36 -17.98 2.94
C THR A 591 -18.22 -18.23 4.17
N ASP A 592 -18.84 -17.19 4.73
CA ASP A 592 -19.69 -17.35 5.90
C ASP A 592 -20.46 -16.05 6.10
N GLY A 593 -21.71 -16.18 6.54
CA GLY A 593 -22.54 -15.05 6.87
C GLY A 593 -23.87 -15.09 6.15
N SER A 594 -24.59 -13.98 6.26
CA SER A 594 -25.89 -13.83 5.61
C SER A 594 -26.10 -12.37 5.26
N ARG A 595 -26.91 -12.14 4.24
CA ARG A 595 -27.33 -10.81 3.84
C ARG A 595 -28.80 -10.84 3.49
N VAL A 596 -29.58 -9.98 4.12
CA VAL A 596 -31.03 -9.90 3.90
C VAL A 596 -31.38 -8.45 3.61
N ASN A 597 -32.19 -8.23 2.58
CA ASN A 597 -32.58 -6.88 2.17
C ASN A 597 -34.08 -6.86 1.89
N LEU A 598 -34.82 -6.10 2.68
CA LEU A 598 -36.25 -5.92 2.50
C LEU A 598 -36.50 -4.51 2.01
N THR A 599 -37.29 -4.38 0.93
CA THR A 599 -37.62 -3.10 0.36
C THR A 599 -39.13 -3.02 0.15
N GLY A 600 -39.68 -1.83 0.29
CA GLY A 600 -41.11 -1.65 0.14
C GLY A 600 -41.44 -0.30 -0.45
N LYS A 601 -42.72 -0.12 -0.74
CA LYS A 601 -43.19 1.13 -1.32
C LYS A 601 -44.71 1.14 -1.26
N VAL A 602 -45.28 2.31 -0.98
CA VAL A 602 -46.73 2.46 -0.99
C VAL A 602 -47.10 3.86 -1.45
N THR A 603 -48.09 3.96 -2.35
CA THR A 603 -48.50 5.28 -2.84
C THR A 603 -49.40 5.97 -1.82
N ILE A 604 -48.99 7.14 -1.35
CA ILE A 604 -49.75 7.89 -0.35
C ILE A 604 -50.87 8.65 -1.04
N PRO A 605 -51.97 8.96 -0.35
CA PRO A 605 -53.15 9.49 -1.02
C PRO A 605 -52.88 10.82 -1.73
N GLY A 606 -53.63 11.06 -2.79
CA GLY A 606 -53.45 12.23 -3.64
C GLY A 606 -52.76 11.96 -4.95
N SER A 607 -52.27 10.74 -5.15
CA SER A 607 -51.57 10.37 -6.36
C SER A 607 -52.50 9.63 -7.32
N ASP A 608 -52.07 9.53 -8.58
CA ASP A 608 -52.87 8.88 -9.60
C ASP A 608 -52.95 7.37 -9.37
N ASN A 609 -51.83 6.74 -9.00
CA ASN A 609 -51.75 5.30 -8.83
C ASN A 609 -51.86 4.94 -7.36
N GLU A 610 -52.73 4.00 -7.05
CA GLU A 610 -52.90 3.48 -5.69
C GLU A 610 -52.42 2.04 -5.66
N TYR A 611 -51.29 1.78 -5.01
CA TYR A 611 -50.76 0.44 -4.94
C TYR A 611 -49.67 0.37 -3.88
N TYR A 612 -49.18 -0.85 -3.67
CA TYR A 612 -48.09 -1.14 -2.76
C TYR A 612 -47.26 -2.26 -3.37
N LYS A 613 -45.97 -2.29 -3.00
CA LYS A 613 -45.01 -3.23 -3.55
C LYS A 613 -44.01 -3.61 -2.47
N VAL A 614 -43.62 -4.88 -2.43
CA VAL A 614 -42.69 -5.40 -1.44
C VAL A 614 -41.77 -6.41 -2.10
N THR A 615 -40.49 -6.38 -1.70
CA THR A 615 -39.48 -7.29 -2.23
C THR A 615 -38.55 -7.71 -1.10
N LEU A 616 -38.03 -8.94 -1.20
CA LEU A 616 -37.18 -9.50 -0.16
C LEU A 616 -36.07 -10.33 -0.79
N ASP A 617 -34.83 -9.96 -0.48
CA ASP A 617 -33.62 -10.61 -0.97
C ASP A 617 -32.95 -11.35 0.18
N THR A 618 -32.51 -12.59 -0.07
CA THR A 618 -31.81 -13.35 0.95
C THR A 618 -30.64 -14.11 0.33
N ALA A 619 -29.49 -14.06 1.01
CA ALA A 619 -28.32 -14.84 0.65
C ALA A 619 -27.66 -15.36 1.92
N THR A 620 -27.25 -16.64 1.91
CA THR A 620 -26.68 -17.26 3.10
C THR A 620 -25.55 -18.18 2.70
N TYR A 621 -24.41 -18.08 3.39
CA TYR A 621 -23.26 -18.96 3.17
C TYR A 621 -23.03 -19.83 4.39
N VAL A 622 -22.75 -21.11 4.16
CA VAL A 622 -22.50 -22.06 5.23
C VAL A 622 -21.24 -22.86 4.89
N PRO A 623 -20.14 -22.70 5.62
CA PRO A 623 -18.94 -23.50 5.32
C PRO A 623 -19.03 -24.87 5.96
N ILE A 624 -18.57 -25.89 5.23
CA ILE A 624 -18.58 -27.26 5.71
C ILE A 624 -17.18 -27.77 6.01
N ASP A 625 -16.21 -26.87 6.19
CA ASP A 625 -14.84 -27.25 6.51
C ASP A 625 -14.26 -26.23 7.48
N ASP A 626 -13.04 -26.51 7.95
CA ASP A 626 -12.30 -25.58 8.79
C ASP A 626 -11.47 -24.61 7.98
N ASP A 627 -11.08 -25.00 6.75
CA ASP A 627 -10.33 -24.13 5.86
C ASP A 627 -11.22 -23.26 4.98
N HIS A 628 -12.54 -23.50 4.97
CA HIS A 628 -13.49 -22.69 4.21
C HIS A 628 -13.19 -22.77 2.71
N LYS A 629 -13.09 -23.99 2.19
CA LYS A 629 -12.96 -24.20 0.75
C LYS A 629 -14.18 -24.86 0.13
N TRP A 630 -14.95 -25.61 0.91
CA TRP A 630 -16.23 -26.17 0.46
C TRP A 630 -17.34 -25.43 1.18
N VAL A 631 -18.23 -24.79 0.41
CA VAL A 631 -19.27 -23.93 0.98
C VAL A 631 -20.61 -24.29 0.34
N VAL A 632 -21.68 -23.94 1.04
CA VAL A 632 -23.04 -24.06 0.52
C VAL A 632 -23.68 -22.68 0.53
N LEU A 633 -24.21 -22.26 -0.61
CA LEU A 633 -24.83 -20.96 -0.76
C LEU A 633 -26.32 -21.12 -1.05
N GLY A 634 -27.13 -20.36 -0.35
CA GLY A 634 -28.57 -20.38 -0.58
C GLY A 634 -29.11 -19.00 -0.84
N ARG A 635 -29.75 -18.79 -1.99
CA ARG A 635 -30.34 -17.51 -2.33
C ARG A 635 -31.84 -17.64 -2.49
N THR A 636 -32.56 -16.60 -2.09
CA THR A 636 -33.99 -16.52 -2.36
C THR A 636 -34.36 -15.08 -2.72
N ARG A 637 -35.42 -14.97 -3.51
CA ARG A 637 -35.95 -13.69 -3.97
C ARG A 637 -37.47 -13.77 -3.98
N TRP A 638 -38.12 -12.99 -3.15
CA TRP A 638 -39.58 -12.95 -3.10
C TRP A 638 -40.07 -11.55 -3.45
N GLY A 639 -41.27 -11.49 -4.03
CA GLY A 639 -41.86 -10.20 -4.33
C GLY A 639 -43.35 -10.25 -4.53
N TYR A 640 -44.06 -9.22 -4.05
CA TYR A 640 -45.50 -9.16 -4.19
C TYR A 640 -45.96 -7.71 -4.19
N GLY A 641 -46.92 -7.40 -5.04
CA GLY A 641 -47.48 -6.06 -5.10
C GLY A 641 -48.91 -6.10 -5.59
N ASP A 642 -49.64 -5.03 -5.32
CA ASP A 642 -51.05 -5.00 -5.71
C ASP A 642 -51.62 -3.60 -5.51
N GLY A 643 -52.78 -3.36 -6.13
CA GLY A 643 -53.46 -2.09 -6.01
C GLY A 643 -54.47 -2.06 -4.88
N LEU A 644 -54.89 -0.85 -4.51
CA LEU A 644 -55.69 -0.65 -3.31
C LEU A 644 -57.11 -0.18 -3.59
N GLY A 645 -57.27 0.95 -4.28
CA GLY A 645 -58.58 1.56 -4.40
C GLY A 645 -59.37 1.08 -5.60
N GLY A 646 -59.46 -0.23 -5.78
CA GLY A 646 -60.09 -0.78 -6.96
C GLY A 646 -59.23 -0.70 -8.21
N LYS A 647 -58.05 -0.12 -8.11
CA LYS A 647 -57.11 -0.02 -9.21
C LYS A 647 -56.16 -1.21 -9.18
N GLU A 648 -55.09 -1.16 -9.97
CA GLU A 648 -54.14 -2.25 -10.05
C GLU A 648 -52.73 -1.67 -10.01
N MET A 649 -51.77 -2.54 -9.71
CA MET A 649 -50.38 -2.14 -9.79
C MET A 649 -50.03 -1.83 -11.25
N PRO A 650 -49.26 -0.77 -11.51
CA PRO A 650 -48.91 -0.46 -12.90
C PRO A 650 -48.13 -1.58 -13.55
N PHE A 651 -48.41 -1.81 -14.83
CA PHE A 651 -47.78 -2.91 -15.55
C PHE A 651 -46.29 -2.70 -15.76
N TYR A 652 -45.78 -1.51 -15.48
CA TYR A 652 -44.34 -1.27 -15.55
C TYR A 652 -43.65 -1.46 -14.21
N GLU A 653 -44.39 -1.89 -13.18
CA GLU A 653 -43.82 -2.23 -11.88
C GLU A 653 -43.67 -3.72 -11.69
N ASN A 654 -43.82 -4.50 -12.76
CA ASN A 654 -43.93 -5.94 -12.64
C ASN A 654 -42.61 -6.56 -12.18
N PHE A 655 -42.69 -7.84 -11.83
CA PHE A 655 -41.55 -8.63 -11.41
C PHE A 655 -41.17 -9.57 -12.53
N TYR A 656 -39.88 -9.60 -12.86
CA TYR A 656 -39.37 -10.42 -13.95
C TYR A 656 -38.43 -11.48 -13.40
N ALA A 657 -38.44 -12.65 -14.03
CA ALA A 657 -37.58 -13.76 -13.65
C ALA A 657 -36.96 -14.35 -14.91
N GLY A 658 -35.88 -15.07 -14.72
CA GLY A 658 -35.12 -15.62 -15.83
C GLY A 658 -33.82 -14.87 -16.04
N GLY A 659 -32.87 -15.54 -16.67
CA GLY A 659 -31.58 -14.95 -16.93
C GLY A 659 -30.56 -15.29 -15.87
N SER A 660 -29.36 -14.73 -16.05
CA SER A 660 -28.24 -15.08 -15.18
C SER A 660 -28.41 -14.53 -13.78
N SER A 661 -29.29 -13.55 -13.58
CA SER A 661 -29.47 -12.97 -12.25
C SER A 661 -30.31 -13.84 -11.35
N THR A 662 -31.37 -14.48 -11.89
CA THR A 662 -32.32 -15.21 -11.07
C THR A 662 -32.32 -16.71 -11.36
N VAL A 663 -32.60 -17.13 -12.59
CA VAL A 663 -32.72 -18.54 -12.94
C VAL A 663 -31.83 -18.76 -14.15
N ARG A 664 -30.58 -19.13 -13.92
CA ARG A 664 -29.63 -19.30 -15.01
C ARG A 664 -30.05 -20.45 -15.92
N GLY A 665 -29.66 -20.34 -17.19
CA GLY A 665 -30.09 -21.28 -18.20
C GLY A 665 -31.32 -20.86 -18.96
N PHE A 666 -32.00 -19.80 -18.53
CA PHE A 666 -33.16 -19.24 -19.20
C PHE A 666 -32.82 -17.86 -19.76
N GLN A 667 -33.51 -17.48 -20.83
CA GLN A 667 -33.31 -16.15 -21.38
C GLN A 667 -33.88 -15.09 -20.45
N SER A 668 -33.24 -13.94 -20.41
CA SER A 668 -33.62 -12.91 -19.45
C SER A 668 -35.07 -12.51 -19.63
N ASN A 669 -35.78 -12.36 -18.51
CA ASN A 669 -37.17 -11.92 -18.50
C ASN A 669 -38.05 -12.80 -19.38
N THR A 670 -37.88 -14.12 -19.24
CA THR A 670 -38.64 -15.08 -20.04
C THR A 670 -39.66 -15.87 -19.22
N ILE A 671 -39.44 -16.05 -17.92
CA ILE A 671 -40.36 -16.77 -17.06
C ILE A 671 -41.55 -15.88 -16.75
N GLY A 672 -42.73 -16.48 -16.64
CA GLY A 672 -43.91 -15.77 -16.22
C GLY A 672 -45.00 -15.77 -17.26
N PRO A 673 -45.98 -14.88 -17.09
CA PRO A 673 -47.03 -14.75 -18.10
C PRO A 673 -46.51 -14.22 -19.43
N LYS A 674 -47.22 -14.56 -20.50
CA LYS A 674 -46.88 -14.14 -21.85
C LYS A 674 -48.00 -13.25 -22.39
N ALA A 675 -47.67 -12.41 -23.36
CA ALA A 675 -48.61 -11.42 -23.85
C ALA A 675 -49.69 -12.05 -24.73
N VAL A 676 -50.87 -11.46 -24.70
CA VAL A 676 -51.99 -11.88 -25.56
C VAL A 676 -52.50 -10.62 -26.24
N TYR A 677 -52.36 -10.57 -27.57
CA TYR A 677 -52.59 -9.35 -28.32
C TYR A 677 -54.00 -9.29 -28.89
N PHE A 678 -54.36 -8.09 -29.35
CA PHE A 678 -55.58 -7.81 -30.08
C PHE A 678 -55.27 -7.66 -31.56
N PRO A 679 -56.21 -7.96 -32.45
CA PRO A 679 -55.96 -7.75 -33.89
C PRO A 679 -55.87 -6.27 -34.23
N HIS A 680 -54.68 -5.80 -34.61
CA HIS A 680 -54.44 -4.38 -34.81
C HIS A 680 -53.62 -4.17 -36.07
N GLN A 681 -53.73 -2.96 -36.62
CA GLN A 681 -52.97 -2.59 -37.81
C GLN A 681 -51.59 -2.11 -37.43
N ALA A 682 -50.58 -2.62 -38.12
CA ALA A 682 -49.21 -2.22 -37.87
C ALA A 682 -49.00 -0.75 -38.23
N SER A 683 -48.06 -0.11 -37.54
CA SER A 683 -47.81 1.30 -37.79
C SER A 683 -47.38 1.55 -39.22
N ASN A 684 -46.47 0.72 -39.74
CA ASN A 684 -46.03 0.82 -41.13
C ASN A 684 -45.74 -0.60 -41.61
N TYR A 685 -46.74 -1.23 -42.23
CA TYR A 685 -46.62 -2.62 -42.65
C TYR A 685 -45.63 -2.75 -43.79
N ASP A 686 -44.81 -3.80 -43.73
CA ASP A 686 -43.86 -4.12 -44.78
C ASP A 686 -43.59 -5.62 -44.77
N PRO A 687 -44.03 -6.37 -45.78
CA PRO A 687 -43.79 -7.82 -45.78
C PRO A 687 -42.32 -8.17 -45.62
N ASP A 688 -42.03 -9.44 -45.38
CA ASP A 688 -40.72 -10.01 -45.08
C ASP A 688 -40.33 -9.75 -43.62
N TYR A 689 -41.15 -9.03 -42.85
CA TYR A 689 -40.89 -8.75 -41.45
C TYR A 689 -41.91 -9.47 -40.59
N ASP A 690 -41.46 -10.00 -39.46
CA ASP A 690 -42.35 -10.74 -38.57
C ASP A 690 -43.08 -9.77 -37.65
N TYR A 691 -44.41 -9.87 -37.64
CA TYR A 691 -45.25 -9.00 -36.84
C TYR A 691 -46.14 -9.84 -35.92
N GLU A 692 -46.59 -9.23 -34.83
CA GLU A 692 -47.39 -9.91 -33.83
C GLU A 692 -48.85 -9.97 -34.31
N CYS A 693 -49.07 -10.80 -35.31
CA CYS A 693 -50.39 -11.08 -35.86
C CYS A 693 -51.19 -9.77 -36.04
N ALA A 694 -50.67 -8.95 -36.95
CA ALA A 694 -51.30 -7.68 -37.30
C ALA A 694 -52.51 -7.90 -38.22
N THR A 695 -53.40 -6.92 -38.23
CA THR A 695 -54.66 -7.06 -38.96
C THR A 695 -54.42 -7.33 -40.44
N GLN A 696 -53.30 -6.88 -40.98
CA GLN A 696 -53.00 -7.05 -42.40
C GLN A 696 -52.37 -8.41 -42.70
N ASP A 697 -52.49 -9.37 -41.79
CA ASP A 697 -51.98 -10.72 -42.01
C ASP A 697 -53.05 -11.78 -41.78
N GLY A 698 -54.32 -11.38 -41.70
CA GLY A 698 -55.38 -12.34 -41.46
C GLY A 698 -55.64 -12.56 -39.99
N ALA A 699 -55.81 -11.48 -39.25
CA ALA A 699 -56.07 -11.53 -37.80
C ALA A 699 -57.51 -11.11 -37.54
N LYS A 700 -58.24 -11.94 -36.80
CA LYS A 700 -59.64 -11.65 -36.51
C LYS A 700 -60.05 -11.98 -35.08
N ASP A 701 -59.11 -12.29 -34.20
CA ASP A 701 -59.45 -12.63 -32.82
C ASP A 701 -58.19 -12.48 -31.97
N LEU A 702 -58.36 -12.71 -30.66
CA LEU A 702 -57.23 -12.65 -29.75
C LEU A 702 -56.14 -13.61 -30.21
N CYS A 703 -54.93 -13.43 -29.67
CA CYS A 703 -53.73 -13.94 -30.30
C CYS A 703 -52.67 -14.18 -29.24
N LYS A 704 -52.25 -15.43 -29.07
CA LYS A 704 -51.22 -15.74 -28.09
C LYS A 704 -49.86 -15.25 -28.56
N SER A 705 -48.88 -15.33 -27.65
CA SER A 705 -47.54 -14.85 -27.94
C SER A 705 -46.56 -15.67 -27.12
N ASP A 706 -45.27 -15.43 -27.37
CA ASP A 706 -44.20 -16.07 -26.61
C ASP A 706 -43.31 -15.04 -25.92
N ASP A 707 -43.74 -13.78 -25.86
CA ASP A 707 -42.93 -12.70 -25.32
C ASP A 707 -43.48 -12.28 -23.96
N ALA A 708 -42.60 -12.21 -22.97
CA ALA A 708 -43.02 -12.11 -21.58
C ALA A 708 -43.60 -10.74 -21.28
N VAL A 709 -44.40 -10.69 -20.23
CA VAL A 709 -44.93 -9.44 -19.71
C VAL A 709 -44.68 -9.26 -18.22
N GLY A 710 -44.37 -10.31 -17.47
CA GLY A 710 -44.18 -10.21 -16.04
C GLY A 710 -45.44 -10.51 -15.26
N GLY A 711 -45.30 -10.45 -13.94
CA GLY A 711 -46.44 -10.61 -13.06
C GLY A 711 -46.20 -9.84 -11.79
N ASN A 712 -47.25 -9.72 -10.99
CA ASN A 712 -47.16 -9.00 -9.72
C ASN A 712 -46.85 -9.89 -8.54
N ALA A 713 -46.61 -11.19 -8.76
CA ALA A 713 -46.07 -12.05 -7.71
C ALA A 713 -44.88 -12.83 -8.26
N MET A 714 -43.85 -12.98 -7.46
CA MET A 714 -42.62 -13.62 -7.90
C MET A 714 -41.98 -14.37 -6.74
N ALA A 715 -41.48 -15.58 -7.03
CA ALA A 715 -40.77 -16.38 -6.03
C ALA A 715 -39.65 -17.16 -6.72
N VAL A 716 -38.42 -16.98 -6.25
CA VAL A 716 -37.24 -17.60 -6.84
C VAL A 716 -36.34 -18.14 -5.73
N ALA A 717 -35.73 -19.30 -5.98
CA ALA A 717 -34.81 -19.90 -5.02
C ALA A 717 -33.65 -20.54 -5.77
N SER A 718 -32.52 -20.68 -5.08
CA SER A 718 -31.34 -21.29 -5.67
C SER A 718 -30.45 -21.88 -4.60
N LEU A 719 -29.95 -23.09 -4.86
CA LEU A 719 -29.04 -23.80 -3.96
C LEU A 719 -27.77 -24.12 -4.73
N GLU A 720 -26.63 -23.74 -4.15
CA GLU A 720 -25.35 -23.79 -4.85
C GLU A 720 -24.30 -24.42 -3.95
N PHE A 721 -23.39 -25.19 -4.56
CA PHE A 721 -22.31 -25.85 -3.87
C PHE A 721 -21.00 -25.32 -4.44
N ILE A 722 -20.19 -24.68 -3.60
CA ILE A 722 -18.95 -24.04 -4.01
C ILE A 722 -17.80 -24.96 -3.63
N THR A 723 -16.96 -25.28 -4.61
CA THR A 723 -15.90 -26.27 -4.45
C THR A 723 -14.58 -25.70 -4.97
N PRO A 724 -13.46 -26.28 -4.56
CA PRO A 724 -12.16 -25.81 -5.08
C PRO A 724 -12.04 -26.06 -6.58
N THR A 725 -11.34 -25.16 -7.24
CA THR A 725 -11.14 -25.29 -8.68
C THR A 725 -10.22 -26.49 -8.94
N PRO A 726 -10.62 -27.42 -9.81
CA PRO A 726 -9.89 -28.71 -9.88
C PRO A 726 -8.55 -28.66 -10.60
N PHE A 727 -8.45 -27.93 -11.71
CA PHE A 727 -7.27 -28.02 -12.57
C PHE A 727 -6.27 -26.89 -12.40
N ILE A 728 -6.73 -25.71 -11.95
CA ILE A 728 -5.83 -24.57 -11.86
C ILE A 728 -4.71 -24.87 -10.87
N SER A 729 -3.55 -24.26 -11.10
CA SER A 729 -2.40 -24.48 -10.25
C SER A 729 -2.72 -24.05 -8.82
N ASP A 730 -2.19 -24.79 -7.85
CA ASP A 730 -2.51 -24.54 -6.45
C ASP A 730 -1.97 -23.22 -5.96
N LYS A 731 -1.01 -22.62 -6.67
CA LYS A 731 -0.45 -21.34 -6.22
C LYS A 731 -1.49 -20.22 -6.28
N TYR A 732 -2.44 -20.31 -7.22
CA TYR A 732 -3.45 -19.26 -7.37
C TYR A 732 -4.82 -19.85 -7.65
N ALA A 733 -5.11 -21.03 -7.11
CA ALA A 733 -6.42 -21.64 -7.27
C ALA A 733 -7.48 -21.04 -6.37
N ASN A 734 -7.09 -20.19 -5.42
CA ASN A 734 -8.05 -19.54 -4.54
C ASN A 734 -8.60 -18.25 -5.11
N SER A 735 -8.11 -17.82 -6.27
CA SER A 735 -8.60 -16.61 -6.93
C SER A 735 -9.70 -16.89 -7.94
N VAL A 736 -10.05 -18.15 -8.16
CA VAL A 736 -11.12 -18.54 -9.07
C VAL A 736 -12.13 -19.35 -8.27
N ARG A 737 -13.41 -19.00 -8.41
CA ARG A 737 -14.49 -19.67 -7.67
C ARG A 737 -15.28 -20.56 -8.63
N THR A 738 -15.51 -21.80 -8.23
CA THR A 738 -16.23 -22.79 -9.02
C THR A 738 -17.44 -23.29 -8.25
N SER A 739 -18.58 -23.37 -8.94
CA SER A 739 -19.84 -23.68 -8.29
C SER A 739 -20.68 -24.60 -9.15
N PHE A 740 -21.49 -25.42 -8.48
CA PHE A 740 -22.52 -26.23 -9.13
C PHE A 740 -23.86 -25.83 -8.52
N PHE A 741 -24.81 -25.43 -9.37
CA PHE A 741 -26.02 -24.78 -8.89
C PHE A 741 -27.28 -25.44 -9.39
N TRP A 742 -28.36 -25.24 -8.62
CA TRP A 742 -29.71 -25.67 -8.98
C TRP A 742 -30.66 -24.52 -8.68
N ASP A 743 -31.41 -24.08 -9.69
CA ASP A 743 -32.28 -22.92 -9.60
C ASP A 743 -33.73 -23.29 -9.86
N MET A 744 -34.63 -22.71 -9.07
CA MET A 744 -36.07 -22.80 -9.26
C MET A 744 -36.65 -21.40 -9.27
N GLY A 745 -37.72 -21.21 -10.03
CA GLY A 745 -38.32 -19.90 -10.12
C GLY A 745 -39.71 -19.94 -10.70
N THR A 746 -40.49 -18.92 -10.35
CA THR A 746 -41.83 -18.76 -10.91
C THR A 746 -42.31 -17.34 -10.71
N VAL A 747 -43.11 -16.86 -11.67
CA VAL A 747 -43.73 -15.55 -11.65
C VAL A 747 -45.16 -15.71 -12.11
N TRP A 748 -46.08 -14.97 -11.51
CA TRP A 748 -47.47 -15.07 -11.94
C TRP A 748 -48.24 -13.78 -11.67
N ASP A 749 -49.37 -13.67 -12.37
CA ASP A 749 -50.25 -12.51 -12.36
C ASP A 749 -51.55 -12.91 -11.68
N THR A 750 -51.74 -12.42 -10.45
CA THR A 750 -52.86 -12.89 -9.63
C THR A 750 -54.21 -12.39 -10.14
N ASN A 751 -54.23 -11.43 -11.06
CA ASN A 751 -55.48 -10.84 -11.54
C ASN A 751 -56.00 -11.48 -12.83
N TRP A 752 -55.25 -12.39 -13.43
CA TRP A 752 -55.67 -12.98 -14.69
C TRP A 752 -56.90 -13.85 -14.46
N ASP A 753 -58.03 -13.47 -15.05
CA ASP A 753 -59.28 -14.21 -14.90
C ASP A 753 -59.35 -15.25 -16.00
N SER A 754 -59.23 -16.52 -15.62
CA SER A 754 -59.26 -17.62 -16.58
C SER A 754 -60.67 -17.90 -17.10
N SER A 755 -61.70 -17.49 -16.37
CA SER A 755 -63.06 -17.78 -16.81
C SER A 755 -63.39 -17.09 -18.12
N GLN A 756 -62.94 -15.83 -18.29
CA GLN A 756 -63.21 -15.11 -19.52
C GLN A 756 -62.38 -15.65 -20.68
N TYR A 757 -61.09 -15.87 -20.44
CA TYR A 757 -60.17 -16.40 -21.46
C TYR A 757 -59.93 -17.87 -21.18
N SER A 758 -60.87 -18.70 -21.63
CA SER A 758 -60.82 -20.13 -21.36
C SER A 758 -59.83 -20.85 -22.26
N GLY A 759 -59.65 -20.37 -23.50
CA GLY A 759 -58.81 -21.07 -24.45
C GLY A 759 -57.33 -20.89 -24.20
N TYR A 760 -56.95 -19.93 -23.38
CA TYR A 760 -55.55 -19.61 -23.15
C TYR A 760 -55.09 -20.15 -21.80
N PRO A 761 -53.78 -20.27 -21.59
CA PRO A 761 -53.27 -20.81 -20.33
C PRO A 761 -53.66 -19.93 -19.15
N ASP A 762 -53.63 -20.54 -17.97
CA ASP A 762 -53.91 -19.83 -16.72
C ASP A 762 -52.59 -19.24 -16.22
N TYR A 763 -52.43 -17.93 -16.35
CA TYR A 763 -51.21 -17.24 -15.95
C TYR A 763 -51.24 -16.82 -14.50
N SER A 764 -52.29 -17.15 -13.75
CA SER A 764 -52.40 -16.85 -12.33
C SER A 764 -52.07 -18.03 -11.44
N ASP A 765 -51.47 -19.09 -12.00
CA ASP A 765 -51.11 -20.27 -11.23
C ASP A 765 -49.69 -20.14 -10.71
N PRO A 766 -49.46 -20.27 -9.39
CA PRO A 766 -48.08 -20.24 -8.88
C PRO A 766 -47.33 -21.55 -9.00
N SER A 767 -47.97 -22.61 -9.48
CA SER A 767 -47.40 -23.95 -9.46
C SER A 767 -46.52 -24.26 -10.65
N ASN A 768 -46.40 -23.35 -11.61
CA ASN A 768 -45.54 -23.56 -12.78
C ASN A 768 -44.11 -23.17 -12.41
N ILE A 769 -43.37 -24.12 -11.82
CA ILE A 769 -42.01 -23.89 -11.36
C ILE A 769 -41.06 -24.27 -12.49
N ARG A 770 -40.11 -23.39 -12.79
CA ARG A 770 -39.07 -23.63 -13.78
C ARG A 770 -37.78 -23.98 -13.06
N MET A 771 -37.11 -25.04 -13.52
CA MET A 771 -35.93 -25.57 -12.85
C MET A 771 -34.78 -25.74 -13.84
N SER A 772 -33.59 -25.37 -13.39
CA SER A 772 -32.39 -25.58 -14.18
C SER A 772 -31.25 -25.96 -13.25
N ALA A 773 -30.20 -26.55 -13.82
CA ALA A 773 -29.03 -26.95 -13.06
C ALA A 773 -27.80 -26.82 -13.93
N GLY A 774 -26.65 -26.59 -13.30
CA GLY A 774 -25.43 -26.44 -14.07
C GLY A 774 -24.20 -26.02 -13.29
N ILE A 775 -23.24 -25.41 -13.99
CA ILE A 775 -21.94 -25.06 -13.42
C ILE A 775 -21.64 -23.60 -13.72
N ALA A 776 -20.84 -22.97 -12.85
CA ALA A 776 -20.49 -21.57 -12.98
C ALA A 776 -19.08 -21.31 -12.46
N LEU A 777 -18.44 -20.29 -13.05
CA LEU A 777 -17.08 -19.89 -12.70
C LEU A 777 -17.00 -18.38 -12.57
N GLN A 778 -16.21 -17.91 -11.62
CA GLN A 778 -16.03 -16.47 -11.40
C GLN A 778 -14.58 -16.16 -11.10
N TRP A 779 -14.09 -15.02 -11.59
CA TRP A 779 -12.77 -14.55 -11.17
C TRP A 779 -12.56 -13.13 -11.68
N MET A 780 -11.53 -12.47 -11.12
CA MET A 780 -11.18 -11.11 -11.49
C MET A 780 -10.10 -11.14 -12.57
N SER A 781 -10.31 -10.36 -13.63
CA SER A 781 -9.44 -10.30 -14.79
C SER A 781 -8.97 -8.86 -15.00
N PRO A 782 -7.97 -8.64 -15.87
CA PRO A 782 -7.60 -7.26 -16.20
C PRO A 782 -8.73 -6.44 -16.81
N LEU A 783 -9.80 -7.09 -17.29
CA LEU A 783 -10.97 -6.38 -17.79
C LEU A 783 -12.02 -6.14 -16.73
N GLY A 784 -11.83 -6.62 -15.51
CA GLY A 784 -12.82 -6.51 -14.47
C GLY A 784 -13.30 -7.88 -14.01
N PRO A 785 -14.36 -7.91 -13.21
CA PRO A 785 -14.94 -9.21 -12.85
C PRO A 785 -15.45 -9.95 -14.06
N LEU A 786 -15.26 -11.27 -14.06
CA LEU A 786 -15.74 -12.15 -15.12
C LEU A 786 -16.56 -13.26 -14.48
N VAL A 787 -17.76 -13.48 -15.00
CA VAL A 787 -18.64 -14.55 -14.55
C VAL A 787 -19.10 -15.33 -15.78
N PHE A 788 -18.96 -16.65 -15.73
CA PHE A 788 -19.43 -17.53 -16.80
C PHE A 788 -20.33 -18.60 -16.19
N SER A 789 -21.30 -19.06 -16.97
CA SER A 789 -22.25 -20.05 -16.48
C SER A 789 -22.74 -20.87 -17.65
N TYR A 790 -22.82 -22.19 -17.45
CA TYR A 790 -23.49 -23.08 -18.37
C TYR A 790 -24.52 -23.89 -17.60
N ALA A 791 -25.78 -23.81 -18.03
CA ALA A 791 -26.89 -24.43 -17.33
C ALA A 791 -27.81 -25.10 -18.33
N GLN A 792 -28.63 -26.02 -17.84
CA GLN A 792 -29.55 -26.79 -18.68
C GLN A 792 -30.94 -26.75 -18.05
N PRO A 793 -31.87 -25.95 -18.59
CA PRO A 793 -33.20 -25.89 -17.99
C PRO A 793 -33.98 -27.17 -18.22
N PHE A 794 -34.15 -27.98 -17.17
CA PHE A 794 -34.75 -29.31 -17.36
C PHE A 794 -36.22 -29.34 -17.00
N LYS A 795 -36.80 -28.21 -16.61
CA LYS A 795 -38.25 -28.11 -16.38
C LYS A 795 -38.66 -26.72 -16.84
N LYS A 796 -39.28 -26.66 -18.02
CA LYS A 796 -39.72 -25.40 -18.58
C LYS A 796 -41.03 -25.61 -19.30
N TYR A 797 -41.74 -24.51 -19.52
CA TYR A 797 -43.09 -24.53 -20.07
C TYR A 797 -43.12 -23.82 -21.41
N ASP A 798 -44.21 -23.99 -22.13
CA ASP A 798 -44.33 -23.43 -23.48
C ASP A 798 -44.17 -21.92 -23.45
N GLY A 799 -43.34 -21.41 -24.36
CA GLY A 799 -43.02 -20.01 -24.44
C GLY A 799 -41.65 -19.66 -23.90
N ASP A 800 -41.20 -20.34 -22.85
CA ASP A 800 -39.90 -20.03 -22.27
C ASP A 800 -38.80 -20.29 -23.28
N LYS A 801 -37.85 -19.36 -23.36
CA LYS A 801 -36.70 -19.48 -24.24
C LYS A 801 -35.46 -19.77 -23.40
N ALA A 802 -34.73 -20.80 -23.79
CA ALA A 802 -33.55 -21.24 -23.07
C ALA A 802 -32.30 -20.60 -23.65
N GLU A 803 -31.35 -20.30 -22.76
CA GLU A 803 -30.05 -19.72 -23.14
C GLU A 803 -29.03 -20.35 -22.20
N GLN A 804 -28.41 -21.44 -22.63
CA GLN A 804 -27.57 -22.22 -21.73
C GLN A 804 -26.31 -21.46 -21.32
N PHE A 805 -25.57 -20.93 -22.29
CA PHE A 805 -24.31 -20.26 -22.00
C PHE A 805 -24.56 -18.78 -21.75
N GLN A 806 -24.17 -18.31 -20.57
CA GLN A 806 -24.33 -16.92 -20.20
C GLN A 806 -23.05 -16.41 -19.57
N PHE A 807 -22.77 -15.13 -19.73
CA PHE A 807 -21.53 -14.56 -19.24
C PHE A 807 -21.71 -13.07 -18.97
N ASN A 808 -20.77 -12.54 -18.19
CA ASN A 808 -20.73 -11.12 -17.85
C ASN A 808 -19.28 -10.71 -17.68
N ILE A 809 -18.90 -9.61 -18.32
CA ILE A 809 -17.51 -9.19 -18.41
C ILE A 809 -17.41 -7.75 -17.92
N GLY A 810 -16.72 -7.56 -16.80
CA GLY A 810 -16.33 -6.24 -16.33
C GLY A 810 -17.46 -5.33 -15.92
N LYS A 811 -18.67 -5.84 -15.78
CA LYS A 811 -19.83 -4.99 -15.54
C LYS A 811 -20.18 -5.06 -14.06
N THR A 812 -20.18 -3.90 -13.40
CA THR A 812 -20.51 -3.80 -11.98
C THR A 812 -21.37 -2.57 -11.73
N TRP A 813 -22.29 -2.28 -12.65
CA TRP A 813 -23.19 -1.15 -12.51
C TRP A 813 -24.55 -1.46 -13.13
N ASN B 27 4.74 2.86 -23.11
CA ASN B 27 5.52 1.91 -22.32
C ASN B 27 6.65 1.32 -23.15
N SER B 28 7.87 1.36 -22.60
CA SER B 28 9.05 0.88 -23.30
C SER B 28 10.05 0.35 -22.28
N GLU B 29 10.98 -0.47 -22.78
CA GLU B 29 12.02 -1.06 -21.95
C GLU B 29 13.37 -0.92 -22.66
N GLU B 30 14.44 -0.89 -21.87
CA GLU B 30 15.78 -0.72 -22.41
C GLU B 30 16.76 -1.51 -21.55
N ASP B 31 17.97 -1.68 -22.08
CA ASP B 31 19.05 -2.41 -21.40
C ASP B 31 20.31 -1.56 -21.38
N VAL B 32 21.10 -1.74 -20.32
CA VAL B 32 22.29 -0.90 -20.14
C VAL B 32 23.31 -1.19 -21.23
N VAL B 33 23.57 -2.46 -21.51
CA VAL B 33 24.60 -2.89 -22.44
C VAL B 33 23.93 -3.51 -23.64
N LYS B 34 24.27 -3.03 -24.83
CA LYS B 34 23.65 -3.52 -26.05
C LYS B 34 24.21 -4.89 -26.40
N MET B 35 23.31 -5.80 -26.78
CA MET B 35 23.71 -7.14 -27.16
C MET B 35 24.72 -7.06 -28.30
N SER B 36 25.76 -7.88 -28.23
CA SER B 36 26.74 -7.93 -29.30
C SER B 36 26.13 -8.59 -30.54
N PRO B 37 26.59 -8.19 -31.73
CA PRO B 37 26.14 -8.85 -32.95
C PRO B 37 26.78 -10.20 -33.27
N LEU B 38 26.08 -11.02 -34.04
CA LEU B 38 26.57 -12.36 -34.38
C LEU B 38 27.77 -12.25 -35.31
N PRO B 39 28.94 -12.76 -34.94
CA PRO B 39 30.10 -12.60 -35.82
C PRO B 39 29.91 -13.33 -37.14
N THR B 40 30.45 -12.73 -38.20
CA THR B 40 30.42 -13.31 -39.54
C THR B 40 31.76 -13.97 -39.81
N VAL B 41 31.73 -15.29 -39.98
CA VAL B 41 32.94 -16.08 -40.20
C VAL B 41 32.69 -17.04 -41.35
N GLU B 42 33.79 -17.49 -41.95
CA GLU B 42 33.76 -18.46 -43.04
C GLU B 42 34.24 -19.80 -42.50
N ASN B 43 33.35 -20.80 -42.53
CA ASN B 43 33.62 -22.08 -41.91
C ASN B 43 34.85 -22.72 -42.54
N GLN B 44 35.94 -22.83 -41.77
CA GLN B 44 37.11 -23.53 -42.26
C GLN B 44 36.79 -25.00 -42.52
N PHE B 45 36.02 -25.62 -41.63
CA PHE B 45 35.51 -26.97 -41.81
C PHE B 45 34.02 -26.96 -41.53
N THR B 46 33.32 -27.95 -42.05
CA THR B 46 31.87 -28.03 -41.89
C THR B 46 31.52 -28.89 -40.69
N PRO B 47 30.87 -28.35 -39.67
CA PRO B 47 30.37 -29.20 -38.58
C PRO B 47 29.08 -29.89 -38.98
N THR B 48 28.68 -30.87 -38.16
CA THR B 48 27.51 -31.69 -38.43
C THR B 48 26.77 -31.92 -37.12
N THR B 49 25.85 -32.88 -37.14
CA THR B 49 25.10 -33.26 -35.94
C THR B 49 24.73 -34.73 -36.09
N ALA B 50 25.50 -35.60 -35.44
CA ALA B 50 25.33 -37.05 -35.63
C ALA B 50 23.92 -37.48 -35.27
N TRP B 51 23.39 -37.00 -34.14
CA TRP B 51 22.04 -37.34 -33.74
C TRP B 51 21.54 -36.33 -32.72
N SER B 52 20.23 -36.36 -32.49
CA SER B 52 19.61 -35.52 -31.49
C SER B 52 18.38 -36.24 -30.95
N THR B 53 18.27 -36.25 -29.62
CA THR B 53 17.15 -36.88 -28.93
C THR B 53 16.48 -35.84 -28.06
N SER B 54 15.24 -36.11 -27.67
CA SER B 54 14.46 -35.15 -26.91
C SER B 54 14.21 -35.68 -25.49
N VAL B 55 14.26 -34.76 -24.53
CA VAL B 55 13.91 -35.04 -23.15
C VAL B 55 12.85 -34.02 -22.74
N GLY B 56 12.00 -34.41 -21.80
CA GLY B 56 10.81 -33.62 -21.52
C GLY B 56 11.08 -32.26 -20.93
N SER B 57 10.92 -31.21 -21.73
CA SER B 57 10.92 -29.81 -21.32
C SER B 57 12.27 -29.30 -20.84
N GLY B 58 13.30 -30.14 -20.76
CA GLY B 58 14.60 -29.67 -20.34
C GLY B 58 14.54 -28.96 -19.01
N ILE B 59 15.26 -27.84 -18.89
CA ILE B 59 15.26 -27.05 -17.68
C ILE B 59 14.40 -25.80 -17.81
N GLY B 60 14.30 -25.20 -18.99
CA GLY B 60 13.51 -24.00 -19.18
C GLY B 60 14.27 -22.73 -18.88
N ASN B 61 13.60 -21.76 -18.27
CA ASN B 61 14.23 -20.48 -17.93
C ASN B 61 14.99 -20.54 -16.61
N PHE B 62 14.96 -21.67 -15.90
CA PHE B 62 15.63 -21.76 -14.61
C PHE B 62 17.14 -21.97 -14.79
N TYR B 63 17.90 -21.39 -13.89
CA TYR B 63 19.36 -21.50 -13.90
C TYR B 63 19.74 -22.78 -13.18
N SER B 64 20.10 -23.81 -13.94
CA SER B 64 20.39 -25.13 -13.38
C SER B 64 21.76 -25.59 -13.85
N ASN B 65 22.30 -26.55 -13.12
CA ASN B 65 23.53 -27.24 -13.48
C ASN B 65 23.28 -28.53 -14.25
N LEU B 66 22.02 -28.89 -14.49
CA LEU B 66 21.70 -30.18 -15.07
C LEU B 66 22.28 -30.30 -16.47
N HIS B 67 22.95 -31.41 -16.74
CA HIS B 67 23.56 -31.67 -18.04
C HIS B 67 23.80 -33.16 -18.18
N PRO B 68 24.04 -33.65 -19.38
CA PRO B 68 24.21 -35.09 -19.58
C PRO B 68 25.56 -35.58 -19.09
N ALA B 69 25.69 -36.91 -19.04
CA ALA B 69 26.94 -37.56 -18.64
C ALA B 69 27.20 -38.75 -19.55
N LEU B 70 28.47 -39.11 -19.68
CA LEU B 70 28.91 -40.21 -20.52
C LEU B 70 29.61 -41.26 -19.66
N ALA B 71 29.33 -42.53 -19.92
CA ALA B 71 30.07 -43.61 -19.29
C ALA B 71 29.84 -44.90 -20.06
N ASP B 72 30.90 -45.44 -20.66
CA ASP B 72 30.87 -46.74 -21.32
C ASP B 72 29.83 -46.75 -22.44
N ASN B 73 30.01 -45.86 -23.40
CA ASN B 73 29.22 -45.83 -24.63
C ASN B 73 27.72 -45.78 -24.33
N VAL B 74 27.33 -44.86 -23.45
CA VAL B 74 25.93 -44.57 -23.20
C VAL B 74 25.85 -43.23 -22.47
N VAL B 75 24.83 -42.44 -22.79
CA VAL B 75 24.69 -41.07 -22.30
C VAL B 75 23.44 -40.98 -21.44
N TYR B 76 23.58 -40.41 -20.25
CA TYR B 76 22.49 -40.24 -19.31
C TYR B 76 22.08 -38.78 -19.25
N ALA B 77 20.78 -38.52 -19.31
CA ALA B 77 20.25 -37.17 -19.27
C ALA B 77 19.03 -37.13 -18.37
N ALA B 78 18.60 -35.92 -18.03
CA ALA B 78 17.45 -35.73 -17.16
C ALA B 78 16.85 -34.36 -17.43
N ASP B 79 15.65 -34.16 -16.89
CA ASP B 79 14.99 -32.86 -16.96
C ASP B 79 14.53 -32.45 -15.57
N ARG B 80 14.22 -31.17 -15.43
CA ARG B 80 13.85 -30.63 -14.12
C ARG B 80 12.60 -31.30 -13.57
N ALA B 81 11.70 -31.75 -14.43
CA ALA B 81 10.46 -32.36 -13.96
C ALA B 81 10.73 -33.64 -13.19
N GLY B 82 11.67 -34.46 -13.66
CA GLY B 82 12.00 -35.69 -12.96
C GLY B 82 12.39 -36.82 -13.89
N LEU B 83 12.13 -36.67 -15.19
CA LEU B 83 12.40 -37.74 -16.13
C LEU B 83 13.89 -37.91 -16.36
N VAL B 84 14.35 -39.16 -16.33
CA VAL B 84 15.76 -39.51 -16.54
C VAL B 84 15.81 -40.57 -17.62
N LYS B 85 16.71 -40.38 -18.59
CA LYS B 85 16.80 -41.24 -19.76
C LYS B 85 18.24 -41.70 -19.96
N ALA B 86 18.38 -42.92 -20.48
CA ALA B 86 19.65 -43.45 -20.94
C ALA B 86 19.56 -43.72 -22.44
N LEU B 87 20.54 -43.23 -23.19
CA LEU B 87 20.53 -43.30 -24.65
C LEU B 87 21.84 -43.90 -25.13
N ASN B 88 21.76 -44.65 -26.23
CA ASN B 88 22.96 -45.15 -26.86
C ASN B 88 23.78 -44.00 -27.42
N ALA B 89 25.08 -44.01 -27.16
CA ALA B 89 25.95 -42.92 -27.57
C ALA B 89 26.22 -42.88 -29.07
N ASP B 90 25.86 -43.93 -29.81
CA ASP B 90 26.15 -44.02 -31.22
C ASP B 90 25.00 -43.56 -32.11
N ASP B 91 23.78 -43.94 -31.79
CA ASP B 91 22.61 -43.57 -32.59
C ASP B 91 21.52 -42.87 -31.78
N GLY B 92 21.69 -42.72 -30.47
CA GLY B 92 20.71 -42.05 -29.65
C GLY B 92 19.51 -42.89 -29.27
N LYS B 93 19.55 -44.20 -29.52
CA LYS B 93 18.43 -45.05 -29.18
C LYS B 93 18.28 -45.16 -27.66
N GLU B 94 17.04 -45.12 -27.20
CA GLU B 94 16.75 -45.16 -25.77
C GLU B 94 16.99 -46.57 -25.21
N ILE B 95 17.55 -46.62 -24.01
CA ILE B 95 17.79 -47.88 -23.32
C ILE B 95 16.76 -48.04 -22.21
N TRP B 96 16.69 -47.05 -21.32
CA TRP B 96 15.69 -47.06 -20.25
C TRP B 96 15.34 -45.63 -19.89
N SER B 97 14.19 -45.48 -19.23
CA SER B 97 13.68 -44.18 -18.85
C SER B 97 12.83 -44.33 -17.60
N VAL B 98 13.06 -43.46 -16.61
CA VAL B 98 12.37 -43.53 -15.34
C VAL B 98 12.06 -42.12 -14.87
N SER B 99 10.87 -41.93 -14.31
CA SER B 99 10.46 -40.64 -13.78
C SER B 99 10.51 -40.69 -12.26
N LEU B 100 11.14 -39.67 -11.66
CA LEU B 100 11.32 -39.60 -10.22
C LEU B 100 10.32 -38.66 -9.54
N ALA B 101 9.25 -38.28 -10.25
CA ALA B 101 8.25 -37.38 -9.70
C ALA B 101 7.16 -38.18 -9.01
N GLU B 102 7.00 -37.96 -7.70
CA GLU B 102 5.97 -38.66 -6.95
C GLU B 102 4.59 -38.09 -7.28
N LYS B 103 3.60 -38.97 -7.36
CA LYS B 103 2.24 -38.59 -7.72
C LYS B 103 1.26 -39.21 -6.72
N ASP B 104 0.32 -38.39 -6.24
CA ASP B 104 -0.75 -38.87 -5.36
C ASP B 104 -1.94 -39.34 -6.20
N GLY B 105 -1.71 -40.41 -6.96
CA GLY B 105 -2.72 -40.95 -7.84
C GLY B 105 -2.51 -40.57 -9.29
N TRP B 106 -3.59 -40.51 -10.06
CA TRP B 106 -3.53 -40.23 -11.49
C TRP B 106 -3.77 -38.77 -11.81
N PHE B 107 -3.93 -37.90 -10.81
CA PHE B 107 -4.18 -36.48 -11.02
C PHE B 107 -3.04 -35.61 -10.54
N SER B 108 -2.63 -35.74 -9.28
CA SER B 108 -1.58 -34.91 -8.72
C SER B 108 -0.22 -35.39 -9.17
N LYS B 109 0.67 -34.45 -9.48
CA LYS B 109 2.03 -34.77 -9.88
C LYS B 109 2.91 -33.56 -9.58
N GLU B 110 3.75 -33.67 -8.55
CA GLU B 110 4.64 -32.56 -8.26
C GLU B 110 6.02 -32.82 -8.84
N PRO B 111 6.68 -31.82 -9.44
CA PRO B 111 7.99 -32.07 -10.04
C PRO B 111 9.05 -32.40 -9.00
N ALA B 112 10.04 -33.18 -9.44
CA ALA B 112 11.18 -33.49 -8.57
C ALA B 112 12.15 -32.32 -8.43
N LEU B 113 12.16 -31.40 -9.40
CA LEU B 113 13.07 -30.26 -9.39
C LEU B 113 14.52 -30.71 -9.34
N LEU B 114 14.94 -31.42 -10.39
CA LEU B 114 16.31 -31.88 -10.49
C LEU B 114 17.21 -30.73 -10.95
N SER B 115 18.27 -30.47 -10.20
CA SER B 115 19.19 -29.38 -10.53
C SER B 115 20.65 -29.77 -10.45
N GLY B 116 21.02 -30.83 -9.73
CA GLY B 116 22.41 -31.22 -9.64
C GLY B 116 22.82 -32.10 -10.80
N GLY B 117 23.81 -31.64 -11.56
CA GLY B 117 24.20 -32.33 -12.78
C GLY B 117 24.29 -33.82 -12.63
N VAL B 118 24.01 -34.55 -13.71
CA VAL B 118 24.04 -36.01 -13.65
C VAL B 118 25.49 -36.47 -13.54
N THR B 119 25.77 -37.29 -12.54
CA THR B 119 27.11 -37.87 -12.35
C THR B 119 27.00 -39.38 -12.44
N VAL B 120 28.03 -40.02 -12.98
CA VAL B 120 28.08 -41.48 -13.09
C VAL B 120 29.43 -41.94 -12.59
N SER B 121 29.42 -42.93 -11.69
CA SER B 121 30.66 -43.53 -11.23
C SER B 121 30.39 -44.82 -10.47
N GLY B 122 31.03 -45.91 -10.89
CA GLY B 122 30.87 -47.18 -10.19
C GLY B 122 29.47 -47.75 -10.25
N GLY B 123 28.85 -47.72 -11.43
CA GLY B 123 27.53 -48.30 -11.59
C GLY B 123 26.43 -47.61 -10.82
N HIS B 124 26.45 -46.27 -10.79
CA HIS B 124 25.37 -45.50 -10.18
C HIS B 124 25.25 -44.18 -10.94
N VAL B 125 24.07 -43.58 -10.82
CA VAL B 125 23.79 -42.28 -11.44
C VAL B 125 23.30 -41.38 -10.32
N TYR B 126 24.13 -40.42 -9.92
CA TYR B 126 23.82 -39.52 -8.83
C TYR B 126 23.25 -38.21 -9.37
N ILE B 127 22.12 -37.80 -8.80
CA ILE B 127 21.46 -36.55 -9.15
C ILE B 127 20.93 -35.89 -7.88
N GLY B 128 21.21 -34.60 -7.73
CA GLY B 128 20.63 -33.83 -6.65
C GLY B 128 19.30 -33.23 -7.04
N SER B 129 18.66 -32.56 -6.08
CA SER B 129 17.33 -32.02 -6.30
C SER B 129 17.14 -30.76 -5.46
N GLU B 130 16.21 -29.91 -5.91
CA GLU B 130 15.88 -28.69 -5.19
C GLU B 130 15.12 -28.95 -3.90
N LYS B 131 14.65 -30.17 -3.69
CA LYS B 131 13.96 -30.54 -2.46
C LYS B 131 14.91 -31.17 -1.45
N ALA B 132 16.20 -30.91 -1.57
CA ALA B 132 17.21 -31.41 -0.64
C ALA B 132 17.26 -32.94 -0.67
N GLN B 133 17.14 -33.51 -1.86
CA GLN B 133 17.16 -34.96 -2.04
C GLN B 133 18.26 -35.32 -3.02
N VAL B 134 18.94 -36.43 -2.76
CA VAL B 134 19.99 -36.95 -3.63
C VAL B 134 19.60 -38.38 -3.96
N TYR B 135 19.43 -38.65 -5.26
CA TYR B 135 19.09 -39.98 -5.75
C TYR B 135 20.32 -40.64 -6.35
N ALA B 136 20.45 -41.95 -6.13
CA ALA B 136 21.53 -42.73 -6.76
C ALA B 136 20.88 -43.90 -7.48
N LEU B 137 20.56 -43.70 -8.75
CA LEU B 137 19.93 -44.73 -9.56
C LEU B 137 20.96 -45.75 -10.02
N ASN B 138 20.47 -46.85 -10.59
CA ASN B 138 21.30 -47.92 -11.14
C ASN B 138 21.42 -47.74 -12.64
N THR B 139 22.64 -47.85 -13.16
CA THR B 139 22.87 -47.66 -14.58
C THR B 139 22.19 -48.74 -15.42
N SER B 140 21.98 -49.93 -14.86
CA SER B 140 21.44 -51.06 -15.62
C SER B 140 19.93 -50.98 -15.79
N ASP B 141 19.20 -50.67 -14.72
CA ASP B 141 17.74 -50.71 -14.74
C ASP B 141 17.08 -49.36 -14.53
N GLY B 142 17.77 -48.39 -13.94
CA GLY B 142 17.14 -47.13 -13.59
C GLY B 142 16.33 -47.18 -12.32
N THR B 143 16.63 -48.12 -11.43
CA THR B 143 15.93 -48.28 -10.16
C THR B 143 16.71 -47.60 -9.05
N VAL B 144 16.01 -46.86 -8.20
CA VAL B 144 16.67 -46.07 -7.17
C VAL B 144 17.41 -47.00 -6.22
N ALA B 145 18.75 -46.94 -6.24
CA ALA B 145 19.54 -47.73 -5.30
C ALA B 145 19.44 -47.16 -3.90
N TRP B 146 19.48 -45.84 -3.77
CA TRP B 146 19.21 -45.20 -2.50
C TRP B 146 18.84 -43.74 -2.76
N GLN B 147 18.27 -43.12 -1.73
CA GLN B 147 17.88 -41.72 -1.77
C GLN B 147 18.09 -41.13 -0.39
N THR B 148 18.76 -39.99 -0.33
CA THR B 148 19.15 -39.37 0.93
C THR B 148 18.63 -37.94 0.99
N LYS B 149 18.39 -37.46 2.20
CA LYS B 149 17.98 -36.09 2.44
C LYS B 149 19.17 -35.29 2.93
N VAL B 150 19.42 -34.13 2.32
CA VAL B 150 20.58 -33.32 2.64
C VAL B 150 20.12 -32.03 3.30
N ALA B 151 21.08 -31.17 3.69
CA ALA B 151 20.74 -29.98 4.46
C ALA B 151 19.85 -29.04 3.65
N GLY B 152 20.15 -28.83 2.38
CA GLY B 152 19.38 -27.91 1.56
C GLY B 152 19.40 -28.29 0.11
N GLU B 153 19.06 -27.35 -0.77
CA GLU B 153 19.05 -27.63 -2.19
C GLU B 153 20.42 -28.08 -2.67
N ALA B 154 20.46 -29.18 -3.40
CA ALA B 154 21.71 -29.72 -3.95
C ALA B 154 21.92 -29.12 -5.32
N LEU B 155 22.60 -27.97 -5.37
CA LEU B 155 22.76 -27.20 -6.59
C LEU B 155 24.05 -27.52 -7.33
N SER B 156 24.89 -28.41 -6.82
CA SER B 156 26.20 -28.67 -7.39
C SER B 156 26.26 -30.07 -7.97
N ARG B 157 27.23 -30.27 -8.85
CA ARG B 157 27.47 -31.60 -9.41
C ARG B 157 27.93 -32.54 -8.29
N PRO B 158 27.31 -33.72 -8.13
CA PRO B 158 27.72 -34.62 -7.06
C PRO B 158 29.07 -35.28 -7.30
N VAL B 159 30.15 -34.59 -6.96
CA VAL B 159 31.49 -35.14 -7.13
C VAL B 159 31.62 -36.43 -6.33
N VAL B 160 32.27 -37.42 -6.93
CA VAL B 160 32.48 -38.73 -6.32
C VAL B 160 33.98 -38.97 -6.18
N SER B 161 34.41 -39.38 -4.99
CA SER B 161 35.82 -39.60 -4.73
C SER B 161 36.01 -40.41 -3.46
N ASP B 162 36.87 -41.42 -3.55
CA ASP B 162 37.26 -42.23 -2.38
C ASP B 162 36.05 -42.79 -1.65
N GLY B 163 35.13 -43.38 -2.41
CA GLY B 163 33.96 -43.98 -1.82
C GLY B 163 33.00 -43.01 -1.18
N LEU B 164 33.18 -41.71 -1.42
CA LEU B 164 32.32 -40.68 -0.87
C LEU B 164 31.70 -39.86 -1.99
N VAL B 165 30.55 -39.26 -1.69
CA VAL B 165 29.84 -38.40 -2.63
C VAL B 165 29.74 -37.04 -1.96
N LEU B 166 30.43 -36.05 -2.51
CA LEU B 166 30.44 -34.72 -1.91
C LEU B 166 29.34 -33.85 -2.50
N ILE B 167 28.65 -33.11 -1.65
CA ILE B 167 27.51 -32.30 -2.04
C ILE B 167 27.66 -30.92 -1.42
N HIS B 168 27.47 -29.87 -2.22
CA HIS B 168 27.50 -28.50 -1.75
C HIS B 168 26.08 -27.95 -1.84
N THR B 169 25.44 -27.81 -0.69
CA THR B 169 24.05 -27.38 -0.63
C THR B 169 23.96 -25.86 -0.66
N SER B 170 22.76 -25.36 -0.92
CA SER B 170 22.56 -23.91 -1.04
C SER B 170 22.76 -23.18 0.27
N ASN B 171 22.84 -23.89 1.41
CA ASN B 171 23.08 -23.27 2.69
C ASN B 171 24.56 -22.96 2.92
N GLY B 172 25.44 -23.40 2.03
CA GLY B 172 26.87 -23.31 2.29
C GLY B 172 27.41 -24.44 3.13
N GLN B 173 26.78 -25.62 3.06
CA GLN B 173 27.21 -26.79 3.81
C GLN B 173 27.71 -27.86 2.86
N LEU B 174 28.92 -28.33 3.08
CA LEU B 174 29.53 -29.38 2.27
C LEU B 174 29.37 -30.69 3.02
N GLN B 175 28.59 -31.61 2.47
CA GLN B 175 28.30 -32.90 3.08
C GLN B 175 28.97 -34.01 2.30
N ALA B 176 29.28 -35.09 3.01
CA ALA B 176 29.89 -36.27 2.39
C ALA B 176 29.02 -37.49 2.66
N LEU B 177 28.34 -37.98 1.64
CA LEU B 177 27.51 -39.17 1.74
C LEU B 177 28.33 -40.41 1.36
N ASN B 178 27.82 -41.59 1.73
CA ASN B 178 28.39 -42.86 1.34
C ASN B 178 27.73 -43.32 0.05
N GLU B 179 28.55 -43.78 -0.91
CA GLU B 179 27.99 -44.17 -2.19
C GLU B 179 27.21 -45.48 -2.10
N ALA B 180 27.63 -46.39 -1.22
CA ALA B 180 26.94 -47.67 -1.07
C ALA B 180 25.75 -47.58 -0.12
N ASP B 181 25.87 -46.83 0.96
CA ASP B 181 24.80 -46.67 1.94
C ASP B 181 23.93 -45.46 1.65
N GLY B 182 24.55 -44.31 1.39
CA GLY B 182 23.83 -43.06 1.24
C GLY B 182 23.66 -42.28 2.52
N ALA B 183 24.35 -42.67 3.59
CA ALA B 183 24.21 -42.02 4.89
C ALA B 183 25.30 -40.98 5.07
N VAL B 184 24.91 -39.76 5.43
CA VAL B 184 25.87 -38.68 5.58
C VAL B 184 26.90 -39.06 6.62
N LYS B 185 28.18 -38.88 6.26
CA LYS B 185 29.29 -39.10 7.18
C LYS B 185 29.67 -37.82 7.93
N TRP B 186 30.01 -36.76 7.21
CA TRP B 186 30.41 -35.53 7.85
C TRP B 186 29.84 -34.34 7.08
N THR B 187 29.77 -33.21 7.77
CA THR B 187 29.27 -31.96 7.23
C THR B 187 30.19 -30.83 7.68
N VAL B 188 30.44 -29.90 6.77
CA VAL B 188 31.25 -28.71 7.05
C VAL B 188 30.41 -27.49 6.74
N ASN B 189 30.32 -26.57 7.69
CA ASN B 189 29.51 -25.37 7.53
C ASN B 189 30.38 -24.23 7.00
N LEU B 190 29.88 -23.54 5.99
CA LEU B 190 30.54 -22.40 5.39
C LEU B 190 29.63 -21.19 5.46
N ASP B 191 30.22 -20.00 5.64
CA ASP B 191 29.43 -18.79 5.77
C ASP B 191 28.76 -18.42 4.44
N MET B 192 27.65 -17.70 4.53
CA MET B 192 26.95 -17.19 3.38
C MET B 192 26.62 -15.71 3.58
N PRO B 193 26.69 -14.91 2.53
CA PRO B 193 26.29 -13.50 2.65
C PRO B 193 24.78 -13.32 2.52
N SER B 194 24.34 -12.08 2.71
CA SER B 194 22.92 -11.78 2.61
C SER B 194 22.39 -12.04 1.20
N LEU B 195 23.16 -11.63 0.18
CA LEU B 195 22.79 -11.82 -1.21
C LEU B 195 23.92 -12.55 -1.91
N SER B 196 23.58 -13.54 -2.74
CA SER B 196 24.61 -14.32 -3.42
C SER B 196 24.21 -14.53 -4.87
N LEU B 197 24.99 -15.34 -5.58
CA LEU B 197 24.68 -15.73 -6.95
C LEU B 197 24.18 -17.17 -6.98
N ARG B 198 23.18 -17.41 -7.82
CA ARG B 198 22.59 -18.74 -7.91
C ARG B 198 23.60 -19.75 -8.43
N GLY B 199 23.67 -20.90 -7.78
CA GLY B 199 24.63 -21.93 -8.14
C GLY B 199 25.67 -22.12 -7.05
N GLU B 200 26.31 -23.30 -7.02
CA GLU B 200 27.26 -23.64 -5.98
C GLU B 200 28.50 -24.25 -6.61
N SER B 201 29.60 -24.23 -5.85
CA SER B 201 30.86 -24.77 -6.33
C SER B 201 30.93 -26.27 -6.09
N ALA B 202 31.60 -26.97 -7.01
CA ALA B 202 31.79 -28.41 -6.90
C ALA B 202 33.19 -28.70 -6.40
N PRO B 203 33.37 -29.37 -5.27
CA PRO B 203 34.73 -29.60 -4.76
C PRO B 203 35.56 -30.45 -5.71
N THR B 204 36.86 -30.22 -5.68
CA THR B 204 37.82 -31.01 -6.44
C THR B 204 38.74 -31.72 -5.47
N THR B 205 38.98 -33.01 -5.70
CA THR B 205 39.74 -33.83 -4.76
C THR B 205 41.14 -34.08 -5.31
N ALA B 206 42.15 -33.85 -4.47
CA ALA B 206 43.53 -34.08 -4.85
C ALA B 206 44.35 -34.41 -3.61
N PHE B 207 45.03 -35.56 -3.63
CA PHE B 207 45.88 -35.98 -2.52
C PHE B 207 45.09 -36.12 -1.22
N GLY B 208 43.94 -36.80 -1.31
CA GLY B 208 43.16 -37.09 -0.13
C GLY B 208 42.64 -35.85 0.59
N ALA B 209 42.31 -34.81 -0.16
CA ALA B 209 41.72 -33.61 0.41
C ALA B 209 40.83 -32.97 -0.63
N ALA B 210 39.78 -32.30 -0.18
CA ALA B 210 38.80 -31.68 -1.07
C ALA B 210 38.95 -30.16 -0.98
N VAL B 211 39.20 -29.52 -2.11
CA VAL B 211 39.29 -28.08 -2.20
C VAL B 211 38.01 -27.57 -2.83
N VAL B 212 37.35 -26.61 -2.17
CA VAL B 212 36.06 -26.11 -2.59
C VAL B 212 36.10 -24.58 -2.50
N GLY B 213 35.09 -23.95 -3.09
CA GLY B 213 34.95 -22.51 -3.03
C GLY B 213 33.67 -22.10 -2.33
N GLY B 214 33.64 -20.88 -1.80
CA GLY B 214 32.47 -20.42 -1.06
C GLY B 214 31.79 -19.22 -1.68
N ASP B 215 30.54 -18.99 -1.30
CA ASP B 215 29.81 -17.83 -1.79
C ASP B 215 30.32 -16.52 -1.20
N ASN B 216 31.22 -16.57 -0.23
CA ASN B 216 31.81 -15.38 0.35
C ASN B 216 33.16 -15.02 -0.26
N GLY B 217 33.64 -15.81 -1.24
CA GLY B 217 34.87 -15.49 -1.92
C GLY B 217 36.12 -16.12 -1.34
N ARG B 218 36.01 -17.30 -0.74
CA ARG B 218 37.14 -17.95 -0.09
C ARG B 218 37.28 -19.38 -0.57
N VAL B 219 38.48 -19.74 -1.01
CA VAL B 219 38.81 -21.11 -1.36
C VAL B 219 39.29 -21.81 -0.10
N SER B 220 38.66 -22.95 0.22
CA SER B 220 38.97 -23.69 1.42
C SER B 220 39.34 -25.12 1.07
N ALA B 221 40.07 -25.77 1.96
CA ALA B 221 40.47 -27.16 1.80
C ALA B 221 40.09 -27.92 3.07
N VAL B 222 39.54 -29.12 2.90
CA VAL B 222 39.11 -29.95 4.02
C VAL B 222 39.65 -31.36 3.82
N LEU B 223 40.17 -31.95 4.88
CA LEU B 223 40.62 -33.33 4.83
C LEU B 223 39.39 -34.25 4.76
N MET B 224 39.42 -35.19 3.82
CA MET B 224 38.24 -36.01 3.53
C MET B 224 37.99 -37.08 4.58
N GLU B 225 38.91 -37.28 5.53
CA GLU B 225 38.67 -38.29 6.56
C GLU B 225 37.62 -37.84 7.56
N GLN B 226 37.68 -36.58 8.01
CA GLN B 226 36.72 -36.08 8.99
C GLN B 226 36.11 -34.76 8.54
N GLY B 227 36.83 -34.01 7.70
CA GLY B 227 36.39 -32.72 7.27
C GLY B 227 36.99 -31.55 8.02
N GLN B 228 38.20 -31.69 8.56
CA GLN B 228 38.82 -30.60 9.30
C GLN B 228 39.44 -29.59 8.34
N MET B 229 39.08 -28.32 8.51
CA MET B 229 39.59 -27.27 7.64
C MET B 229 41.11 -27.19 7.75
N ILE B 230 41.78 -27.02 6.62
CA ILE B 230 43.23 -26.86 6.60
C ILE B 230 43.61 -25.40 6.35
N TRP B 231 42.95 -24.74 5.40
CA TRP B 231 43.21 -23.33 5.17
C TRP B 231 41.99 -22.71 4.48
N GLN B 232 41.96 -21.38 4.48
CA GLN B 232 40.88 -20.63 3.85
C GLN B 232 41.26 -19.15 3.79
N GLN B 233 41.18 -18.53 2.62
CA GLN B 233 41.61 -17.15 2.48
C GLN B 233 40.76 -16.44 1.44
N ARG B 234 40.62 -15.13 1.64
CA ARG B 234 39.86 -14.26 0.75
C ARG B 234 40.64 -14.08 -0.55
N ILE B 235 39.95 -14.24 -1.68
CA ILE B 235 40.54 -13.98 -2.99
C ILE B 235 39.65 -13.01 -3.74
N SER B 236 38.84 -12.25 -3.01
CA SER B 236 37.93 -11.29 -3.59
C SER B 236 38.58 -9.90 -3.67
N GLN B 237 37.96 -9.02 -4.45
CA GLN B 237 38.45 -7.67 -4.60
C GLN B 237 38.23 -6.87 -3.31
N ARG B 246 26.55 -3.14 -3.49
CA ARG B 246 26.49 -4.58 -3.25
C ARG B 246 27.32 -5.34 -4.26
N LEU B 247 28.56 -5.66 -3.91
CA LEU B 247 29.46 -6.42 -4.75
C LEU B 247 29.59 -7.83 -4.19
N SER B 248 29.34 -8.82 -5.03
CA SER B 248 29.36 -10.22 -4.65
C SER B 248 30.61 -10.90 -5.22
N ASP B 249 30.93 -12.07 -4.67
CA ASP B 249 32.17 -12.76 -5.02
C ASP B 249 32.02 -14.23 -4.70
N VAL B 250 31.94 -15.07 -5.73
CA VAL B 250 31.59 -16.48 -5.60
C VAL B 250 32.52 -17.29 -6.48
N ASP B 251 33.03 -18.40 -5.96
CA ASP B 251 34.14 -19.11 -6.62
C ASP B 251 33.67 -20.07 -7.73
N THR B 252 32.85 -21.06 -7.38
CA THR B 252 32.34 -21.97 -8.41
C THR B 252 33.41 -22.82 -9.10
N THR B 253 33.88 -23.86 -8.40
CA THR B 253 34.65 -25.00 -8.94
C THR B 253 36.11 -24.69 -9.33
N PRO B 254 37.01 -24.55 -8.35
CA PRO B 254 38.44 -24.42 -8.67
C PRO B 254 38.97 -25.65 -9.37
N VAL B 255 40.24 -25.57 -9.79
CA VAL B 255 40.94 -26.70 -10.41
C VAL B 255 42.31 -26.84 -9.77
N VAL B 256 42.84 -28.06 -9.79
CA VAL B 256 44.07 -28.40 -9.07
C VAL B 256 45.01 -29.15 -10.01
N VAL B 257 46.24 -28.65 -10.12
CA VAL B 257 47.26 -29.29 -10.95
C VAL B 257 48.63 -29.02 -10.35
N ASN B 258 49.45 -30.06 -10.27
CA ASN B 258 50.85 -29.96 -9.84
C ASN B 258 50.99 -29.09 -8.60
N GLY B 259 50.30 -29.48 -7.54
CA GLY B 259 50.47 -28.82 -6.26
C GLY B 259 50.05 -27.37 -6.24
N VAL B 260 49.28 -26.92 -7.23
CA VAL B 260 48.76 -25.56 -7.28
C VAL B 260 47.26 -25.63 -7.52
N VAL B 261 46.56 -24.60 -7.05
CA VAL B 261 45.10 -24.53 -7.15
C VAL B 261 44.74 -23.21 -7.82
N PHE B 262 44.06 -23.29 -8.95
CA PHE B 262 43.59 -22.11 -9.67
C PHE B 262 42.11 -21.89 -9.34
N ALA B 263 41.75 -20.65 -9.04
CA ALA B 263 40.40 -20.30 -8.66
C ALA B 263 40.01 -18.98 -9.31
N LEU B 264 38.71 -18.85 -9.60
CA LEU B 264 38.11 -17.63 -10.13
C LEU B 264 36.98 -17.21 -9.20
N ALA B 265 36.92 -15.93 -8.86
CA ALA B 265 35.82 -15.38 -8.10
C ALA B 265 35.06 -14.38 -8.97
N TYR B 266 33.74 -14.51 -9.00
CA TYR B 266 32.93 -13.59 -9.77
C TYR B 266 33.18 -12.16 -9.29
N ASN B 267 33.32 -11.25 -10.24
CA ASN B 267 33.52 -9.83 -9.93
C ASN B 267 34.81 -9.60 -9.17
N GLY B 268 35.62 -10.66 -9.00
CA GLY B 268 36.84 -10.60 -8.21
C GLY B 268 38.04 -10.82 -9.09
N ASN B 269 38.90 -11.77 -8.74
CA ASN B 269 40.16 -11.93 -9.44
C ASN B 269 40.62 -13.38 -9.46
N LEU B 270 41.11 -13.80 -10.62
CA LEU B 270 41.77 -15.09 -10.78
C LEU B 270 42.99 -15.17 -9.89
N THR B 271 43.20 -16.34 -9.29
CA THR B 271 44.34 -16.53 -8.39
C THR B 271 44.83 -17.96 -8.47
N ALA B 272 46.14 -18.12 -8.54
CA ALA B 272 46.80 -19.42 -8.45
C ALA B 272 47.54 -19.47 -7.12
N LEU B 273 47.06 -20.34 -6.22
CA LEU B 273 47.54 -20.40 -4.85
C LEU B 273 48.15 -21.77 -4.56
N ASP B 274 48.95 -21.84 -3.51
CA ASP B 274 49.64 -23.07 -3.16
C ASP B 274 48.66 -24.08 -2.57
N LEU B 275 49.01 -25.36 -2.72
CA LEU B 275 48.11 -26.42 -2.29
C LEU B 275 48.20 -26.72 -0.80
N ARG B 276 49.22 -26.23 -0.11
CA ARG B 276 49.43 -26.53 1.31
C ARG B 276 49.10 -25.37 2.23
N SER B 277 49.64 -24.18 1.97
CA SER B 277 49.39 -23.02 2.81
C SER B 277 48.24 -22.16 2.32
N GLY B 278 47.93 -22.21 1.03
CA GLY B 278 46.91 -21.34 0.48
C GLY B 278 47.34 -19.89 0.35
N GLN B 279 48.64 -19.63 0.31
CA GLN B 279 49.11 -18.26 0.14
C GLN B 279 49.07 -17.88 -1.33
N ILE B 280 48.48 -16.72 -1.62
CA ILE B 280 48.37 -16.25 -3.00
C ILE B 280 49.76 -16.12 -3.60
N MET B 281 49.93 -16.64 -4.81
CA MET B 281 51.18 -16.48 -5.54
C MET B 281 51.10 -15.32 -6.52
N TRP B 282 50.08 -15.31 -7.39
CA TRP B 282 49.87 -14.18 -8.28
C TRP B 282 48.36 -14.01 -8.51
N LYS B 283 48.00 -12.81 -8.96
CA LYS B 283 46.61 -12.39 -9.04
C LYS B 283 46.35 -11.75 -10.39
N ARG B 284 45.10 -11.83 -10.85
CA ARG B 284 44.67 -11.10 -12.03
C ARG B 284 43.24 -10.61 -11.85
N GLU B 285 43.03 -9.31 -12.05
CA GLU B 285 41.71 -8.73 -11.80
C GLU B 285 40.72 -9.14 -12.88
N LEU B 286 40.38 -10.42 -12.92
CA LEU B 286 39.40 -10.93 -13.88
C LEU B 286 38.79 -12.20 -13.30
N GLY B 287 37.47 -12.32 -13.42
CA GLY B 287 36.76 -13.43 -12.82
C GLY B 287 35.58 -13.85 -13.69
N SER B 288 34.87 -14.85 -13.21
CA SER B 288 33.70 -15.41 -13.90
C SER B 288 33.11 -16.51 -13.04
N VAL B 289 31.89 -16.89 -13.36
CA VAL B 289 31.20 -17.97 -12.65
C VAL B 289 31.33 -19.30 -13.38
N ASN B 290 31.26 -19.29 -14.70
CA ASN B 290 31.37 -20.54 -15.43
C ASN B 290 32.82 -21.05 -15.41
N ASP B 291 32.96 -22.36 -15.48
CA ASP B 291 34.23 -23.02 -15.24
C ASP B 291 35.27 -22.60 -16.29
N PHE B 292 36.50 -23.05 -16.06
CA PHE B 292 37.63 -22.76 -16.93
C PHE B 292 38.48 -24.02 -17.04
N ILE B 293 39.35 -24.06 -18.04
CA ILE B 293 40.16 -25.25 -18.28
C ILE B 293 41.63 -24.86 -18.31
N VAL B 294 42.47 -25.83 -17.94
CA VAL B 294 43.92 -25.66 -17.89
C VAL B 294 44.54 -26.77 -18.73
N ASP B 295 45.20 -26.39 -19.83
CA ASP B 295 45.82 -27.36 -20.72
C ASP B 295 47.27 -26.97 -20.97
N GLY B 296 48.18 -27.92 -20.78
CA GLY B 296 49.59 -27.65 -20.96
C GLY B 296 50.07 -26.51 -20.09
N ASN B 297 50.47 -25.41 -20.72
CA ASN B 297 50.91 -24.21 -20.01
C ASN B 297 49.98 -23.02 -20.29
N ARG B 298 48.72 -23.31 -20.59
CA ARG B 298 47.75 -22.28 -20.93
C ARG B 298 46.45 -22.50 -20.16
N ILE B 299 45.74 -21.41 -19.93
CA ILE B 299 44.49 -21.41 -19.18
C ILE B 299 43.43 -20.72 -20.02
N TYR B 300 42.39 -21.46 -20.41
CA TYR B 300 41.32 -20.92 -21.22
C TYR B 300 40.11 -20.67 -20.33
N LEU B 301 39.60 -19.44 -20.36
CA LEU B 301 38.48 -19.03 -19.54
C LEU B 301 37.63 -18.01 -20.28
N VAL B 302 36.45 -17.75 -19.72
CA VAL B 302 35.47 -16.83 -20.28
C VAL B 302 35.18 -15.78 -19.22
N ASP B 303 35.46 -14.52 -19.52
CA ASP B 303 35.26 -13.44 -18.58
C ASP B 303 33.77 -13.30 -18.25
N GLN B 304 33.47 -12.51 -17.23
CA GLN B 304 32.07 -12.24 -16.87
C GLN B 304 31.29 -11.75 -18.09
N ASN B 305 31.92 -10.91 -18.90
CA ASN B 305 31.29 -10.29 -20.05
C ASN B 305 31.39 -11.14 -21.31
N ASP B 306 31.68 -12.42 -21.17
CA ASP B 306 31.76 -13.35 -22.30
C ASP B 306 32.96 -13.05 -23.19
N ARG B 307 34.06 -12.61 -22.59
CA ARG B 307 35.30 -12.33 -23.30
C ARG B 307 36.22 -13.53 -23.13
N VAL B 308 36.34 -14.34 -24.18
CA VAL B 308 37.23 -15.49 -24.13
C VAL B 308 38.67 -15.01 -24.01
N MET B 309 39.47 -15.73 -23.22
CA MET B 309 40.87 -15.38 -23.04
C MET B 309 41.72 -16.65 -23.05
N ALA B 310 43.04 -16.46 -23.08
CA ALA B 310 43.98 -17.59 -23.00
C ALA B 310 45.23 -17.08 -22.29
N LEU B 311 45.29 -17.30 -20.98
CA LEU B 311 46.38 -16.82 -20.16
C LEU B 311 47.43 -17.92 -20.02
N THR B 312 48.53 -17.62 -19.33
CA THR B 312 49.57 -18.58 -19.05
C THR B 312 49.54 -18.94 -17.56
N ILE B 313 50.34 -19.92 -17.18
CA ILE B 313 50.35 -20.42 -15.81
C ILE B 313 51.38 -19.67 -14.97
N ASP B 314 52.47 -19.22 -15.62
CA ASP B 314 53.56 -18.61 -14.88
C ASP B 314 53.10 -17.34 -14.16
N GLY B 315 52.48 -16.42 -14.88
CA GLY B 315 52.04 -15.17 -14.29
C GLY B 315 50.68 -14.71 -14.79
N GLY B 316 50.08 -15.49 -15.68
CA GLY B 316 48.78 -15.13 -16.22
C GLY B 316 48.79 -14.03 -17.24
N VAL B 317 49.92 -13.81 -17.92
CA VAL B 317 49.97 -12.79 -18.97
C VAL B 317 49.16 -13.28 -20.17
N THR B 318 48.18 -12.49 -20.58
CA THR B 318 47.26 -12.91 -21.62
C THR B 318 47.99 -13.12 -22.95
N LEU B 319 47.68 -14.21 -23.63
CA LEU B 319 48.22 -14.52 -24.94
C LEU B 319 47.30 -14.05 -26.07
N TRP B 320 45.98 -14.05 -25.84
CA TRP B 320 45.05 -13.43 -26.78
C TRP B 320 43.72 -13.23 -26.07
N THR B 321 42.80 -12.58 -26.77
CA THR B 321 41.49 -12.27 -26.22
C THR B 321 40.49 -12.22 -27.36
N GLN B 322 39.21 -12.37 -27.02
CA GLN B 322 38.13 -12.27 -28.01
C GLN B 322 37.04 -11.38 -27.45
N SER B 323 36.90 -10.18 -28.00
CA SER B 323 35.83 -9.26 -27.65
C SER B 323 34.70 -9.27 -28.68
N ASP B 324 34.57 -10.35 -29.45
CA ASP B 324 33.56 -10.43 -30.48
C ASP B 324 32.21 -10.94 -29.98
N LEU B 325 32.15 -11.40 -28.72
CA LEU B 325 30.97 -12.07 -28.20
C LEU B 325 30.53 -11.46 -26.87
N LEU B 326 30.80 -10.18 -26.66
CA LEU B 326 30.44 -9.55 -25.40
C LEU B 326 28.94 -9.69 -25.13
N HIS B 327 28.61 -10.03 -23.88
CA HIS B 327 27.22 -10.09 -23.43
C HIS B 327 26.38 -10.99 -24.34
N ARG B 328 26.96 -12.09 -24.78
CA ARG B 328 26.26 -13.10 -25.55
C ARG B 328 25.81 -14.28 -24.70
N LEU B 329 26.14 -14.30 -23.41
CA LEU B 329 25.77 -15.37 -22.49
C LEU B 329 26.30 -16.72 -22.96
N LEU B 330 27.63 -16.82 -23.00
CA LEU B 330 28.29 -18.04 -23.43
C LEU B 330 28.21 -19.10 -22.33
N THR B 331 28.45 -20.35 -22.73
CA THR B 331 28.50 -21.48 -21.82
C THR B 331 29.95 -21.82 -21.52
N SER B 332 30.15 -22.80 -20.65
CA SER B 332 31.50 -23.17 -20.25
C SER B 332 32.26 -23.71 -21.46
N PRO B 333 33.50 -23.28 -21.68
CA PRO B 333 34.24 -23.78 -22.85
C PRO B 333 34.56 -25.25 -22.72
N VAL B 334 34.66 -25.92 -23.86
CA VAL B 334 35.12 -27.31 -23.90
C VAL B 334 36.14 -27.46 -25.01
N LEU B 335 37.27 -28.08 -24.71
CA LEU B 335 38.36 -28.21 -25.68
C LEU B 335 38.18 -29.51 -26.44
N TYR B 336 37.65 -29.42 -27.66
CA TYR B 336 37.33 -30.57 -28.50
C TYR B 336 38.27 -30.58 -29.69
N ASN B 337 39.02 -31.67 -29.85
CA ASN B 337 39.91 -31.86 -31.00
C ASN B 337 40.82 -30.65 -31.19
N GLY B 338 41.32 -30.09 -30.09
CA GLY B 338 42.25 -28.98 -30.17
C GLY B 338 41.65 -27.65 -30.51
N ASN B 339 40.33 -27.49 -30.36
CA ASN B 339 39.68 -26.20 -30.57
C ASN B 339 38.68 -25.96 -29.45
N LEU B 340 38.61 -24.72 -28.96
CA LEU B 340 37.61 -24.41 -27.95
C LEU B 340 36.24 -24.37 -28.60
N VAL B 341 35.24 -24.85 -27.88
CA VAL B 341 33.85 -24.82 -28.34
C VAL B 341 33.02 -24.18 -27.25
N VAL B 342 32.19 -23.22 -27.62
CA VAL B 342 31.29 -22.55 -26.69
C VAL B 342 29.93 -22.34 -27.34
N GLY B 343 28.87 -22.60 -26.59
CA GLY B 343 27.53 -22.26 -27.01
C GLY B 343 27.17 -20.85 -26.59
N ASP B 344 25.92 -20.49 -26.84
CA ASP B 344 25.43 -19.17 -26.42
C ASP B 344 23.91 -19.20 -26.37
N SER B 345 23.34 -18.21 -25.69
CA SER B 345 21.91 -18.20 -25.44
C SER B 345 21.10 -18.22 -26.73
N GLU B 346 21.63 -17.65 -27.81
CA GLU B 346 20.88 -17.58 -29.05
C GLU B 346 20.76 -18.94 -29.74
N GLY B 347 21.52 -19.94 -29.30
CA GLY B 347 21.47 -21.26 -29.88
C GLY B 347 22.57 -21.59 -30.85
N TYR B 348 23.59 -20.74 -30.97
CA TYR B 348 24.69 -20.97 -31.90
C TYR B 348 25.88 -21.57 -31.14
N LEU B 349 26.62 -22.43 -31.83
CA LEU B 349 27.78 -23.11 -31.27
C LEU B 349 29.00 -22.68 -32.07
N HIS B 350 30.00 -22.10 -31.40
CA HIS B 350 31.15 -21.50 -32.03
C HIS B 350 32.41 -22.28 -31.68
N TRP B 351 33.16 -22.69 -32.71
CA TRP B 351 34.53 -23.15 -32.56
C TRP B 351 35.46 -21.96 -32.65
N ILE B 352 36.49 -21.95 -31.82
CA ILE B 352 37.55 -20.94 -31.90
C ILE B 352 38.89 -21.60 -31.70
N ASN B 353 39.87 -21.18 -32.49
CA ASN B 353 41.22 -21.73 -32.42
C ASN B 353 41.82 -21.44 -31.06
N VAL B 354 43.01 -21.97 -30.80
CA VAL B 354 43.65 -21.80 -29.49
C VAL B 354 44.97 -21.09 -29.66
N GLU B 355 45.58 -21.19 -30.85
CA GLU B 355 46.85 -20.53 -31.11
C GLU B 355 46.69 -19.02 -31.16
N ASP B 356 45.71 -18.54 -31.93
CA ASP B 356 45.44 -17.12 -32.08
C ASP B 356 44.04 -16.71 -31.67
N GLY B 357 43.11 -17.65 -31.54
CA GLY B 357 41.76 -17.33 -31.15
C GLY B 357 40.86 -16.88 -32.27
N ARG B 358 41.14 -17.27 -33.51
CA ARG B 358 40.30 -16.90 -34.64
C ARG B 358 39.27 -18.00 -34.88
N PHE B 359 38.02 -17.60 -35.06
CA PHE B 359 36.94 -18.56 -35.26
C PHE B 359 37.26 -19.48 -36.42
N VAL B 360 37.00 -20.78 -36.23
CA VAL B 360 37.22 -21.76 -37.27
C VAL B 360 35.93 -22.42 -37.75
N ALA B 361 34.82 -22.18 -37.07
CA ALA B 361 33.53 -22.73 -37.49
C ALA B 361 32.43 -22.14 -36.62
N GLN B 362 31.24 -22.02 -37.20
CA GLN B 362 30.09 -21.48 -36.50
C GLN B 362 28.87 -22.24 -36.98
N GLN B 363 28.01 -22.62 -36.04
CA GLN B 363 26.89 -23.48 -36.37
C GLN B 363 25.65 -23.01 -35.63
N LYS B 364 24.49 -23.28 -36.22
CA LYS B 364 23.20 -23.07 -35.58
C LYS B 364 22.60 -24.45 -35.28
N VAL B 365 22.34 -24.72 -34.01
CA VAL B 365 21.95 -26.05 -33.55
C VAL B 365 20.51 -26.05 -33.05
N ASP B 366 20.21 -25.28 -32.02
CA ASP B 366 18.89 -25.28 -31.41
C ASP B 366 18.37 -23.86 -31.28
N SER B 367 17.04 -23.74 -31.24
CA SER B 367 16.39 -22.43 -31.13
C SER B 367 16.17 -22.00 -29.68
N SER B 368 16.14 -22.94 -28.74
CA SER B 368 15.90 -22.57 -27.34
C SER B 368 17.14 -21.94 -26.72
N GLY B 369 18.32 -22.31 -27.19
CA GLY B 369 19.56 -21.79 -26.66
C GLY B 369 20.31 -22.83 -25.86
N PHE B 370 21.49 -22.43 -25.40
CA PHE B 370 22.35 -23.24 -24.55
C PHE B 370 22.65 -22.46 -23.28
N GLN B 371 22.55 -23.13 -22.14
CA GLN B 371 22.83 -22.49 -20.87
C GLN B 371 23.84 -23.29 -20.05
N THR B 372 23.81 -24.61 -20.20
CA THR B 372 24.64 -25.50 -19.40
C THR B 372 25.78 -26.05 -20.24
N GLU B 373 26.81 -26.54 -19.54
CA GLU B 373 28.10 -26.75 -20.17
C GLU B 373 28.04 -27.87 -21.23
N PRO B 374 28.91 -27.80 -22.24
CA PRO B 374 29.06 -28.95 -23.14
C PRO B 374 29.88 -30.06 -22.48
N VAL B 375 29.72 -31.26 -23.00
CA VAL B 375 30.40 -32.44 -22.48
C VAL B 375 31.19 -33.07 -23.61
N ALA B 376 32.52 -33.06 -23.50
CA ALA B 376 33.39 -33.66 -24.49
C ALA B 376 34.16 -34.80 -23.84
N ALA B 377 34.05 -35.99 -24.42
CA ALA B 377 34.74 -37.15 -23.86
C ALA B 377 34.62 -38.32 -24.82
N ASP B 378 35.66 -39.16 -24.83
CA ASP B 378 35.67 -40.38 -25.62
C ASP B 378 35.40 -40.09 -27.10
N GLY B 379 35.92 -38.97 -27.58
CA GLY B 379 35.72 -38.60 -28.97
C GLY B 379 34.31 -38.19 -29.32
N LYS B 380 33.54 -37.72 -28.34
CA LYS B 380 32.17 -37.28 -28.57
C LYS B 380 31.96 -35.92 -27.93
N LEU B 381 31.08 -35.13 -28.52
CA LEU B 381 30.74 -33.79 -28.05
C LEU B 381 29.22 -33.70 -27.95
N LEU B 382 28.69 -33.81 -26.74
CA LEU B 382 27.26 -33.78 -26.49
C LEU B 382 26.90 -32.50 -25.75
N ILE B 383 25.74 -31.95 -26.08
CA ILE B 383 25.28 -30.71 -25.45
C ILE B 383 23.77 -30.74 -25.36
N GLN B 384 23.23 -30.21 -24.27
CA GLN B 384 21.80 -30.21 -24.01
C GLN B 384 21.27 -28.79 -24.05
N ALA B 385 20.18 -28.59 -24.77
CA ALA B 385 19.58 -27.27 -24.91
C ALA B 385 18.64 -26.99 -23.73
N LYS B 386 18.06 -25.79 -23.72
CA LYS B 386 17.15 -25.42 -22.65
C LYS B 386 15.83 -26.19 -22.73
N ASP B 387 15.52 -26.80 -23.86
CA ASP B 387 14.32 -27.60 -24.01
C ASP B 387 14.57 -29.10 -23.85
N GLY B 388 15.77 -29.48 -23.43
CA GLY B 388 16.08 -30.87 -23.14
C GLY B 388 16.61 -31.68 -24.30
N THR B 389 16.69 -31.11 -25.49
CA THR B 389 17.12 -31.87 -26.66
C THR B 389 18.63 -32.07 -26.61
N VAL B 390 19.05 -33.30 -26.33
CA VAL B 390 20.47 -33.64 -26.31
C VAL B 390 20.96 -33.84 -27.74
N TYR B 391 22.01 -33.11 -28.10
CA TYR B 391 22.61 -33.17 -29.43
C TYR B 391 24.01 -33.78 -29.34
N SER B 392 24.37 -34.54 -30.37
CA SER B 392 25.73 -35.02 -30.56
C SER B 392 26.28 -34.34 -31.81
N ILE B 393 27.41 -33.65 -31.68
CA ILE B 393 27.97 -32.85 -32.76
C ILE B 393 29.27 -33.49 -33.22
N THR B 394 29.57 -33.32 -34.50
CA THR B 394 30.79 -33.85 -35.10
C THR B 394 31.32 -32.84 -36.10
N ARG B 395 32.40 -33.22 -36.80
CA ARG B 395 33.01 -32.36 -37.80
C ARG B 395 33.35 -33.16 -39.06
N ARG C 33 -5.15 28.36 -3.45
CA ARG C 33 -4.83 29.25 -4.57
C ARG C 33 -5.91 30.32 -4.74
N TYR C 34 -7.07 29.91 -5.27
CA TYR C 34 -8.13 30.88 -5.51
C TYR C 34 -8.59 31.53 -4.22
N LYS C 35 -8.74 30.75 -3.15
CA LYS C 35 -8.98 31.33 -1.83
C LYS C 35 -7.77 32.15 -1.37
N ARG C 36 -6.57 31.72 -1.75
CA ARG C 36 -5.36 32.36 -1.24
C ARG C 36 -5.06 33.68 -1.92
N GLN C 37 -5.47 33.85 -3.18
CA GLN C 37 -5.18 35.09 -3.88
C GLN C 37 -5.84 36.29 -3.23
N VAL C 38 -7.08 36.11 -2.76
CA VAL C 38 -7.80 37.22 -2.15
C VAL C 38 -7.05 37.72 -0.92
N SER C 39 -6.53 36.81 -0.10
CA SER C 39 -5.78 37.21 1.08
C SER C 39 -4.42 37.81 0.68
N GLY C 40 -3.72 37.16 -0.25
CA GLY C 40 -2.37 37.59 -0.57
C GLY C 40 -2.32 38.94 -1.24
N ASP C 41 -3.34 39.28 -2.02
CA ASP C 41 -3.29 40.50 -2.82
C ASP C 41 -3.71 41.75 -2.04
N GLU C 42 -4.96 41.81 -1.59
CA GLU C 42 -5.54 43.10 -1.21
C GLU C 42 -6.46 43.06 0.01
N ALA C 43 -6.92 41.89 0.45
CA ALA C 43 -7.98 41.82 1.44
C ALA C 43 -7.54 42.36 2.80
N TYR C 44 -8.49 42.95 3.52
CA TYR C 44 -8.23 43.43 4.88
C TYR C 44 -9.56 43.57 5.62
N LEU C 45 -9.65 42.97 6.81
CA LEU C 45 -10.85 42.97 7.61
C LEU C 45 -10.58 43.53 9.00
N GLU C 46 -11.54 44.31 9.50
CA GLU C 46 -11.48 44.91 10.83
C GLU C 46 -12.52 44.24 11.72
N ALA C 47 -12.07 43.68 12.84
CA ALA C 47 -12.92 42.94 13.75
C ALA C 47 -13.36 43.81 14.92
N ALA C 48 -14.18 43.24 15.79
CA ALA C 48 -14.73 43.99 16.91
C ALA C 48 -13.65 44.28 17.96
N PRO C 49 -13.77 45.39 18.68
CA PRO C 49 -12.78 45.69 19.73
C PRO C 49 -12.84 44.69 20.87
N LEU C 50 -11.71 44.52 21.54
CA LEU C 50 -11.60 43.65 22.70
C LEU C 50 -12.02 44.43 23.94
N ALA C 51 -13.01 43.91 24.67
CA ALA C 51 -13.55 44.56 25.85
C ALA C 51 -13.35 43.67 27.07
N GLU C 52 -13.11 44.31 28.21
CA GLU C 52 -12.83 43.57 29.44
C GLU C 52 -14.10 42.92 29.97
N LEU C 53 -13.91 42.01 30.94
CA LEU C 53 -15.00 41.21 31.50
C LEU C 53 -15.14 41.58 32.97
N HIS C 54 -16.38 41.85 33.40
CA HIS C 54 -16.64 42.26 34.77
C HIS C 54 -16.85 41.05 35.67
N ALA C 55 -16.48 41.21 36.93
CA ALA C 55 -16.57 40.14 37.92
C ALA C 55 -17.64 40.46 38.94
N PRO C 56 -18.67 39.63 39.10
CA PRO C 56 -19.70 39.94 40.10
C PRO C 56 -19.13 39.95 41.51
N ALA C 57 -19.76 40.72 42.39
CA ALA C 57 -19.30 40.82 43.77
C ALA C 57 -19.38 39.47 44.45
N GLY C 58 -18.41 39.19 45.32
CA GLY C 58 -18.36 37.94 46.04
C GLY C 58 -17.64 36.81 45.34
N MET C 59 -17.07 37.05 44.17
CA MET C 59 -16.34 36.02 43.44
C MET C 59 -15.39 36.71 42.46
N ILE C 60 -14.47 35.93 41.90
CA ILE C 60 -13.46 36.44 40.99
C ILE C 60 -13.47 35.57 39.73
N LEU C 61 -12.94 36.14 38.64
CA LEU C 61 -12.82 35.41 37.39
C LEU C 61 -11.49 34.66 37.34
N PRO C 62 -11.39 33.65 36.47
CA PRO C 62 -10.14 32.90 36.37
C PRO C 62 -8.98 33.78 35.91
N VAL C 63 -7.78 33.40 36.33
CA VAL C 63 -6.56 34.14 35.97
C VAL C 63 -6.41 34.15 34.46
N THR C 64 -5.59 35.06 33.95
CA THR C 64 -5.46 35.27 32.51
C THR C 64 -4.25 34.58 31.89
N SER C 65 -3.11 34.57 32.59
CA SER C 65 -1.87 33.96 32.16
C SER C 65 -1.12 34.79 31.13
N GLY C 66 -1.70 35.86 30.59
CA GLY C 66 -0.99 36.76 29.70
C GLY C 66 -0.34 36.09 28.52
N ASP C 67 -0.87 34.95 28.08
CA ASP C 67 -0.27 34.24 26.95
C ASP C 67 -0.55 34.97 25.64
N TYR C 68 -1.79 35.40 25.43
CA TYR C 68 -2.19 36.15 24.25
C TYR C 68 -2.58 37.55 24.71
N ALA C 69 -1.58 38.41 24.86
CA ALA C 69 -1.78 39.76 25.36
C ALA C 69 -1.31 40.75 24.29
N ILE C 70 -2.15 41.76 24.03
CA ILE C 70 -1.85 42.77 23.01
C ILE C 70 -1.34 44.01 23.75
N PRO C 71 -0.04 44.31 23.69
CA PRO C 71 0.44 45.54 24.33
C PRO C 71 -0.08 46.77 23.62
N VAL C 72 -0.26 47.84 24.38
CA VAL C 72 -0.79 49.09 23.85
C VAL C 72 0.34 49.84 23.16
N THR C 73 0.22 50.01 21.85
CA THR C 73 1.22 50.70 21.04
C THR C 73 0.61 52.01 20.55
N ASN C 74 1.07 53.13 21.14
CA ASN C 74 0.56 54.42 20.74
C ASN C 74 1.11 54.81 19.36
N GLY C 75 0.51 55.84 18.80
CA GLY C 75 0.88 56.32 17.48
C GLY C 75 -0.19 55.98 16.46
N SER C 76 -0.26 56.81 15.42
CA SER C 76 -1.22 56.66 14.34
C SER C 76 -0.43 56.42 13.05
N GLY C 77 -0.12 55.16 12.80
CA GLY C 77 0.56 54.75 11.59
C GLY C 77 -0.42 54.48 10.47
N ALA C 78 0.10 53.88 9.41
CA ALA C 78 -0.71 53.50 8.26
C ALA C 78 -1.28 52.11 8.48
N VAL C 79 -2.44 51.86 7.87
CA VAL C 79 -3.13 50.59 8.01
C VAL C 79 -4.14 50.48 6.88
N GLY C 80 -4.24 49.29 6.29
CA GLY C 80 -5.35 49.02 5.41
C GLY C 80 -5.38 49.86 4.15
N LYS C 81 -4.46 49.57 3.23
CA LYS C 81 -4.31 50.19 1.91
C LYS C 81 -3.58 51.52 2.00
N ALA C 82 -3.34 52.06 3.19
CA ALA C 82 -2.50 53.24 3.36
C ALA C 82 -1.06 52.88 3.70
N LEU C 83 -0.77 51.61 3.95
CA LEU C 83 0.56 51.15 4.28
C LEU C 83 1.15 50.43 3.07
N ASP C 84 2.32 50.88 2.63
CA ASP C 84 3.00 50.28 1.49
C ASP C 84 4.03 49.28 2.00
N ILE C 85 3.97 48.07 1.45
CA ILE C 85 4.82 46.97 1.88
C ILE C 85 5.95 46.72 0.89
N ARG C 86 6.22 47.66 -0.01
CA ARG C 86 7.35 47.54 -0.92
C ARG C 86 8.65 47.62 -0.13
N PRO C 87 9.66 46.81 -0.46
CA PRO C 87 10.86 46.77 0.37
C PRO C 87 11.53 48.14 0.41
N PRO C 88 12.08 48.53 1.56
CA PRO C 88 12.81 49.80 1.62
C PRO C 88 14.08 49.75 0.78
N ALA C 89 14.49 50.93 0.31
CA ALA C 89 15.62 51.04 -0.62
C ALA C 89 16.95 50.84 0.13
N GLN C 90 17.16 49.61 0.58
CA GLN C 90 18.40 49.23 1.25
C GLN C 90 18.62 47.73 1.14
N LYS D 27 11.58 28.99 -22.00
CA LYS D 27 10.86 29.04 -20.72
C LYS D 27 11.29 30.25 -19.91
N GLU D 28 10.84 31.43 -20.31
CA GLU D 28 11.20 32.68 -19.64
C GLU D 28 12.71 32.83 -19.54
N GLU D 29 13.39 32.51 -20.64
CA GLU D 29 14.86 32.62 -20.66
C GLU D 29 15.27 34.07 -20.44
N VAL D 30 16.33 34.25 -19.67
CA VAL D 30 16.84 35.57 -19.31
C VAL D 30 18.19 35.76 -19.98
N PRO D 31 18.38 36.79 -20.81
CA PRO D 31 19.69 37.01 -21.41
C PRO D 31 20.73 37.39 -20.36
N ASP D 32 22.00 37.16 -20.71
CA ASP D 32 23.12 37.45 -19.81
C ASP D 32 23.48 38.94 -19.87
N ASN D 33 22.47 39.76 -19.63
CA ASN D 33 22.66 41.20 -19.62
C ASN D 33 23.28 41.66 -18.30
N PRO D 34 23.84 42.87 -18.27
CA PRO D 34 24.50 43.32 -17.05
C PRO D 34 23.52 43.41 -15.90
N PRO D 35 24.02 43.28 -14.66
CA PRO D 35 23.12 43.34 -13.51
C PRO D 35 22.30 44.61 -13.46
N ASN D 36 22.88 45.75 -13.83
CA ASN D 36 22.13 46.99 -13.77
C ASN D 36 20.91 46.94 -14.69
N GLU D 37 21.10 46.48 -15.93
CA GLU D 37 19.98 46.44 -16.88
C GLU D 37 18.94 45.42 -16.46
N ILE D 38 19.37 44.23 -16.03
CA ILE D 38 18.38 43.23 -15.65
C ILE D 38 17.63 43.66 -14.40
N TYR D 39 18.32 44.30 -13.46
CA TYR D 39 17.65 44.82 -12.27
C TYR D 39 16.68 45.94 -12.62
N ALA D 40 17.05 46.80 -13.57
CA ALA D 40 16.13 47.84 -14.01
C ALA D 40 14.87 47.24 -14.62
N THR D 41 15.04 46.19 -15.43
CA THR D 41 13.88 45.50 -15.99
C THR D 41 13.02 44.91 -14.89
N ALA D 42 13.65 44.28 -13.88
CA ALA D 42 12.89 43.69 -12.79
C ALA D 42 12.11 44.75 -12.03
N GLN D 43 12.74 45.89 -11.76
CA GLN D 43 12.04 46.98 -11.07
C GLN D 43 10.87 47.50 -11.90
N GLN D 44 11.09 47.67 -13.20
CA GLN D 44 10.01 48.16 -14.06
C GLN D 44 8.84 47.19 -14.06
N LYS D 45 9.11 45.89 -14.10
CA LYS D 45 8.02 44.92 -14.11
C LYS D 45 7.33 44.85 -12.75
N LEU D 46 8.08 45.01 -11.66
CA LEU D 46 7.44 45.07 -10.35
C LEU D 46 6.50 46.26 -10.26
N GLN D 47 6.93 47.42 -10.75
CA GLN D 47 6.05 48.58 -10.77
C GLN D 47 4.85 48.36 -11.68
N ASP D 48 5.04 47.70 -12.82
CA ASP D 48 3.91 47.39 -13.69
C ASP D 48 2.89 46.52 -12.97
N GLY D 49 3.37 45.55 -12.20
CA GLY D 49 2.51 44.70 -11.41
C GLY D 49 2.44 43.26 -11.84
N ASN D 50 3.44 42.76 -12.58
CA ASN D 50 3.50 41.37 -13.00
C ASN D 50 4.65 40.71 -12.25
N TRP D 51 4.34 39.64 -11.51
CA TRP D 51 5.29 39.04 -10.59
C TRP D 51 6.00 37.82 -11.15
N ARG D 52 5.38 37.09 -12.07
CA ARG D 52 5.97 35.86 -12.55
C ARG D 52 7.31 36.12 -13.22
N GLN D 53 7.40 37.17 -14.03
CA GLN D 53 8.65 37.47 -14.72
C GLN D 53 9.67 38.12 -13.80
N ALA D 54 9.22 38.98 -12.87
CA ALA D 54 10.14 39.58 -11.93
C ALA D 54 10.78 38.54 -11.03
N ILE D 55 10.03 37.51 -10.65
CA ILE D 55 10.62 36.44 -9.84
C ILE D 55 11.72 35.74 -10.61
N THR D 56 11.48 35.46 -11.89
CA THR D 56 12.52 34.81 -12.71
C THR D 56 13.75 35.70 -12.84
N GLN D 57 13.54 37.00 -13.07
CA GLN D 57 14.68 37.91 -13.20
C GLN D 57 15.50 37.93 -11.92
N LEU D 58 14.82 38.05 -10.77
CA LEU D 58 15.55 38.13 -9.50
C LEU D 58 16.22 36.80 -9.15
N GLU D 59 15.56 35.68 -9.45
CA GLU D 59 16.19 34.39 -9.21
C GLU D 59 17.43 34.21 -10.07
N ALA D 60 17.35 34.60 -11.34
CA ALA D 60 18.52 34.52 -12.21
C ALA D 60 19.64 35.41 -11.70
N LEU D 61 19.31 36.63 -11.27
CA LEU D 61 20.32 37.53 -10.76
C LEU D 61 21.00 36.95 -9.52
N ASP D 62 20.21 36.41 -8.59
CA ASP D 62 20.77 35.83 -7.38
C ASP D 62 21.64 34.62 -7.70
N ASN D 63 21.17 33.75 -8.60
CA ASN D 63 21.95 32.58 -8.96
C ASN D 63 23.28 32.96 -9.59
N ARG D 64 23.27 33.95 -10.49
CA ARG D 64 24.49 34.31 -11.20
C ARG D 64 25.44 35.13 -10.35
N TYR D 65 24.92 35.88 -9.37
CA TYR D 65 25.75 36.74 -8.52
C TYR D 65 25.45 36.42 -7.06
N PRO D 66 25.96 35.31 -6.54
CA PRO D 66 25.70 34.96 -5.14
C PRO D 66 26.22 35.98 -4.14
N PHE D 67 27.20 36.80 -4.52
CA PHE D 67 27.80 37.78 -3.63
C PHE D 67 27.86 39.15 -4.29
N GLY D 68 26.84 39.48 -5.06
CA GLY D 68 26.81 40.74 -5.77
C GLY D 68 26.73 41.93 -4.84
N PRO D 69 26.90 43.13 -5.38
CA PRO D 69 26.88 44.33 -4.53
C PRO D 69 25.58 44.53 -3.78
N TYR D 70 24.45 44.11 -4.34
CA TYR D 70 23.14 44.29 -3.72
C TYR D 70 22.41 42.95 -3.61
N SER D 71 23.13 41.94 -3.10
CA SER D 71 22.50 40.65 -2.86
C SER D 71 21.38 40.76 -1.83
N GLN D 72 21.57 41.60 -0.81
CA GLN D 72 20.52 41.77 0.19
C GLN D 72 19.27 42.40 -0.42
N GLN D 73 19.45 43.40 -1.28
CA GLN D 73 18.30 43.99 -1.97
C GLN D 73 17.61 42.97 -2.85
N VAL D 74 18.38 42.13 -3.53
CA VAL D 74 17.77 41.07 -4.32
C VAL D 74 16.94 40.14 -3.42
N GLN D 75 17.48 39.80 -2.24
CA GLN D 75 16.76 38.92 -1.33
C GLN D 75 15.45 39.55 -0.86
N LEU D 76 15.48 40.83 -0.52
CA LEU D 76 14.26 41.51 -0.06
C LEU D 76 13.23 41.57 -1.17
N ASP D 77 13.65 41.94 -2.38
CA ASP D 77 12.72 41.97 -3.51
C ASP D 77 12.17 40.59 -3.80
N LEU D 78 12.97 39.55 -3.60
CA LEU D 78 12.50 38.19 -3.82
C LEU D 78 11.48 37.77 -2.76
N ILE D 79 11.69 38.17 -1.51
CA ILE D 79 10.68 37.91 -0.48
C ILE D 79 9.36 38.59 -0.86
N TYR D 80 9.43 39.86 -1.24
CA TYR D 80 8.22 40.59 -1.62
C TYR D 80 7.52 39.94 -2.81
N ALA D 81 8.29 39.57 -3.84
CA ALA D 81 7.68 38.99 -5.04
C ALA D 81 7.10 37.62 -4.78
N TYR D 82 7.80 36.79 -4.00
CA TYR D 82 7.24 35.49 -3.65
C TYR D 82 5.96 35.63 -2.85
N TYR D 83 5.93 36.57 -1.90
CA TYR D 83 4.71 36.77 -1.13
C TYR D 83 3.56 37.19 -2.03
N LYS D 84 3.77 38.25 -2.82
CA LYS D 84 2.68 38.77 -3.63
C LYS D 84 2.34 37.88 -4.81
N ASN D 85 3.14 36.86 -5.09
CA ASN D 85 2.88 35.89 -6.14
C ASN D 85 2.25 34.61 -5.59
N ALA D 86 1.88 34.59 -4.32
CA ALA D 86 1.26 33.43 -3.67
C ALA D 86 2.21 32.25 -3.55
N ASP D 87 3.52 32.49 -3.58
CA ASP D 87 4.52 31.45 -3.35
C ASP D 87 4.93 31.44 -1.88
N LEU D 88 3.95 31.16 -1.02
CA LEU D 88 4.16 31.31 0.41
C LEU D 88 5.23 30.38 0.97
N PRO D 89 5.33 29.10 0.58
CA PRO D 89 6.44 28.28 1.10
C PRO D 89 7.81 28.84 0.76
N LEU D 90 8.00 29.28 -0.49
CA LEU D 90 9.27 29.88 -0.89
C LEU D 90 9.52 31.18 -0.13
N ALA D 91 8.49 31.98 0.07
CA ALA D 91 8.65 33.22 0.83
C ALA D 91 9.07 32.91 2.27
N GLN D 92 8.47 31.89 2.87
CA GLN D 92 8.84 31.52 4.23
C GLN D 92 10.29 31.04 4.30
N ALA D 93 10.70 30.21 3.33
CA ALA D 93 12.09 29.77 3.31
C ALA D 93 13.05 30.94 3.17
N ALA D 94 12.73 31.88 2.27
CA ALA D 94 13.58 33.05 2.10
C ALA D 94 13.65 33.88 3.37
N ILE D 95 12.50 34.05 4.04
CA ILE D 95 12.48 34.85 5.27
C ILE D 95 13.34 34.19 6.34
N ASP D 96 13.22 32.87 6.48
CA ASP D 96 14.01 32.17 7.49
C ASP D 96 15.50 32.29 7.20
N ARG D 97 15.90 32.09 5.94
CA ARG D 97 17.29 32.22 5.57
C ARG D 97 17.80 33.62 5.86
N PHE D 98 17.01 34.63 5.48
CA PHE D 98 17.42 36.01 5.69
C PHE D 98 17.61 36.32 7.17
N ILE D 99 16.66 35.88 7.99
CA ILE D 99 16.75 36.14 9.43
C ILE D 99 17.99 35.46 10.00
N ARG D 100 18.25 34.20 9.62
CA ARG D 100 19.42 33.50 10.14
C ARG D 100 20.70 34.21 9.74
N LEU D 101 20.82 34.63 8.48
CA LEU D 101 22.08 35.17 8.00
C LEU D 101 22.32 36.60 8.48
N ASN D 102 21.27 37.40 8.64
CA ASN D 102 21.41 38.83 8.96
C ASN D 102 20.55 39.19 10.15
N PRO D 103 20.95 38.78 11.36
CA PRO D 103 20.16 39.12 12.55
C PRO D 103 20.18 40.60 12.90
N THR D 104 21.14 41.37 12.40
CA THR D 104 21.31 42.77 12.76
C THR D 104 21.05 43.71 11.59
N HIS D 105 20.42 43.22 10.52
CA HIS D 105 20.12 44.06 9.37
C HIS D 105 19.15 45.15 9.82
N PRO D 106 19.42 46.43 9.55
CA PRO D 106 18.48 47.47 10.01
C PRO D 106 17.06 47.26 9.50
N ASN D 107 16.89 46.71 8.30
CA ASN D 107 15.57 46.39 7.78
C ASN D 107 15.16 44.95 8.13
N ILE D 108 15.18 44.62 9.42
CA ILE D 108 14.74 43.31 9.87
C ILE D 108 13.28 43.33 10.34
N ASP D 109 12.82 44.46 10.89
CA ASP D 109 11.42 44.58 11.24
C ASP D 109 10.52 44.37 10.04
N TYR D 110 10.96 44.84 8.86
CA TYR D 110 10.22 44.55 7.63
C TYR D 110 10.12 43.05 7.41
N VAL D 111 11.21 42.33 7.67
CA VAL D 111 11.21 40.88 7.43
C VAL D 111 10.26 40.19 8.40
N MET D 112 10.23 40.62 9.67
CA MET D 112 9.31 39.99 10.61
C MET D 112 7.86 40.31 10.26
N TYR D 113 7.58 41.55 9.83
CA TYR D 113 6.25 41.88 9.35
C TYR D 113 5.85 40.98 8.19
N MET D 114 6.78 40.76 7.25
CA MET D 114 6.50 39.88 6.12
C MET D 114 6.27 38.44 6.57
N ARG D 115 6.98 37.97 7.59
CA ARG D 115 6.75 36.64 8.13
C ARG D 115 5.34 36.51 8.71
N GLY D 116 4.91 37.51 9.49
CA GLY D 116 3.55 37.51 9.99
C GLY D 116 2.52 37.52 8.88
N LEU D 117 2.75 38.34 7.85
CA LEU D 117 1.83 38.39 6.71
C LEU D 117 1.76 37.04 6.00
N THR D 118 2.90 36.39 5.81
CA THR D 118 2.90 35.09 5.14
C THR D 118 2.15 34.06 5.95
N ASN D 119 2.29 34.07 7.27
CA ASN D 119 1.56 33.11 8.10
C ASN D 119 0.06 33.40 8.08
N MET D 120 -0.35 34.68 8.10
CA MET D 120 -1.76 35.00 7.95
C MET D 120 -2.30 34.52 6.61
N ALA D 121 -1.53 34.70 5.54
CA ALA D 121 -1.96 34.25 4.22
C ALA D 121 -2.12 32.74 4.17
N LEU D 122 -1.18 32.00 4.77
CA LEU D 122 -1.32 30.55 4.85
C LEU D 122 -2.55 30.18 5.66
N ASP D 123 -2.82 30.90 6.74
CA ASP D 123 -4.02 30.65 7.52
C ASP D 123 -5.27 30.81 6.65
N ASP D 124 -5.32 31.87 5.86
CA ASP D 124 -6.40 32.06 4.89
C ASP D 124 -7.76 31.99 5.56
N ARG D 135 -14.16 30.15 8.27
CA ARG D 135 -13.23 29.04 8.34
C ARG D 135 -12.50 28.99 9.66
N SER D 136 -13.18 29.42 10.74
CA SER D 136 -12.62 29.31 12.07
C SER D 136 -12.62 27.88 12.58
N ASP D 137 -13.29 26.95 11.89
CA ASP D 137 -13.32 25.56 12.29
C ASP D 137 -12.05 24.82 11.92
N ARG D 138 -11.21 25.39 11.05
CA ARG D 138 -10.07 24.69 10.50
C ARG D 138 -8.86 24.85 11.42
N ASP D 139 -7.69 24.43 10.92
CA ASP D 139 -6.48 24.37 11.73
C ASP D 139 -6.01 25.77 12.14
N PRO D 140 -5.86 26.04 13.44
CA PRO D 140 -5.40 27.38 13.87
C PRO D 140 -3.90 27.52 14.05
N GLN D 141 -3.08 26.56 13.60
CA GLN D 141 -1.65 26.64 13.86
C GLN D 141 -1.02 27.83 13.16
N HIS D 142 -1.45 28.14 11.94
CA HIS D 142 -0.92 29.30 11.24
C HIS D 142 -1.36 30.60 11.89
N ALA D 143 -2.57 30.64 12.44
CA ALA D 143 -2.98 31.81 13.21
C ALA D 143 -2.11 31.99 14.46
N ARG D 144 -1.79 30.88 15.14
CA ARG D 144 -0.89 30.98 16.30
C ARG D 144 0.49 31.46 15.89
N ALA D 145 1.02 30.95 14.78
CA ALA D 145 2.34 31.39 14.31
C ALA D 145 2.32 32.87 13.95
N ALA D 146 1.28 33.32 13.25
CA ALA D 146 1.18 34.73 12.91
C ALA D 146 1.08 35.59 14.16
N PHE D 147 0.31 35.14 15.16
CA PHE D 147 0.20 35.89 16.40
C PHE D 147 1.56 36.00 17.07
N SER D 148 2.32 34.91 17.10
CA SER D 148 3.65 34.95 17.70
C SER D 148 4.56 35.92 16.96
N ASP D 149 4.55 35.89 15.63
CA ASP D 149 5.43 36.76 14.85
C ASP D 149 5.07 38.23 15.04
N PHE D 150 3.79 38.56 14.97
CA PHE D 150 3.39 39.95 15.16
C PHE D 150 3.64 40.42 16.58
N SER D 151 3.48 39.53 17.57
CA SER D 151 3.79 39.90 18.94
C SER D 151 5.27 40.21 19.10
N LYS D 152 6.13 39.38 18.51
CA LYS D 152 7.56 39.66 18.57
C LYS D 152 7.89 41.00 17.91
N LEU D 153 7.30 41.26 16.74
CA LEU D 153 7.53 42.55 16.09
C LEU D 153 7.14 43.71 16.98
N VAL D 154 5.91 43.69 17.50
CA VAL D 154 5.40 44.85 18.24
C VAL D 154 6.14 45.01 19.57
N ARG D 155 6.53 43.90 20.20
CA ARG D 155 7.24 43.98 21.47
C ARG D 155 8.70 44.39 21.29
N GLY D 156 9.30 44.08 20.15
CA GLY D 156 10.68 44.47 19.92
C GLY D 156 10.82 45.90 19.43
N TYR D 157 10.09 46.25 18.38
CA TYR D 157 10.19 47.56 17.74
C TYR D 157 8.84 48.25 17.76
N PRO D 158 8.52 48.98 18.82
CA PRO D 158 7.26 49.74 18.86
C PRO D 158 7.30 51.03 18.06
N ASN D 159 8.47 51.45 17.58
CA ASN D 159 8.61 52.66 16.78
C ASN D 159 8.68 52.38 15.29
N SER D 160 8.47 51.13 14.87
CA SER D 160 8.44 50.82 13.45
C SER D 160 7.14 51.30 12.84
N GLN D 161 7.10 51.32 11.51
CA GLN D 161 5.92 51.80 10.79
C GLN D 161 4.90 50.72 10.52
N TYR D 162 5.20 49.46 10.84
CA TYR D 162 4.26 48.36 10.65
C TYR D 162 3.57 47.94 11.95
N THR D 163 3.79 48.70 13.03
CA THR D 163 3.29 48.28 14.34
C THR D 163 1.77 48.38 14.44
N THR D 164 1.17 49.41 13.83
CA THR D 164 -0.28 49.53 13.88
C THR D 164 -0.97 48.40 13.12
N ASP D 165 -0.49 48.10 11.91
CA ASP D 165 -1.03 46.97 11.18
C ASP D 165 -0.82 45.68 11.95
N ALA D 166 0.34 45.54 12.60
CA ALA D 166 0.59 44.37 13.42
C ALA D 166 -0.45 44.23 14.53
N THR D 167 -0.76 45.33 15.21
CA THR D 167 -1.72 45.26 16.31
C THR D 167 -3.12 44.94 15.81
N LYS D 168 -3.56 45.55 14.70
CA LYS D 168 -4.87 45.21 14.17
C LYS D 168 -4.95 43.73 13.81
N ARG D 169 -3.91 43.20 13.17
CA ARG D 169 -3.87 41.78 12.86
C ARG D 169 -3.84 40.91 14.12
N LEU D 170 -3.18 41.37 15.18
CA LEU D 170 -3.20 40.62 16.43
C LEU D 170 -4.61 40.53 17.00
N VAL D 171 -5.35 41.64 16.99
CA VAL D 171 -6.72 41.60 17.47
C VAL D 171 -7.54 40.60 16.66
N PHE D 172 -7.43 40.66 15.33
CA PHE D 172 -8.18 39.72 14.51
C PHE D 172 -7.81 38.28 14.84
N LEU D 173 -6.52 37.99 14.98
CA LEU D 173 -6.09 36.61 15.21
C LEU D 173 -6.54 36.09 16.57
N LYS D 174 -6.49 36.94 17.60
CA LYS D 174 -6.97 36.51 18.92
C LYS D 174 -8.45 36.16 18.86
N ASP D 175 -9.25 36.99 18.17
CA ASP D 175 -10.66 36.66 18.02
C ASP D 175 -10.85 35.35 17.26
N ARG D 176 -10.04 35.11 16.22
CA ARG D 176 -10.17 33.87 15.45
C ARG D 176 -9.89 32.64 16.32
N LEU D 177 -8.85 32.70 17.15
CA LEU D 177 -8.53 31.55 18.00
C LEU D 177 -9.62 31.31 19.04
N ALA D 178 -10.15 32.39 19.64
CA ALA D 178 -11.29 32.23 20.54
C ALA D 178 -12.46 31.57 19.84
N LYS D 179 -12.73 31.95 18.59
CA LYS D 179 -13.80 31.31 17.83
C LYS D 179 -13.56 29.83 17.60
N TYR D 180 -12.32 29.41 17.36
CA TYR D 180 -12.06 27.97 17.23
C TYR D 180 -12.39 27.23 18.53
N GLU D 181 -11.96 27.77 19.67
CA GLU D 181 -12.29 27.11 20.93
C GLU D 181 -13.80 27.04 21.14
N TYR D 182 -14.51 28.12 20.81
CA TYR D 182 -15.96 28.13 20.91
C TYR D 182 -16.59 27.05 20.04
N SER D 183 -16.08 26.84 18.82
CA SER D 183 -16.63 25.80 17.97
C SER D 183 -16.45 24.42 18.59
N VAL D 184 -15.29 24.16 19.19
CA VAL D 184 -15.10 22.85 19.82
C VAL D 184 -16.06 22.65 20.99
N ALA D 185 -16.19 23.66 21.85
CA ALA D 185 -17.12 23.53 22.97
C ALA D 185 -18.55 23.35 22.49
N GLU D 186 -18.93 24.03 21.41
CA GLU D 186 -20.26 23.90 20.84
C GLU D 186 -20.50 22.50 20.28
N TYR D 187 -19.49 21.87 19.67
CA TYR D 187 -19.66 20.49 19.24
C TYR D 187 -19.87 19.57 20.43
N TYR D 188 -19.06 19.71 21.47
CA TYR D 188 -19.22 18.82 22.62
C TYR D 188 -20.54 19.04 23.34
N THR D 189 -21.11 20.24 23.25
CA THR D 189 -22.43 20.47 23.84
C THR D 189 -23.48 19.56 23.20
N GLU D 190 -23.47 19.42 21.87
CA GLU D 190 -24.43 18.53 21.24
C GLU D 190 -24.04 17.07 21.38
N ARG D 191 -22.74 16.78 21.46
CA ARG D 191 -22.33 15.39 21.73
C ARG D 191 -22.85 14.93 23.08
N GLY D 192 -22.91 15.83 24.06
CA GLY D 192 -23.35 15.48 25.39
C GLY D 192 -22.24 15.31 26.39
N ALA D 193 -21.01 15.68 26.03
CA ALA D 193 -19.87 15.60 26.94
C ALA D 193 -19.84 16.87 27.77
N TRP D 194 -20.27 16.78 29.02
CA TRP D 194 -20.44 17.96 29.87
C TRP D 194 -19.19 18.35 30.64
N VAL D 195 -18.18 17.49 30.70
CA VAL D 195 -16.92 17.87 31.33
C VAL D 195 -16.01 18.55 30.32
N ALA D 196 -15.98 18.06 29.08
CA ALA D 196 -15.22 18.72 28.04
C ALA D 196 -15.72 20.13 27.77
N VAL D 197 -17.02 20.36 27.79
CA VAL D 197 -17.57 21.69 27.58
C VAL D 197 -17.08 22.66 28.65
N VAL D 198 -17.18 22.28 29.92
CA VAL D 198 -16.79 23.22 30.97
C VAL D 198 -15.28 23.42 30.96
N ASN D 199 -14.51 22.37 30.69
CA ASN D 199 -13.06 22.55 30.64
C ASN D 199 -12.65 23.47 29.51
N ARG D 200 -13.28 23.35 28.33
CA ARG D 200 -12.93 24.22 27.22
C ARG D 200 -13.39 25.66 27.45
N VAL D 201 -14.57 25.86 28.04
CA VAL D 201 -14.98 27.23 28.32
C VAL D 201 -14.12 27.86 29.39
N GLU D 202 -13.64 27.08 30.35
CA GLU D 202 -12.70 27.60 31.33
C GLU D 202 -11.38 27.96 30.69
N GLY D 203 -10.89 27.13 29.78
CA GLY D 203 -9.70 27.48 29.03
C GLY D 203 -9.87 28.76 28.23
N MET D 204 -11.05 28.97 27.68
CA MET D 204 -11.34 30.23 27.00
C MET D 204 -11.30 31.40 27.98
N LEU D 205 -12.01 31.28 29.11
CA LEU D 205 -12.01 32.36 30.09
C LEU D 205 -10.61 32.65 30.60
N ARG D 206 -9.70 31.69 30.50
CA ARG D 206 -8.33 31.89 30.96
C ARG D 206 -7.42 32.51 29.89
N ASP D 207 -7.51 32.02 28.66
CA ASP D 207 -6.60 32.47 27.60
C ASP D 207 -7.10 33.71 26.88
N TYR D 208 -8.40 33.77 26.60
CA TYR D 208 -9.00 34.80 25.74
C TYR D 208 -10.14 35.46 26.52
N PRO D 209 -9.84 36.11 27.64
CA PRO D 209 -10.92 36.58 28.52
C PRO D 209 -11.72 37.74 27.98
N ASP D 210 -11.27 38.41 26.92
CA ASP D 210 -11.85 39.67 26.47
C ASP D 210 -12.22 39.61 25.00
N THR D 211 -12.91 38.55 24.59
CA THR D 211 -13.37 38.40 23.22
C THR D 211 -14.87 38.10 23.23
N GLN D 212 -15.50 38.21 22.06
CA GLN D 212 -16.92 37.93 21.97
C GLN D 212 -17.22 36.45 22.07
N ALA D 213 -16.29 35.59 21.67
CA ALA D 213 -16.52 34.16 21.75
C ALA D 213 -16.68 33.71 23.20
N THR D 214 -15.92 34.29 24.11
CA THR D 214 -16.05 33.94 25.53
C THR D 214 -17.44 34.32 26.06
N ARG D 215 -17.93 35.50 25.68
CA ARG D 215 -19.27 35.90 26.09
C ARG D 215 -20.32 34.98 25.51
N ASP D 216 -20.13 34.55 24.26
CA ASP D 216 -21.07 33.61 23.67
C ASP D 216 -20.99 32.23 24.30
N ALA D 217 -19.84 31.85 24.84
CA ALA D 217 -19.62 30.52 25.39
C ALA D 217 -20.03 30.38 26.84
N LEU D 218 -20.09 31.47 27.60
CA LEU D 218 -20.49 31.35 29.00
C LEU D 218 -21.80 30.57 29.20
N PRO D 219 -22.86 30.83 28.42
CA PRO D 219 -24.07 30.00 28.56
C PRO D 219 -23.84 28.52 28.34
N LEU D 220 -22.88 28.13 27.49
CA LEU D 220 -22.57 26.71 27.32
C LEU D 220 -22.04 26.13 28.62
N MET D 221 -21.16 26.86 29.31
CA MET D 221 -20.66 26.41 30.61
C MET D 221 -21.79 26.28 31.62
N GLU D 222 -22.69 27.25 31.66
CA GLU D 222 -23.81 27.17 32.58
C GLU D 222 -24.69 25.96 32.29
N ASN D 223 -24.95 25.69 31.01
CA ASN D 223 -25.77 24.54 30.66
C ASN D 223 -25.09 23.23 31.07
N ALA D 224 -23.78 23.12 30.83
CA ALA D 224 -23.08 21.89 31.23
C ALA D 224 -23.15 21.68 32.73
N TYR D 225 -22.87 22.74 33.51
CA TYR D 225 -22.97 22.63 34.96
C TYR D 225 -24.37 22.21 35.39
N ARG D 226 -25.40 22.76 34.77
CA ARG D 226 -26.77 22.40 35.16
C ARG D 226 -27.09 20.95 34.78
N GLN D 227 -26.59 20.49 33.63
CA GLN D 227 -26.87 19.12 33.21
C GLN D 227 -26.18 18.10 34.11
N MET D 228 -25.00 18.44 34.63
CA MET D 228 -24.35 17.60 35.62
C MET D 228 -24.85 17.87 37.04
N GLN D 229 -25.88 18.69 37.18
CA GLN D 229 -26.52 18.97 38.48
C GLN D 229 -25.56 19.62 39.47
N MET D 230 -24.64 20.45 38.98
CA MET D 230 -23.83 21.31 39.85
C MET D 230 -24.42 22.72 39.84
N ASN D 231 -25.57 22.83 40.51
CA ASN D 231 -26.30 24.09 40.54
C ASN D 231 -25.52 25.20 41.22
N ALA D 232 -24.68 24.85 42.20
CA ALA D 232 -23.89 25.88 42.87
C ALA D 232 -22.97 26.59 41.89
N GLN D 233 -22.35 25.83 40.97
CA GLN D 233 -21.49 26.44 39.96
C GLN D 233 -22.29 27.12 38.86
N ALA D 234 -23.43 26.51 38.48
CA ALA D 234 -24.27 27.15 37.48
C ALA D 234 -24.71 28.53 37.95
N GLU D 235 -24.96 28.69 39.25
CA GLU D 235 -25.37 30.00 39.76
C GLU D 235 -24.26 31.03 39.62
N LYS D 236 -23.00 30.64 39.86
CA LYS D 236 -21.89 31.56 39.67
C LYS D 236 -21.74 31.97 38.22
N VAL D 237 -21.87 31.01 37.30
CA VAL D 237 -21.76 31.36 35.89
C VAL D 237 -22.89 32.29 35.48
N ALA D 238 -24.11 32.03 35.98
CA ALA D 238 -25.22 32.92 35.70
C ALA D 238 -24.99 34.31 36.27
N LYS D 239 -24.37 34.40 37.45
CA LYS D 239 -24.04 35.70 38.01
C LYS D 239 -23.09 36.47 37.09
N ILE D 240 -22.07 35.79 36.57
CA ILE D 240 -21.15 36.44 35.65
C ILE D 240 -21.90 36.93 34.42
N ILE D 241 -22.73 36.07 33.84
CA ILE D 241 -23.45 36.44 32.63
C ILE D 241 -24.33 37.66 32.89
N ALA D 242 -25.07 37.64 33.99
CA ALA D 242 -25.97 38.76 34.29
C ALA D 242 -25.19 40.04 34.55
N ALA D 243 -24.09 39.96 35.30
CA ALA D 243 -23.30 41.15 35.59
C ALA D 243 -22.65 41.74 34.34
N ASN D 244 -22.34 40.92 33.34
CA ASN D 244 -21.73 41.42 32.12
C ASN D 244 -22.76 41.92 31.11
N SER D 245 -23.75 41.11 30.77
CA SER D 245 -24.76 41.51 29.79
C SER D 245 -25.71 42.53 30.39
N TYR E 31 -27.39 2.33 18.44
CA TYR E 31 -27.24 3.47 17.56
C TYR E 31 -25.90 4.17 17.81
N ARG E 32 -25.74 4.72 19.01
CA ARG E 32 -24.62 5.57 19.38
C ARG E 32 -23.64 4.83 20.27
N PRO E 33 -22.42 5.36 20.43
CA PRO E 33 -21.46 4.75 21.36
C PRO E 33 -21.73 5.15 22.81
N ASP E 34 -20.85 4.75 23.71
CA ASP E 34 -21.00 5.03 25.13
C ASP E 34 -20.19 6.25 25.53
N ILE E 35 -20.78 7.13 26.32
CA ILE E 35 -20.20 8.42 26.67
C ILE E 35 -19.73 8.34 28.12
N ASN E 36 -18.44 8.53 28.34
CA ASN E 36 -17.82 8.50 29.66
C ASN E 36 -17.28 9.88 29.98
N GLN E 37 -17.36 10.28 31.25
CA GLN E 37 -16.90 11.61 31.64
C GLN E 37 -16.39 11.59 33.08
N GLY E 38 -15.26 12.27 33.28
CA GLY E 38 -14.75 12.52 34.61
C GLY E 38 -13.73 11.51 35.07
N ASN E 39 -13.60 11.41 36.39
CA ASN E 39 -12.68 10.48 37.02
C ASN E 39 -13.37 9.14 37.28
N TYR E 40 -12.58 8.08 37.27
CA TYR E 40 -13.08 6.74 37.56
C TYR E 40 -12.96 6.48 39.05
N LEU E 41 -14.09 6.42 39.74
CA LEU E 41 -14.14 6.18 41.17
C LEU E 41 -14.50 4.72 41.41
N THR E 42 -13.64 4.03 42.18
CA THR E 42 -13.75 2.58 42.33
C THR E 42 -14.65 2.15 43.47
N ALA E 43 -15.09 3.07 44.32
CA ALA E 43 -15.88 2.82 45.52
C ALA E 43 -15.01 2.28 46.66
N ASN E 44 -13.74 2.00 46.40
CA ASN E 44 -12.76 1.71 47.44
C ASN E 44 -11.89 2.90 47.77
N ASP E 45 -11.55 3.70 46.75
CA ASP E 45 -10.76 4.90 46.96
C ASP E 45 -11.55 5.97 47.69
N VAL E 46 -12.85 6.06 47.41
CA VAL E 46 -13.68 7.09 48.03
C VAL E 46 -13.79 6.87 49.52
N SER E 47 -13.69 5.62 49.98
CA SER E 47 -13.69 5.31 51.40
C SER E 47 -12.33 5.51 52.04
N LYS E 48 -11.30 5.80 51.25
CA LYS E 48 -9.95 5.98 51.75
C LYS E 48 -9.63 7.43 52.11
N ILE E 49 -10.51 8.37 51.81
CA ILE E 49 -10.27 9.78 52.06
C ILE E 49 -11.01 10.18 53.33
N ARG E 50 -10.32 10.89 54.22
CA ARG E 50 -10.87 11.32 55.49
C ARG E 50 -10.55 12.78 55.71
N VAL E 51 -11.41 13.46 56.48
CA VAL E 51 -11.19 14.88 56.76
C VAL E 51 -9.84 15.06 57.42
N GLY E 52 -9.13 16.10 57.03
CA GLY E 52 -7.79 16.38 57.53
C GLY E 52 -6.68 15.99 56.59
N MET E 53 -6.98 15.46 55.42
CA MET E 53 -5.96 15.10 54.45
C MET E 53 -5.58 16.29 53.59
N THR E 54 -4.34 16.29 53.12
CA THR E 54 -3.87 17.35 52.25
C THR E 54 -4.17 17.02 50.79
N GLN E 55 -4.00 18.04 49.94
CA GLN E 55 -4.26 17.85 48.52
C GLN E 55 -3.36 16.78 47.92
N GLN E 56 -2.11 16.70 48.36
CA GLN E 56 -1.21 15.68 47.84
C GLN E 56 -1.72 14.28 48.17
N GLN E 57 -2.13 14.06 49.42
CA GLN E 57 -2.64 12.75 49.81
C GLN E 57 -3.91 12.40 49.06
N VAL E 58 -4.82 13.38 48.92
CA VAL E 58 -6.07 13.11 48.20
C VAL E 58 -5.80 12.77 46.74
N ALA E 59 -4.87 13.51 46.10
CA ALA E 59 -4.54 13.24 44.72
C ALA E 59 -3.89 11.87 44.56
N TYR E 60 -3.04 11.49 45.53
CA TYR E 60 -2.44 10.17 45.48
C TYR E 60 -3.49 9.08 45.60
N ALA E 61 -4.47 9.27 46.49
CA ALA E 61 -5.49 8.25 46.72
C ALA E 61 -6.41 8.12 45.50
N LEU E 62 -6.90 9.25 44.98
CA LEU E 62 -7.89 9.26 43.91
C LEU E 62 -7.31 9.63 42.55
N GLY E 63 -6.60 10.75 42.46
CA GLY E 63 -6.06 11.25 41.22
C GLY E 63 -6.36 12.71 41.03
N THR E 64 -5.78 13.28 39.98
CA THR E 64 -5.98 14.68 39.68
C THR E 64 -7.38 14.89 39.15
N PRO E 65 -8.19 15.77 39.75
CA PRO E 65 -9.56 15.94 39.25
C PRO E 65 -9.59 16.59 37.89
N LEU E 66 -10.62 16.25 37.12
CA LEU E 66 -10.87 16.90 35.84
C LEU E 66 -11.60 18.22 35.99
N MET E 67 -11.98 18.60 37.22
CA MET E 67 -12.69 19.85 37.43
C MET E 67 -12.39 20.38 38.83
N SER E 68 -12.10 21.67 38.87
CA SER E 68 -11.97 22.42 40.12
C SER E 68 -12.91 23.61 40.04
N ASP E 69 -12.82 24.50 41.01
CA ASP E 69 -13.62 25.72 41.02
C ASP E 69 -12.75 26.90 40.64
N PRO E 70 -12.90 27.47 39.44
CA PRO E 70 -12.05 28.61 39.05
C PRO E 70 -12.50 29.94 39.62
N PHE E 71 -13.73 30.04 40.14
CA PHE E 71 -14.26 31.30 40.65
C PHE E 71 -13.90 31.47 42.13
N GLY E 72 -12.59 31.54 42.38
CA GLY E 72 -12.08 31.87 43.69
C GLY E 72 -11.81 30.69 44.62
N THR E 73 -12.86 30.10 45.17
CA THR E 73 -12.67 29.06 46.18
C THR E 73 -12.04 27.82 45.56
N ASN E 74 -11.36 27.04 46.40
CA ASN E 74 -10.73 25.79 45.97
C ASN E 74 -11.63 24.63 46.35
N THR E 75 -12.12 23.92 45.34
CA THR E 75 -13.04 22.81 45.51
C THR E 75 -12.81 21.84 44.37
N TRP E 76 -12.65 20.56 44.68
CA TRP E 76 -12.37 19.54 43.69
C TRP E 76 -13.64 18.74 43.41
N PHE E 77 -13.98 18.60 42.14
CA PHE E 77 -15.19 17.89 41.73
C PHE E 77 -14.76 16.60 41.04
N TYR E 78 -15.04 15.47 41.70
CA TYR E 78 -14.81 14.15 41.12
C TYR E 78 -16.17 13.65 40.62
N VAL E 79 -16.38 13.76 39.32
CA VAL E 79 -17.62 13.35 38.67
C VAL E 79 -17.32 12.08 37.91
N PHE E 80 -18.18 11.08 38.06
CA PHE E 80 -18.02 9.77 37.43
C PHE E 80 -19.32 9.53 36.68
N ARG E 81 -19.36 9.89 35.40
CA ARG E 81 -20.57 9.85 34.60
C ARG E 81 -20.38 8.85 33.48
N GLN E 82 -21.34 7.96 33.31
CA GLN E 82 -21.27 7.00 32.22
C GLN E 82 -22.66 6.76 31.66
N GLN E 83 -22.71 6.65 30.32
CA GLN E 83 -23.97 6.48 29.61
C GLN E 83 -23.71 5.52 28.46
N PRO E 84 -23.97 4.22 28.66
CA PRO E 84 -23.73 3.26 27.58
C PRO E 84 -24.75 3.36 26.46
N GLY E 85 -24.65 2.50 25.45
CA GLY E 85 -25.49 2.61 24.27
C GLY E 85 -26.97 2.47 24.58
N HIS E 86 -27.68 3.60 24.55
CA HIS E 86 -29.12 3.64 24.82
C HIS E 86 -29.50 2.72 25.97
N GLU E 87 -28.95 3.03 27.14
CA GLU E 87 -29.29 2.33 28.37
C GLU E 87 -29.56 3.25 29.55
N GLY E 88 -29.22 4.53 29.46
CA GLY E 88 -29.47 5.46 30.55
C GLY E 88 -28.20 6.06 31.12
N VAL E 89 -28.31 7.20 31.80
CA VAL E 89 -27.17 7.93 32.33
C VAL E 89 -27.07 7.64 33.82
N THR E 90 -25.86 7.37 34.28
CA THR E 90 -25.59 7.22 35.70
C THR E 90 -24.39 8.08 36.08
N GLN E 91 -24.54 8.88 37.13
CA GLN E 91 -23.48 9.76 37.58
C GLN E 91 -23.32 9.65 39.09
N GLN E 92 -22.06 9.69 39.54
CA GLN E 92 -21.73 9.83 40.94
C GLN E 92 -20.89 11.10 41.11
N THR E 93 -21.17 11.85 42.18
CA THR E 93 -20.48 13.11 42.42
C THR E 93 -19.79 13.06 43.78
N LEU E 94 -18.56 13.57 43.83
CA LEU E 94 -17.80 13.67 45.07
C LEU E 94 -17.16 15.05 45.11
N THR E 95 -17.62 15.89 46.04
CA THR E 95 -17.14 17.26 46.16
C THR E 95 -16.25 17.36 47.39
N LEU E 96 -15.00 17.76 47.19
CA LEU E 96 -14.02 17.91 48.26
C LEU E 96 -13.71 19.38 48.45
N THR E 97 -13.97 19.90 49.64
CA THR E 97 -13.77 21.30 49.97
C THR E 97 -12.58 21.42 50.91
N PHE E 98 -11.53 22.08 50.43
CA PHE E 98 -10.31 22.29 51.19
C PHE E 98 -10.36 23.66 51.86
N ASN E 99 -9.27 24.04 52.51
CA ASN E 99 -9.12 25.36 53.11
C ASN E 99 -7.95 26.09 52.47
N SER E 100 -7.67 27.30 52.97
CA SER E 100 -6.64 28.13 52.37
C SER E 100 -5.27 27.46 52.39
N SER E 101 -5.02 26.54 53.32
CA SER E 101 -3.75 25.85 53.44
C SER E 101 -3.77 24.48 52.78
N GLY E 102 -4.79 24.18 51.99
CA GLY E 102 -4.85 22.92 51.27
C GLY E 102 -5.01 21.72 52.17
N VAL E 103 -5.88 21.81 53.16
CA VAL E 103 -6.20 20.71 54.08
C VAL E 103 -7.69 20.43 53.96
N LEU E 104 -8.03 19.17 53.69
CA LEU E 104 -9.43 18.83 53.44
C LEU E 104 -10.30 19.20 54.62
N THR E 105 -11.45 19.82 54.32
CA THR E 105 -12.34 20.33 55.36
C THR E 105 -13.72 19.70 55.27
N ASN E 106 -14.19 19.42 54.05
CA ASN E 106 -15.53 18.85 53.90
C ASN E 106 -15.56 17.86 52.75
N ILE E 107 -16.32 16.79 52.93
CA ILE E 107 -16.53 15.76 51.91
C ILE E 107 -18.03 15.61 51.68
N ASP E 108 -18.44 15.66 50.42
CA ASP E 108 -19.83 15.47 50.06
C ASP E 108 -19.94 14.41 48.98
N ASN E 109 -20.83 13.44 49.18
CA ASN E 109 -20.99 12.31 48.28
C ASN E 109 -22.43 12.22 47.80
N LYS E 110 -22.62 12.14 46.49
CA LYS E 110 -23.92 11.91 45.87
C LYS E 110 -23.80 10.62 45.06
N PRO E 111 -24.26 9.49 45.59
CA PRO E 111 -24.11 8.23 44.86
C PRO E 111 -24.89 8.17 43.56
N ALA E 112 -26.05 8.83 43.48
CA ALA E 112 -26.85 8.83 42.26
C ALA E 112 -27.50 10.19 42.10
N LEU E 113 -27.73 10.58 40.85
CA LEU E 113 -28.26 11.90 40.53
C LEU E 113 -29.78 11.83 40.47
N SER E 114 -30.43 12.72 41.21
CA SER E 114 -31.88 12.73 41.29
C SER E 114 -32.51 12.98 39.92
N TRP F 1 -14.69 -2.79 -17.03
CA TRP F 1 -13.38 -2.10 -16.83
C TRP F 1 -13.45 -1.03 -15.73
N ASN F 2 -13.85 0.18 -16.09
CA ASN F 2 -13.96 1.29 -15.13
C ASN F 2 -12.62 1.91 -14.76
C UX8 F 3 -11.61 4.95 -14.09
CA UX8 F 3 -11.16 3.87 -15.07
CG UX8 F 3 -9.35 5.37 -15.90
CE2 UX8 F 3 -8.07 7.09 -15.26
CB UX8 F 3 -10.55 4.51 -16.31
CD1 UX8 F 3 -8.05 4.94 -15.76
CD2 UX8 F 3 -9.35 6.76 -15.57
CE3 UX8 F 3 -10.37 7.76 -15.51
CZ3 UX8 F 3 -10.04 9.06 -15.14
CH2 UX8 F 3 -8.74 9.39 -14.81
CZ2 UX8 F 3 -7.75 8.42 -14.88
N UX8 F 3 -12.31 3.04 -15.40
NE1 UX8 F 3 -7.31 5.98 -15.39
O UX8 F 3 -12.89 5.45 -14.32
O9 UX8 F 3 -10.17 3.52 -17.22
HA UX8 F 3 -10.41 3.25 -14.58
HB2 UX8 F 3 -11.31 5.15 -16.79
HD1 UX8 F 3 -7.68 3.95 -15.93
HE3 UX8 F 3 -11.38 7.51 -15.76
HZ3 UX8 F 3 -10.81 9.82 -15.11
HZ2 UX8 F 3 -6.72 8.67 -14.63
H UX8 F 3 -12.82 3.44 -16.16
HE1 UX8 F 3 -6.32 5.94 -15.21
N THR F 4 -10.80 5.35 -13.11
CA THR F 4 -11.18 6.39 -12.17
C THR F 4 -9.99 7.29 -11.86
N LYS F 5 -10.15 8.59 -12.12
CA LYS F 5 -9.05 9.53 -12.04
C LYS F 5 -9.45 10.73 -11.21
N ARG F 6 -8.62 11.06 -10.22
CA ARG F 6 -8.99 12.10 -9.26
C ARG F 6 -8.59 13.49 -9.77
N TRP F 7 -9.55 14.41 -9.68
CA TRP F 7 -9.32 15.79 -10.05
C TRP F 7 -9.23 16.66 -8.80
#